data_8TCX
#
_entry.id   8TCX
#
_cell.length_a   110.370
_cell.length_b   179.400
_cell.length_c   88.259
_cell.angle_alpha   90.00
_cell.angle_beta   106.93
_cell.angle_gamma   90.00
#
_symmetry.space_group_name_H-M   'C 1 2 1'
#
loop_
_entity.id
_entity.type
_entity.pdbx_description
1 polymer 'Pyrroline-5-carboxylate reductase 1, mitochondrial'
2 non-polymer '2,4-dioxo-1,2,3,4-tetrahydroquinazoline-6-carboxylic acid'
3 non-polymer 'SULFATE ION'
4 water water
#
_entity_poly.entity_id   1
_entity_poly.type   'polypeptide(L)'
_entity_poly.pdbx_seq_one_letter_code
;MHHHHHHSSGVDLGTENLYFQSMSVGFIGAGQLAFALAKGFTAAGVLAAHKIMASSPDMDLATVSALRKMGVKLTPHNKE
TVQHSDVLFLAVKPHIIPFILDEIGADIEDRHIVVSCAAGVTISSIEKKLSAFRPAPRVIRCMTNTPVVVREGATVYATG
THAQVEDGRLMEQLLSSVGFCTEVEEDLIDAVTGLSGSGPAYAFTALDALADGGVKMGLPRRLAVRLGAQALLGAAKMLL
HSEQHPGQLKDNVSSPGGATIHALHVLESGGFRSLLINAVEASCIRTRELQSMADQEQVSPAAIKKTILDKVKLDS
;
_entity_poly.pdbx_strand_id   A,B,C,D,E
#
# COMPACT_ATOMS: atom_id res chain seq x y z
N GLU A 16 -21.21 28.35 -1.87
CA GLU A 16 -21.68 29.73 -1.85
C GLU A 16 -23.11 29.82 -2.36
N ASN A 17 -23.28 29.60 -3.67
CA ASN A 17 -24.62 29.52 -4.23
C ASN A 17 -25.33 28.24 -3.79
N LEU A 18 -24.56 27.18 -3.51
CA LEU A 18 -25.15 25.94 -3.02
C LEU A 18 -25.58 26.06 -1.56
N TYR A 19 -24.76 26.72 -0.71
CA TYR A 19 -25.19 26.95 0.66
C TYR A 19 -26.51 27.70 0.71
N PHE A 20 -26.68 28.73 -0.14
CA PHE A 20 -27.94 29.47 -0.18
C PHE A 20 -29.09 28.65 -0.74
N GLN A 21 -28.81 27.50 -1.38
CA GLN A 21 -29.89 26.62 -1.80
C GLN A 21 -30.56 25.94 -0.60
N SER A 22 -29.87 25.87 0.55
CA SER A 22 -30.44 25.27 1.76
C SER A 22 -30.88 23.82 1.51
N MET A 23 -29.96 23.06 0.92
CA MET A 23 -30.25 21.67 0.58
C MET A 23 -30.27 20.81 1.83
N SER A 24 -31.17 19.82 1.84
CA SER A 24 -31.18 18.76 2.83
C SER A 24 -30.54 17.52 2.20
N VAL A 25 -29.60 16.91 2.92
CA VAL A 25 -28.87 15.76 2.37
C VAL A 25 -29.08 14.56 3.29
N GLY A 26 -29.25 13.40 2.68
CA GLY A 26 -29.39 12.17 3.43
C GLY A 26 -28.38 11.14 2.98
N PHE A 27 -27.94 10.34 3.95
CA PHE A 27 -27.10 9.18 3.70
C PHE A 27 -27.81 7.94 4.24
N ILE A 28 -28.06 6.98 3.38
CA ILE A 28 -28.44 5.64 3.80
C ILE A 28 -27.14 4.85 3.87
N GLY A 29 -26.74 4.50 5.09
CA GLY A 29 -25.40 4.03 5.34
C GLY A 29 -24.67 5.10 6.12
N ALA A 30 -23.97 4.70 7.16
CA ALA A 30 -23.31 5.66 8.05
C ALA A 30 -21.89 5.19 8.36
N GLY A 31 -21.24 4.61 7.35
CA GLY A 31 -19.87 4.13 7.49
C GLY A 31 -18.86 5.17 7.09
N GLN A 32 -17.68 4.69 6.69
CA GLN A 32 -16.52 5.55 6.48
C GLN A 32 -16.78 6.56 5.36
N LEU A 33 -17.43 6.14 4.29
CA LEU A 33 -17.62 7.03 3.15
C LEU A 33 -18.65 8.11 3.45
N ALA A 34 -19.75 7.73 4.12
CA ALA A 34 -20.73 8.72 4.56
C ALA A 34 -20.10 9.73 5.51
N PHE A 35 -19.31 9.25 6.46
CA PHE A 35 -18.63 10.18 7.37
C PHE A 35 -17.68 11.09 6.62
N ALA A 36 -16.90 10.52 5.68
CA ALA A 36 -15.94 11.33 4.94
C ALA A 36 -16.64 12.44 4.14
N LEU A 37 -17.72 12.10 3.44
CA LEU A 37 -18.44 13.11 2.66
C LEU A 37 -19.10 14.15 3.57
N ALA A 38 -19.76 13.71 4.64
CA ALA A 38 -20.37 14.67 5.56
C ALA A 38 -19.33 15.63 6.11
N LYS A 39 -18.20 15.10 6.56
CA LYS A 39 -17.11 15.94 7.05
C LYS A 39 -16.63 16.89 5.96
N GLY A 40 -16.46 16.38 4.74
CA GLY A 40 -16.02 17.25 3.65
C GLY A 40 -17.01 18.35 3.34
N PHE A 41 -18.30 18.00 3.22
CA PHE A 41 -19.30 19.00 2.87
C PHE A 41 -19.41 20.09 3.94
N THR A 42 -19.32 19.71 5.21
CA THR A 42 -19.45 20.70 6.26
C THR A 42 -18.20 21.56 6.34
N ALA A 43 -17.02 20.95 6.17
CA ALA A 43 -15.79 21.73 6.12
C ALA A 43 -15.78 22.68 4.93
N ALA A 44 -16.40 22.28 3.82
CA ALA A 44 -16.52 23.18 2.68
C ALA A 44 -17.47 24.33 2.94
N GLY A 45 -18.35 24.20 3.96
CA GLY A 45 -19.39 25.18 4.17
C GLY A 45 -20.55 25.10 3.21
N VAL A 46 -20.64 24.04 2.41
CA VAL A 46 -21.77 23.97 1.49
C VAL A 46 -23.03 23.45 2.17
N LEU A 47 -22.89 22.72 3.28
CA LEU A 47 -24.01 22.17 4.02
C LEU A 47 -23.80 22.41 5.50
N ALA A 48 -24.86 22.78 6.20
CA ALA A 48 -24.82 22.73 7.65
C ALA A 48 -24.90 21.27 8.09
N ALA A 49 -24.15 20.91 9.13
CA ALA A 49 -24.17 19.54 9.61
C ALA A 49 -25.59 19.10 9.98
N HIS A 50 -26.37 19.97 10.61
CA HIS A 50 -27.71 19.57 11.02
C HIS A 50 -28.70 19.50 9.84
N LYS A 51 -28.28 19.85 8.64
CA LYS A 51 -29.09 19.63 7.45
C LYS A 51 -28.78 18.29 6.80
N ILE A 52 -27.87 17.51 7.37
CA ILE A 52 -27.56 16.15 6.94
C ILE A 52 -28.21 15.18 7.90
N MET A 53 -28.84 14.13 7.38
CA MET A 53 -29.35 13.03 8.19
C MET A 53 -28.76 11.72 7.68
N ALA A 54 -28.37 10.84 8.61
CA ALA A 54 -27.83 9.54 8.23
C ALA A 54 -28.57 8.44 8.99
N SER A 55 -28.72 7.29 8.34
CA SER A 55 -29.32 6.12 8.98
C SER A 55 -28.41 4.92 8.84
N SER A 56 -28.52 4.00 9.79
CA SER A 56 -27.72 2.78 9.78
C SER A 56 -28.46 1.71 10.56
N PRO A 57 -28.37 0.45 10.16
CA PRO A 57 -28.92 -0.64 10.98
C PRO A 57 -28.14 -0.87 12.27
N ASP A 58 -26.86 -0.51 12.33
CA ASP A 58 -26.04 -0.65 13.53
C ASP A 58 -25.66 0.76 13.99
N MET A 59 -26.27 1.21 15.07
CA MET A 59 -26.02 2.55 15.59
C MET A 59 -24.84 2.59 16.55
N ASP A 60 -24.20 1.46 16.84
CA ASP A 60 -23.06 1.39 17.74
C ASP A 60 -21.73 1.43 17.00
N LEU A 61 -21.72 1.92 15.76
CA LEU A 61 -20.48 2.05 15.03
C LEU A 61 -19.74 3.32 15.43
N ALA A 62 -18.42 3.28 15.31
CA ALA A 62 -17.61 4.46 15.62
C ALA A 62 -17.92 5.62 14.67
N THR A 63 -18.08 5.33 13.37
CA THR A 63 -18.43 6.39 12.44
C THR A 63 -19.74 7.07 12.81
N VAL A 64 -20.67 6.34 13.42
CA VAL A 64 -21.94 6.95 13.82
C VAL A 64 -21.70 7.95 14.95
N SER A 65 -20.82 7.62 15.90
CA SER A 65 -20.54 8.55 17.00
C SER A 65 -19.82 9.79 16.51
N ALA A 66 -18.94 9.65 15.53
CA ALA A 66 -18.28 10.81 14.94
C ALA A 66 -19.30 11.71 14.24
N LEU A 67 -20.25 11.12 13.51
CA LEU A 67 -21.28 11.93 12.86
C LEU A 67 -22.14 12.65 13.89
N ARG A 68 -22.48 11.96 14.97
CA ARG A 68 -23.27 12.56 16.04
C ARG A 68 -22.59 13.80 16.60
N LYS A 69 -21.26 13.75 16.79
CA LYS A 69 -20.53 14.88 17.37
C LYS A 69 -20.48 16.07 16.41
N MET A 70 -20.32 15.80 15.11
CA MET A 70 -20.41 16.87 14.10
C MET A 70 -21.74 17.61 14.13
N GLY A 71 -22.80 16.98 14.65
CA GLY A 71 -24.12 17.55 14.58
C GLY A 71 -25.02 16.99 13.50
N VAL A 72 -24.58 15.95 12.79
CA VAL A 72 -25.44 15.29 11.80
C VAL A 72 -26.58 14.57 12.51
N LYS A 73 -27.79 14.66 11.94
CA LYS A 73 -28.91 13.95 12.52
C LYS A 73 -28.82 12.46 12.21
N LEU A 74 -29.14 11.63 13.20
CA LEU A 74 -29.02 10.18 13.08
C LEU A 74 -30.34 9.52 13.44
N THR A 75 -30.66 8.43 12.74
CA THR A 75 -31.90 7.71 12.91
C THR A 75 -31.69 6.27 12.50
N PRO A 76 -32.38 5.31 13.14
CA PRO A 76 -32.32 3.94 12.64
C PRO A 76 -33.23 3.69 11.44
N HIS A 77 -34.07 4.65 11.05
CA HIS A 77 -35.14 4.44 10.08
C HIS A 77 -34.77 5.05 8.73
N ASN A 78 -34.53 4.22 7.73
CA ASN A 78 -34.20 4.71 6.40
C ASN A 78 -35.31 5.59 5.83
N LYS A 79 -36.57 5.31 6.15
CA LYS A 79 -37.66 6.15 5.65
C LYS A 79 -37.52 7.58 6.13
N GLU A 80 -37.08 7.78 7.39
CA GLU A 80 -36.89 9.13 7.89
C GLU A 80 -35.79 9.86 7.14
N THR A 81 -34.67 9.18 6.87
CA THR A 81 -33.64 9.76 6.01
C THR A 81 -34.21 10.17 4.65
N VAL A 82 -35.02 9.29 4.04
CA VAL A 82 -35.56 9.61 2.72
C VAL A 82 -36.45 10.85 2.79
N GLN A 83 -37.34 10.91 3.80
CA GLN A 83 -38.28 12.02 3.90
C GLN A 83 -37.58 13.34 4.20
N HIS A 84 -36.46 13.28 4.94
CA HIS A 84 -35.69 14.49 5.23
C HIS A 84 -35.00 15.01 3.97
N SER A 85 -34.55 14.11 3.11
CA SER A 85 -33.57 14.42 2.09
C SER A 85 -34.18 15.07 0.86
N ASP A 86 -33.39 15.91 0.22
CA ASP A 86 -33.54 16.34 -1.16
C ASP A 86 -32.62 15.56 -2.07
N VAL A 87 -31.34 15.49 -1.71
CA VAL A 87 -30.33 14.66 -2.37
C VAL A 87 -30.04 13.49 -1.43
N LEU A 88 -30.20 12.27 -1.93
CA LEU A 88 -30.14 11.08 -1.10
C LEU A 88 -28.99 10.20 -1.57
N PHE A 89 -27.95 10.07 -0.74
CA PHE A 89 -26.79 9.25 -1.07
C PHE A 89 -27.03 7.83 -0.56
N LEU A 90 -26.74 6.85 -1.40
CA LEU A 90 -26.79 5.44 -0.99
C LEU A 90 -25.35 5.00 -0.78
N ALA A 91 -24.96 4.89 0.49
CA ALA A 91 -23.59 4.57 0.88
C ALA A 91 -23.56 3.25 1.64
N VAL A 92 -24.01 2.18 0.99
CA VAL A 92 -23.99 0.84 1.55
C VAL A 92 -23.31 -0.08 0.56
N LYS A 93 -23.04 -1.30 1.02
CA LYS A 93 -22.38 -2.29 0.20
C LYS A 93 -23.28 -2.70 -0.96
N PRO A 94 -22.69 -3.18 -2.07
CA PRO A 94 -23.51 -3.50 -3.25
C PRO A 94 -24.62 -4.50 -3.01
N HIS A 95 -24.39 -5.52 -2.18
CA HIS A 95 -25.45 -6.51 -1.98
C HIS A 95 -26.58 -5.99 -1.11
N ILE A 96 -26.37 -4.86 -0.41
CA ILE A 96 -27.44 -4.27 0.39
C ILE A 96 -28.37 -3.43 -0.50
N ILE A 97 -27.88 -2.90 -1.62
CA ILE A 97 -28.65 -1.94 -2.41
C ILE A 97 -30.03 -2.44 -2.79
N PRO A 98 -30.21 -3.65 -3.36
CA PRO A 98 -31.57 -4.07 -3.73
C PRO A 98 -32.52 -4.17 -2.55
N PHE A 99 -32.03 -4.55 -1.36
CA PHE A 99 -32.92 -4.59 -0.21
C PHE A 99 -33.31 -3.17 0.21
N ILE A 100 -32.38 -2.22 0.09
CA ILE A 100 -32.68 -0.84 0.41
C ILE A 100 -33.71 -0.27 -0.57
N LEU A 101 -33.53 -0.55 -1.86
CA LEU A 101 -34.46 -0.02 -2.84
C LEU A 101 -35.86 -0.60 -2.66
N ASP A 102 -35.95 -1.89 -2.32
CA ASP A 102 -37.24 -2.50 -1.97
C ASP A 102 -37.89 -1.80 -0.78
N GLU A 103 -37.07 -1.43 0.21
CA GLU A 103 -37.61 -0.93 1.47
C GLU A 103 -38.14 0.50 1.34
N ILE A 104 -37.37 1.39 0.72
CA ILE A 104 -37.80 2.78 0.66
C ILE A 104 -38.20 3.21 -0.74
N GLY A 105 -38.32 2.27 -1.69
CA GLY A 105 -38.72 2.63 -3.05
C GLY A 105 -40.02 3.41 -3.10
N ALA A 106 -41.01 3.02 -2.30
CA ALA A 106 -42.30 3.70 -2.26
C ALA A 106 -42.19 5.12 -1.70
N ASP A 107 -41.11 5.43 -0.98
CA ASP A 107 -40.93 6.73 -0.36
C ASP A 107 -40.14 7.70 -1.22
N ILE A 108 -39.56 7.24 -2.33
CA ILE A 108 -38.86 8.14 -3.24
C ILE A 108 -39.87 9.03 -3.95
N GLU A 109 -39.66 10.34 -3.89
CA GLU A 109 -40.57 11.32 -4.49
C GLU A 109 -39.95 11.90 -5.75
N ASP A 110 -40.79 12.58 -6.54
CA ASP A 110 -40.31 13.22 -7.76
C ASP A 110 -39.21 14.24 -7.47
N ARG A 111 -39.23 14.88 -6.29
CA ARG A 111 -38.23 15.88 -5.94
C ARG A 111 -36.87 15.30 -5.62
N HIS A 112 -36.75 13.99 -5.42
CA HIS A 112 -35.49 13.38 -4.98
C HIS A 112 -34.50 13.24 -6.12
N ILE A 113 -33.22 13.42 -5.81
CA ILE A 113 -32.11 12.92 -6.61
C ILE A 113 -31.45 11.81 -5.82
N VAL A 114 -31.42 10.60 -6.38
CA VAL A 114 -30.86 9.45 -5.70
C VAL A 114 -29.45 9.25 -6.23
N VAL A 115 -28.47 9.36 -5.35
CA VAL A 115 -27.05 9.24 -5.70
C VAL A 115 -26.51 7.95 -5.14
N SER A 116 -26.25 6.99 -5.99
CA SER A 116 -25.69 5.73 -5.54
C SER A 116 -24.17 5.83 -5.54
N CYS A 117 -23.57 5.53 -4.40
CA CYS A 117 -22.12 5.41 -4.30
C CYS A 117 -21.65 3.97 -4.26
N ALA A 118 -22.55 3.01 -4.39
CA ALA A 118 -22.16 1.61 -4.30
C ALA A 118 -21.27 1.22 -5.47
N ALA A 119 -20.12 0.61 -5.16
CA ALA A 119 -19.23 0.13 -6.21
C ALA A 119 -19.92 -0.90 -7.08
N GLY A 120 -19.79 -0.74 -8.41
CA GLY A 120 -20.24 -1.74 -9.35
C GLY A 120 -21.72 -1.71 -9.67
N VAL A 121 -22.55 -1.09 -8.85
CA VAL A 121 -24.00 -1.17 -9.01
C VAL A 121 -24.44 -0.25 -10.14
N THR A 122 -25.14 -0.82 -11.12
CA THR A 122 -25.44 -0.06 -12.33
C THR A 122 -26.67 0.83 -12.12
N ILE A 123 -26.69 1.95 -12.85
CA ILE A 123 -27.87 2.80 -12.89
C ILE A 123 -29.09 1.99 -13.31
N SER A 124 -28.92 1.06 -14.26
CA SER A 124 -30.06 0.30 -14.76
C SER A 124 -30.73 -0.51 -13.66
N SER A 125 -29.93 -1.14 -12.80
CA SER A 125 -30.49 -1.98 -11.75
C SER A 125 -31.23 -1.14 -10.72
N ILE A 126 -30.73 0.06 -10.44
CA ILE A 126 -31.40 0.97 -9.52
C ILE A 126 -32.70 1.48 -10.13
N GLU A 127 -32.64 1.95 -11.38
CA GLU A 127 -33.85 2.46 -12.03
C GLU A 127 -34.90 1.37 -12.18
N LYS A 128 -34.49 0.11 -12.40
CA LYS A 128 -35.45 -0.97 -12.53
C LYS A 128 -36.25 -1.14 -11.24
N LYS A 129 -35.56 -1.16 -10.10
CA LYS A 129 -36.23 -1.24 -8.80
C LYS A 129 -37.15 -0.04 -8.57
N LEU A 130 -36.61 1.17 -8.69
CA LEU A 130 -37.35 2.37 -8.32
C LEU A 130 -38.50 2.67 -9.26
N SER A 131 -38.37 2.33 -10.55
CA SER A 131 -39.43 2.66 -11.51
C SER A 131 -40.70 1.86 -11.27
N ALA A 132 -40.62 0.74 -10.54
CA ALA A 132 -41.84 0.05 -10.13
C ALA A 132 -42.75 0.93 -9.26
N PHE A 133 -42.20 1.96 -8.61
CA PHE A 133 -42.97 2.79 -7.69
C PHE A 133 -43.41 4.09 -8.32
N ARG A 134 -42.48 4.97 -8.67
CA ARG A 134 -42.79 6.16 -9.44
C ARG A 134 -42.01 6.11 -10.75
N PRO A 135 -42.57 6.60 -11.86
CA PRO A 135 -42.05 6.20 -13.18
C PRO A 135 -40.72 6.84 -13.61
N ALA A 136 -40.31 7.98 -13.06
CA ALA A 136 -39.13 8.67 -13.57
C ALA A 136 -38.14 9.01 -12.46
N PRO A 137 -37.62 8.00 -11.75
CA PRO A 137 -36.68 8.29 -10.65
C PRO A 137 -35.40 8.90 -11.20
N ARG A 138 -34.94 9.97 -10.54
CA ARG A 138 -33.72 10.68 -10.92
C ARG A 138 -32.54 10.04 -10.21
N VAL A 139 -31.69 9.35 -10.97
CA VAL A 139 -30.60 8.56 -10.41
C VAL A 139 -29.28 9.08 -10.96
N ILE A 140 -28.30 9.19 -10.08
CA ILE A 140 -26.93 9.53 -10.45
C ILE A 140 -26.04 8.49 -9.79
N ARG A 141 -25.06 7.99 -10.52
CA ARG A 141 -24.09 7.05 -9.99
C ARG A 141 -22.78 7.77 -9.74
N CYS A 142 -22.21 7.57 -8.56
CA CYS A 142 -21.03 8.27 -8.08
C CYS A 142 -19.93 7.27 -7.76
N MET A 143 -18.68 7.67 -7.94
CA MET A 143 -17.56 6.94 -7.36
C MET A 143 -16.60 7.99 -6.81
N THR A 144 -16.36 7.97 -5.50
CA THR A 144 -15.52 8.98 -4.87
C THR A 144 -14.51 8.29 -3.96
N ASN A 145 -13.84 9.02 -3.07
CA ASN A 145 -12.87 8.38 -2.21
C ASN A 145 -12.71 9.15 -0.90
N THR A 146 -11.95 8.58 0.04
CA THR A 146 -11.95 9.16 1.37
C THR A 146 -11.33 10.57 1.47
N PRO A 147 -10.38 10.98 0.60
CA PRO A 147 -9.81 12.33 0.75
C PRO A 147 -10.79 13.48 0.53
N VAL A 148 -12.07 13.22 0.22
CA VAL A 148 -13.04 14.30 0.34
C VAL A 148 -13.03 14.89 1.74
N VAL A 149 -12.64 14.09 2.73
CA VAL A 149 -12.58 14.56 4.11
C VAL A 149 -11.63 15.76 4.26
N VAL A 150 -10.58 15.85 3.44
CA VAL A 150 -9.71 17.03 3.42
C VAL A 150 -9.94 17.86 2.15
N ARG A 151 -11.11 17.70 1.52
CA ARG A 151 -11.51 18.44 0.33
C ARG A 151 -10.54 18.23 -0.84
N GLU A 152 -9.93 17.05 -0.92
CA GLU A 152 -9.08 16.69 -2.05
C GLU A 152 -9.49 15.36 -2.63
N GLY A 153 -10.81 15.09 -2.66
CA GLY A 153 -11.28 13.85 -3.22
C GLY A 153 -11.10 13.83 -4.71
N ALA A 154 -11.33 12.65 -5.26
CA ALA A 154 -11.44 12.44 -6.70
C ALA A 154 -12.77 11.76 -6.96
N THR A 155 -13.65 12.44 -7.68
CA THR A 155 -15.01 11.96 -7.87
C THR A 155 -15.38 11.93 -9.34
N VAL A 156 -16.06 10.87 -9.77
CA VAL A 156 -16.69 10.85 -11.08
C VAL A 156 -18.17 10.52 -10.86
N TYR A 157 -18.98 10.87 -11.83
CA TYR A 157 -20.41 10.56 -11.75
C TYR A 157 -20.96 10.35 -13.16
N ALA A 158 -22.04 9.60 -13.25
CA ALA A 158 -22.78 9.43 -14.49
C ALA A 158 -24.25 9.63 -14.19
N THR A 159 -24.96 10.23 -15.14
CA THR A 159 -26.34 10.61 -14.94
C THR A 159 -27.26 9.52 -15.50
N GLY A 160 -28.36 9.30 -14.80
CA GLY A 160 -29.33 8.30 -15.19
C GLY A 160 -30.27 8.78 -16.29
N THR A 161 -31.18 7.87 -16.67
CA THR A 161 -32.15 8.13 -17.72
C THR A 161 -32.99 9.38 -17.45
N HIS A 162 -33.40 9.59 -16.20
CA HIS A 162 -34.38 10.62 -15.88
C HIS A 162 -33.75 11.80 -15.16
N ALA A 163 -32.43 11.78 -14.95
CA ALA A 163 -31.73 12.86 -14.28
C ALA A 163 -31.72 14.10 -15.17
N GLN A 164 -32.26 15.21 -14.66
CA GLN A 164 -32.30 16.45 -15.41
C GLN A 164 -30.89 16.99 -15.65
N VAL A 165 -30.74 17.82 -16.69
CA VAL A 165 -29.44 18.45 -16.94
C VAL A 165 -29.01 19.25 -15.72
N GLU A 166 -29.96 19.94 -15.07
CA GLU A 166 -29.66 20.64 -13.83
C GLU A 166 -29.25 19.69 -12.71
N ASP A 167 -29.67 18.41 -12.78
CA ASP A 167 -29.28 17.46 -11.74
C ASP A 167 -27.79 17.15 -11.81
N GLY A 168 -27.26 16.97 -13.03
CA GLY A 168 -25.83 16.70 -13.15
C GLY A 168 -24.99 17.91 -12.77
N ARG A 169 -25.46 19.12 -13.10
CA ARG A 169 -24.72 20.32 -12.73
C ARG A 169 -24.73 20.53 -11.22
N LEU A 170 -25.87 20.25 -10.58
CA LEU A 170 -25.92 20.34 -9.13
C LEU A 170 -24.97 19.36 -8.48
N MET A 171 -24.96 18.11 -8.95
CA MET A 171 -24.07 17.09 -8.43
CA MET A 171 -24.07 17.14 -8.34
C MET A 171 -22.61 17.50 -8.57
N GLU A 172 -22.26 18.02 -9.74
CA GLU A 172 -20.88 18.44 -9.95
C GLU A 172 -20.51 19.60 -9.04
N GLN A 173 -21.43 20.56 -8.86
CA GLN A 173 -21.16 21.66 -7.94
C GLN A 173 -20.92 21.15 -6.53
N LEU A 174 -21.76 20.23 -6.08
CA LEU A 174 -21.65 19.71 -4.71
C LEU A 174 -20.36 18.90 -4.56
N LEU A 175 -20.11 17.98 -5.48
CA LEU A 175 -18.92 17.15 -5.31
C LEU A 175 -17.63 17.91 -5.62
N SER A 176 -17.70 18.99 -6.40
CA SER A 176 -16.50 19.80 -6.63
C SER A 176 -16.06 20.56 -5.39
N SER A 177 -16.97 20.76 -4.44
CA SER A 177 -16.62 21.47 -3.22
C SER A 177 -15.67 20.67 -2.34
N VAL A 178 -15.52 19.36 -2.58
CA VAL A 178 -14.68 18.50 -1.77
C VAL A 178 -13.59 17.81 -2.60
N GLY A 179 -13.33 18.27 -3.82
CA GLY A 179 -12.23 17.75 -4.60
C GLY A 179 -12.49 17.87 -6.09
N PHE A 180 -11.68 17.12 -6.85
CA PHE A 180 -11.90 17.00 -8.28
C PHE A 180 -13.20 16.24 -8.55
N CYS A 181 -13.96 16.71 -9.54
CA CYS A 181 -15.20 16.02 -9.92
C CYS A 181 -15.43 16.21 -11.40
N THR A 182 -15.81 15.13 -12.10
CA THR A 182 -16.13 15.26 -13.51
C THR A 182 -17.15 14.19 -13.89
N GLU A 183 -17.93 14.49 -14.93
CA GLU A 183 -18.88 13.53 -15.47
C GLU A 183 -18.17 12.51 -16.37
N VAL A 184 -18.58 11.25 -16.27
CA VAL A 184 -18.08 10.21 -17.15
C VAL A 184 -19.26 9.39 -17.67
N GLU A 185 -19.00 8.65 -18.75
CA GLU A 185 -19.92 7.59 -19.14
C GLU A 185 -19.86 6.48 -18.10
N GLU A 186 -21.00 5.84 -17.86
CA GLU A 186 -21.07 4.87 -16.77
C GLU A 186 -20.09 3.71 -16.97
N ASP A 187 -19.80 3.34 -18.21
CA ASP A 187 -18.96 2.15 -18.40
C ASP A 187 -17.52 2.38 -17.99
N LEU A 188 -17.15 3.58 -17.61
CA LEU A 188 -15.81 3.82 -17.09
C LEU A 188 -15.75 3.69 -15.57
N ILE A 189 -16.89 3.57 -14.88
CA ILE A 189 -16.84 3.78 -13.42
C ILE A 189 -16.18 2.61 -12.69
N ASP A 190 -16.36 1.37 -13.17
CA ASP A 190 -15.68 0.26 -12.51
C ASP A 190 -14.15 0.45 -12.56
N ALA A 191 -13.63 0.95 -13.69
CA ALA A 191 -12.20 1.24 -13.79
C ALA A 191 -11.77 2.39 -12.89
N VAL A 192 -12.57 3.45 -12.82
CA VAL A 192 -12.27 4.54 -11.89
C VAL A 192 -12.18 4.01 -10.46
N THR A 193 -13.06 3.08 -10.11
CA THR A 193 -13.02 2.47 -8.79
C THR A 193 -11.64 1.88 -8.50
N GLY A 194 -11.07 1.16 -9.47
CA GLY A 194 -9.76 0.55 -9.26
C GLY A 194 -8.62 1.53 -9.19
N LEU A 195 -8.79 2.71 -9.76
CA LEU A 195 -7.72 3.71 -9.80
C LEU A 195 -7.87 4.68 -8.63
N SER A 196 -8.86 5.57 -8.68
CA SER A 196 -8.97 6.58 -7.64
C SER A 196 -9.85 6.16 -6.46
N GLY A 197 -10.79 5.23 -6.64
CA GLY A 197 -11.52 4.73 -5.49
C GLY A 197 -10.61 4.01 -4.51
N SER A 198 -9.84 3.05 -5.02
CA SER A 198 -8.89 2.28 -4.23
C SER A 198 -7.56 2.99 -4.05
N GLY A 199 -7.28 3.99 -4.89
CA GLY A 199 -5.99 4.66 -4.91
C GLY A 199 -5.42 5.13 -3.58
N PRO A 200 -6.23 5.80 -2.75
CA PRO A 200 -5.66 6.26 -1.47
C PRO A 200 -5.07 5.13 -0.65
N ALA A 201 -5.64 3.93 -0.72
CA ALA A 201 -5.11 2.80 0.05
C ALA A 201 -3.75 2.35 -0.49
N TYR A 202 -3.58 2.37 -1.81
CA TYR A 202 -2.24 2.12 -2.37
C TYR A 202 -1.24 3.13 -1.84
N ALA A 203 -1.66 4.40 -1.75
CA ALA A 203 -0.78 5.46 -1.26
C ALA A 203 -0.48 5.30 0.21
N PHE A 204 -1.48 4.93 1.02
CA PHE A 204 -1.21 4.72 2.44
C PHE A 204 -0.23 3.56 2.64
N THR A 205 -0.38 2.50 1.84
CA THR A 205 0.56 1.37 1.89
C THR A 205 1.96 1.85 1.54
N ALA A 206 2.06 2.61 0.44
CA ALA A 206 3.36 3.15 0.02
C ALA A 206 3.97 4.05 1.08
N LEU A 207 3.15 4.88 1.73
CA LEU A 207 3.68 5.81 2.73
C LEU A 207 4.21 5.07 3.96
N ASP A 208 3.48 4.04 4.41
CA ASP A 208 3.95 3.19 5.50
C ASP A 208 5.30 2.56 5.14
N ALA A 209 5.41 2.02 3.93
CA ALA A 209 6.64 1.35 3.50
C ALA A 209 7.80 2.33 3.38
N LEU A 210 7.54 3.52 2.81
CA LEU A 210 8.60 4.52 2.67
C LEU A 210 9.11 4.96 4.04
N ALA A 211 8.20 5.11 5.01
CA ALA A 211 8.61 5.45 6.36
C ALA A 211 9.46 4.34 6.99
N ASP A 212 9.06 3.07 6.80
CA ASP A 212 9.90 1.94 7.20
C ASP A 212 11.30 2.05 6.61
N GLY A 213 11.39 2.40 5.33
CA GLY A 213 12.69 2.59 4.71
C GLY A 213 13.47 3.74 5.33
N GLY A 214 12.79 4.87 5.59
CA GLY A 214 13.45 5.97 6.29
C GLY A 214 13.98 5.56 7.66
N VAL A 215 13.15 4.83 8.43
CA VAL A 215 13.58 4.35 9.74
C VAL A 215 14.75 3.37 9.61
N LYS A 216 14.70 2.47 8.62
CA LYS A 216 15.83 1.54 8.44
C LYS A 216 17.13 2.29 8.26
N MET A 217 17.10 3.38 7.52
CA MET A 217 18.29 4.18 7.24
C MET A 217 18.60 5.22 8.33
N GLY A 218 17.85 5.25 9.44
CA GLY A 218 18.26 5.98 10.63
C GLY A 218 17.39 7.17 11.00
N LEU A 219 16.29 7.45 10.24
CA LEU A 219 15.41 8.56 10.58
C LEU A 219 14.43 8.17 11.69
N PRO A 220 14.08 9.11 12.56
CA PRO A 220 12.96 8.87 13.47
C PRO A 220 11.67 8.67 12.69
N ARG A 221 10.80 7.82 13.23
CA ARG A 221 9.57 7.46 12.53
C ARG A 221 8.73 8.69 12.19
N ARG A 222 8.53 9.58 13.17
CA ARG A 222 7.70 10.77 12.95
C ARG A 222 8.21 11.59 11.77
N LEU A 223 9.51 11.88 11.75
CA LEU A 223 10.09 12.62 10.63
C LEU A 223 9.93 11.86 9.32
N ALA A 224 10.15 10.54 9.34
CA ALA A 224 10.07 9.79 8.08
C ALA A 224 8.67 9.80 7.50
N VAL A 225 7.65 9.66 8.35
CA VAL A 225 6.26 9.73 7.89
C VAL A 225 5.97 11.10 7.26
N ARG A 226 6.33 12.17 7.97
CA ARG A 226 6.12 13.55 7.50
C ARG A 226 6.80 13.77 6.14
N LEU A 227 8.06 13.33 6.03
CA LEU A 227 8.83 13.56 4.81
C LEU A 227 8.28 12.76 3.64
N GLY A 228 7.93 11.49 3.88
CA GLY A 228 7.37 10.69 2.81
C GLY A 228 6.04 11.24 2.32
N ALA A 229 5.19 11.67 3.25
CA ALA A 229 3.89 12.24 2.85
C ALA A 229 4.06 13.55 2.09
N GLN A 230 4.98 14.41 2.56
CA GLN A 230 5.24 15.66 1.85
C GLN A 230 5.79 15.40 0.45
N ALA A 231 6.65 14.39 0.31
CA ALA A 231 7.20 14.05 -0.99
C ALA A 231 6.11 13.67 -1.98
N LEU A 232 5.17 12.83 -1.52
CA LEU A 232 4.12 12.37 -2.41
C LEU A 232 3.15 13.49 -2.74
N LEU A 233 2.80 14.31 -1.75
CA LEU A 233 1.92 15.43 -2.00
C LEU A 233 2.54 16.39 -3.02
N GLY A 234 3.82 16.75 -2.81
CA GLY A 234 4.47 17.67 -3.72
C GLY A 234 4.55 17.11 -5.13
N ALA A 235 4.89 15.83 -5.26
CA ALA A 235 5.00 15.21 -6.57
C ALA A 235 3.66 15.19 -7.30
N ALA A 236 2.61 14.81 -6.60
CA ALA A 236 1.28 14.78 -7.22
C ALA A 236 0.87 16.17 -7.66
N LYS A 237 1.10 17.18 -6.82
CA LYS A 237 0.78 18.55 -7.19
C LYS A 237 1.61 19.01 -8.39
N MET A 238 2.90 18.65 -8.43
CA MET A 238 3.72 18.95 -9.60
C MET A 238 3.08 18.43 -10.87
N LEU A 239 2.66 17.16 -10.86
CA LEU A 239 2.10 16.55 -12.06
C LEU A 239 0.79 17.22 -12.43
N LEU A 240 -0.04 17.55 -11.45
CA LEU A 240 -1.31 18.19 -11.75
C LEU A 240 -1.13 19.58 -12.33
N HIS A 241 -0.10 20.30 -11.92
CA HIS A 241 0.16 21.64 -12.43
C HIS A 241 1.05 21.64 -13.66
N SER A 242 1.60 20.49 -14.04
CA SER A 242 2.43 20.35 -15.22
C SER A 242 1.60 19.76 -16.36
N GLU A 243 1.94 20.15 -17.58
CA GLU A 243 1.46 19.44 -18.75
C GLU A 243 2.46 18.38 -19.22
N GLN A 244 3.48 18.11 -18.43
CA GLN A 244 4.54 17.20 -18.83
C GLN A 244 4.21 15.77 -18.43
N HIS A 245 4.74 14.85 -19.20
CA HIS A 245 4.56 13.44 -18.90
C HIS A 245 5.24 13.10 -17.57
N PRO A 246 4.66 12.23 -16.76
CA PRO A 246 5.34 11.84 -15.51
C PRO A 246 6.73 11.24 -15.73
N GLY A 247 6.95 10.57 -16.86
CA GLY A 247 8.30 10.11 -17.19
C GLY A 247 9.27 11.26 -17.40
N GLN A 248 8.79 12.35 -18.00
CA GLN A 248 9.64 13.54 -18.13
C GLN A 248 9.94 14.14 -16.78
N LEU A 249 8.94 14.23 -15.88
CA LEU A 249 9.23 14.74 -14.54
C LEU A 249 10.21 13.83 -13.81
N LYS A 250 10.06 12.52 -13.96
CA LYS A 250 11.02 11.56 -13.38
C LYS A 250 12.42 11.81 -13.92
N ASP A 251 12.55 12.00 -15.23
CA ASP A 251 13.86 12.27 -15.83
C ASP A 251 14.51 13.52 -15.23
N ASN A 252 13.71 14.56 -14.98
CA ASN A 252 14.25 15.81 -14.42
C ASN A 252 14.79 15.62 -13.01
N VAL A 253 14.23 14.67 -12.27
CA VAL A 253 14.65 14.42 -10.89
C VAL A 253 16.00 13.72 -10.85
N SER A 254 16.32 12.91 -11.87
CA SER A 254 17.38 11.91 -11.78
C SER A 254 18.67 12.44 -12.43
N SER A 255 19.62 12.87 -11.60
CA SER A 255 20.95 13.22 -12.08
C SER A 255 21.75 11.97 -12.47
N PRO A 256 22.62 12.07 -13.47
CA PRO A 256 23.37 10.89 -13.92
C PRO A 256 24.23 10.31 -12.80
N GLY A 257 24.23 8.98 -12.71
CA GLY A 257 24.94 8.22 -11.71
C GLY A 257 24.46 8.43 -10.29
N GLY A 258 23.37 9.17 -10.09
CA GLY A 258 23.02 9.69 -8.78
C GLY A 258 22.15 8.75 -7.95
N ALA A 259 21.73 9.27 -6.80
CA ALA A 259 21.02 8.48 -5.81
C ALA A 259 19.66 8.05 -6.34
N THR A 260 18.93 8.96 -6.95
CA THR A 260 17.57 8.64 -7.38
C THR A 260 17.57 7.55 -8.45
N ILE A 261 18.44 7.66 -9.46
CA ILE A 261 18.42 6.66 -10.53
C ILE A 261 18.82 5.29 -9.99
N HIS A 262 19.68 5.23 -8.96
CA HIS A 262 19.98 3.93 -8.36
C HIS A 262 18.75 3.35 -7.68
N ALA A 263 17.99 4.17 -6.97
CA ALA A 263 16.74 3.71 -6.35
C ALA A 263 15.70 3.33 -7.39
N LEU A 264 15.62 4.07 -8.48
CA LEU A 264 14.63 3.70 -9.51
C LEU A 264 14.93 2.33 -10.08
N HIS A 265 16.22 1.98 -10.22
CA HIS A 265 16.56 0.66 -10.73
C HIS A 265 16.03 -0.45 -9.81
N VAL A 266 16.17 -0.28 -8.48
CA VAL A 266 15.70 -1.39 -7.64
C VAL A 266 14.17 -1.50 -7.67
N LEU A 267 13.46 -0.38 -7.87
CA LEU A 267 12.01 -0.47 -8.08
C LEU A 267 11.70 -1.26 -9.35
N GLU A 268 12.38 -0.94 -10.44
CA GLU A 268 12.15 -1.65 -11.70
C GLU A 268 12.46 -3.14 -11.55
N SER A 269 13.52 -3.48 -10.81
CA SER A 269 13.90 -4.87 -10.71
C SER A 269 12.86 -5.71 -9.99
N GLY A 270 12.07 -5.07 -9.13
CA GLY A 270 10.97 -5.76 -8.48
C GLY A 270 9.66 -5.70 -9.25
N GLY A 271 9.63 -5.07 -10.43
CA GLY A 271 8.37 -4.98 -11.15
C GLY A 271 7.36 -4.06 -10.48
N PHE A 272 7.85 -3.00 -9.80
CA PHE A 272 7.02 -2.00 -9.14
C PHE A 272 5.86 -1.52 -10.00
N ARG A 273 6.16 -1.16 -11.25
CA ARG A 273 5.10 -0.69 -12.16
C ARG A 273 4.02 -1.75 -12.32
N SER A 274 4.41 -3.01 -12.55
CA SER A 274 3.42 -4.05 -12.79
C SER A 274 2.52 -4.28 -11.58
N LEU A 275 3.03 -4.04 -10.37
CA LEU A 275 2.22 -4.28 -9.18
C LEU A 275 1.09 -3.27 -9.10
N LEU A 276 1.36 -2.02 -9.45
CA LEU A 276 0.31 -1.01 -9.46
C LEU A 276 -0.69 -1.28 -10.58
N ILE A 277 -0.23 -1.74 -11.74
CA ILE A 277 -1.18 -2.13 -12.78
C ILE A 277 -2.04 -3.31 -12.30
N ASN A 278 -1.41 -4.30 -11.67
CA ASN A 278 -2.12 -5.44 -11.10
C ASN A 278 -3.19 -4.98 -10.12
N ALA A 279 -2.85 -3.98 -9.30
CA ALA A 279 -3.80 -3.49 -8.29
C ALA A 279 -5.04 -2.88 -8.93
N VAL A 280 -4.85 -1.91 -9.83
CA VAL A 280 -5.98 -1.28 -10.53
C VAL A 280 -6.86 -2.34 -11.18
N GLU A 281 -6.23 -3.30 -11.86
CA GLU A 281 -6.97 -4.37 -12.53
C GLU A 281 -7.75 -5.21 -11.53
N ALA A 282 -7.12 -5.60 -10.41
CA ALA A 282 -7.79 -6.47 -9.44
C ALA A 282 -8.98 -5.77 -8.80
N SER A 283 -8.83 -4.48 -8.49
CA SER A 283 -9.92 -3.73 -7.87
C SER A 283 -11.06 -3.58 -8.87
N CYS A 284 -10.74 -3.21 -10.11
CA CYS A 284 -11.75 -3.13 -11.18
C CYS A 284 -12.47 -4.45 -11.38
N ILE A 285 -11.71 -5.56 -11.53
CA ILE A 285 -12.32 -6.86 -11.76
C ILE A 285 -13.25 -7.25 -10.61
N ARG A 286 -12.80 -7.03 -9.36
CA ARG A 286 -13.65 -7.37 -8.22
C ARG A 286 -14.93 -6.54 -8.23
N THR A 287 -14.82 -5.27 -8.63
CA THR A 287 -16.00 -4.41 -8.69
C THR A 287 -17.01 -4.96 -9.69
N ARG A 288 -16.53 -5.44 -10.85
CA ARG A 288 -17.40 -6.05 -11.86
C ARG A 288 -18.02 -7.34 -11.38
N GLU A 289 -17.34 -8.10 -10.52
CA GLU A 289 -17.91 -9.36 -10.07
C GLU A 289 -18.78 -9.20 -8.83
N LEU A 290 -18.62 -8.11 -8.07
CA LEU A 290 -19.62 -7.80 -7.05
C LEU A 290 -20.97 -7.52 -7.69
N GLN A 291 -20.98 -6.82 -8.83
CA GLN A 291 -22.24 -6.56 -9.51
C GLN A 291 -22.78 -7.82 -10.17
N SER A 292 -21.90 -8.64 -10.76
CA SER A 292 -22.35 -9.90 -11.35
C SER A 292 -22.97 -10.81 -10.31
N MET A 293 -22.45 -10.81 -9.08
CA MET A 293 -23.10 -11.54 -8.00
C MET A 293 -24.46 -10.96 -7.69
N ALA A 294 -24.58 -9.63 -7.69
CA ALA A 294 -25.89 -8.99 -7.61
C ALA A 294 -26.76 -9.40 -8.79
N ASP A 295 -26.23 -9.26 -10.01
CA ASP A 295 -26.95 -9.63 -11.22
C ASP A 295 -26.93 -11.15 -11.44
N ASN B 17 2.89 37.40 4.88
CA ASN B 17 3.42 38.74 4.69
C ASN B 17 4.93 38.78 4.96
N LEU B 18 5.61 37.73 4.55
CA LEU B 18 7.06 37.63 4.66
C LEU B 18 7.72 38.22 3.42
N TYR B 19 8.83 38.93 3.63
CA TYR B 19 9.59 39.47 2.51
C TYR B 19 10.97 39.86 3.01
N PHE B 20 12.01 39.34 2.36
CA PHE B 20 13.38 39.57 2.77
C PHE B 20 13.90 40.78 2.02
N GLN B 21 13.75 41.95 2.64
CA GLN B 21 14.05 43.21 1.95
C GLN B 21 15.55 43.36 1.68
N SER B 22 16.40 42.95 2.62
CA SER B 22 17.83 43.21 2.51
C SER B 22 18.64 41.95 2.20
N MET B 23 18.02 40.95 1.57
CA MET B 23 18.68 39.69 1.23
C MET B 23 18.80 39.56 -0.28
N SER B 24 20.01 39.25 -0.74
CA SER B 24 20.30 38.97 -2.14
C SER B 24 20.69 37.49 -2.26
N VAL B 25 20.04 36.76 -3.16
CA VAL B 25 20.24 35.32 -3.31
C VAL B 25 20.96 35.03 -4.62
N GLY B 26 21.94 34.15 -4.57
CA GLY B 26 22.64 33.73 -5.76
C GLY B 26 22.68 32.22 -5.87
N PHE B 27 22.64 31.74 -7.11
CA PHE B 27 22.70 30.33 -7.44
C PHE B 27 23.93 30.06 -8.29
N ILE B 28 24.80 29.16 -7.82
CA ILE B 28 25.88 28.63 -8.63
C ILE B 28 25.42 27.28 -9.15
N GLY B 29 25.29 27.18 -10.47
CA GLY B 29 24.54 26.11 -11.10
C GLY B 29 23.17 26.64 -11.46
N ALA B 30 22.67 26.30 -12.65
CA ALA B 30 21.37 26.80 -13.11
C ALA B 30 20.53 25.67 -13.64
N GLY B 31 20.64 24.50 -13.00
CA GLY B 31 19.93 23.31 -13.40
C GLY B 31 18.55 23.23 -12.77
N GLN B 32 18.11 21.98 -12.56
CA GLN B 32 16.72 21.73 -12.16
C GLN B 32 16.39 22.34 -10.81
N LEU B 33 17.21 22.07 -9.79
CA LEU B 33 16.86 22.54 -8.44
C LEU B 33 17.01 24.04 -8.31
N ALA B 34 17.96 24.65 -9.03
CA ALA B 34 18.08 26.11 -8.99
C ALA B 34 16.83 26.78 -9.53
N PHE B 35 16.39 26.36 -10.73
CA PHE B 35 15.14 26.91 -11.27
C PHE B 35 13.98 26.67 -10.31
N ALA B 36 13.89 25.47 -9.75
CA ALA B 36 12.74 25.12 -8.91
C ALA B 36 12.66 26.04 -7.69
N LEU B 37 13.80 26.27 -7.02
CA LEU B 37 13.82 27.15 -5.86
C LEU B 37 13.52 28.60 -6.25
N ALA B 38 14.13 29.08 -7.33
CA ALA B 38 13.87 30.45 -7.76
C ALA B 38 12.41 30.63 -8.12
N LYS B 39 11.83 29.67 -8.84
CA LYS B 39 10.40 29.73 -9.16
C LYS B 39 9.56 29.70 -7.88
N GLY B 40 9.89 28.81 -6.96
CA GLY B 40 9.16 28.77 -5.70
C GLY B 40 9.31 30.05 -4.89
N PHE B 41 10.55 30.55 -4.78
CA PHE B 41 10.78 31.78 -4.04
C PHE B 41 10.00 32.94 -4.63
N THR B 42 10.00 33.06 -5.97
CA THR B 42 9.31 34.19 -6.58
C THR B 42 7.79 34.02 -6.48
N ALA B 43 7.29 32.81 -6.71
CA ALA B 43 5.86 32.57 -6.56
C ALA B 43 5.39 32.86 -5.14
N ALA B 44 6.22 32.55 -4.15
CA ALA B 44 5.88 32.86 -2.75
C ALA B 44 5.85 34.35 -2.47
N GLY B 45 6.45 35.17 -3.33
CA GLY B 45 6.55 36.59 -3.08
C GLY B 45 7.51 36.99 -1.99
N VAL B 46 8.45 36.12 -1.63
CA VAL B 46 9.43 36.47 -0.59
C VAL B 46 10.69 37.11 -1.18
N LEU B 47 10.91 36.98 -2.49
CA LEU B 47 12.06 37.55 -3.15
C LEU B 47 11.62 38.04 -4.52
N ALA B 48 12.02 39.25 -4.86
CA ALA B 48 11.88 39.71 -6.23
C ALA B 48 12.85 38.95 -7.12
N ALA B 49 12.38 38.54 -8.29
CA ALA B 49 13.24 37.81 -9.21
C ALA B 49 14.53 38.56 -9.52
N HIS B 50 14.48 39.90 -9.58
CA HIS B 50 15.67 40.67 -9.94
C HIS B 50 16.71 40.71 -8.82
N LYS B 51 16.37 40.28 -7.61
CA LYS B 51 17.33 40.12 -6.54
C LYS B 51 17.94 38.73 -6.51
N ILE B 52 17.68 37.92 -7.53
CA ILE B 52 18.25 36.58 -7.65
C ILE B 52 19.15 36.56 -8.87
N MET B 53 20.34 35.99 -8.72
CA MET B 53 21.28 35.83 -9.82
C MET B 53 21.69 34.36 -9.90
N ALA B 54 21.93 33.88 -11.12
CA ALA B 54 22.31 32.49 -11.34
C ALA B 54 23.45 32.42 -12.35
N SER B 55 24.37 31.47 -12.14
CA SER B 55 25.50 31.27 -13.03
C SER B 55 25.53 29.83 -13.48
N SER B 56 25.91 29.61 -14.74
CA SER B 56 25.92 28.28 -15.35
C SER B 56 27.01 28.22 -16.40
N PRO B 57 27.64 27.06 -16.58
CA PRO B 57 28.64 26.92 -17.66
C PRO B 57 28.01 26.70 -19.02
N ASP B 58 26.82 26.09 -19.04
CA ASP B 58 26.09 25.81 -20.27
C ASP B 58 24.89 26.75 -20.34
N MET B 59 25.16 27.96 -20.86
CA MET B 59 24.13 28.99 -20.97
C MET B 59 23.07 28.67 -22.03
N ASP B 60 23.18 27.53 -22.71
CA ASP B 60 22.12 27.04 -23.58
C ASP B 60 21.24 26.00 -22.88
N LEU B 61 21.19 26.03 -21.56
CA LEU B 61 20.37 25.09 -20.83
C LEU B 61 18.89 25.47 -20.94
N ALA B 62 18.03 24.45 -21.00
CA ALA B 62 16.59 24.70 -20.98
C ALA B 62 16.17 25.38 -19.68
N THR B 63 16.80 25.00 -18.56
CA THR B 63 16.53 25.67 -17.30
C THR B 63 17.06 27.10 -17.30
N VAL B 64 18.23 27.32 -17.92
CA VAL B 64 18.77 28.68 -18.01
C VAL B 64 17.94 29.54 -18.95
N SER B 65 17.21 28.93 -19.89
CA SER B 65 16.34 29.71 -20.75
C SER B 65 15.08 30.13 -20.02
N ALA B 66 14.59 29.32 -19.09
CA ALA B 66 13.39 29.66 -18.33
C ALA B 66 13.66 30.72 -17.27
N LEU B 67 14.82 30.63 -16.59
CA LEU B 67 15.15 31.61 -15.57
C LEU B 67 15.14 33.03 -16.13
N ARG B 68 15.56 33.19 -17.39
CA ARG B 68 15.58 34.53 -17.98
C ARG B 68 14.18 35.13 -18.06
N LYS B 69 13.17 34.30 -18.32
CA LYS B 69 11.81 34.81 -18.45
C LYS B 69 11.25 35.28 -17.11
N MET B 70 11.69 34.68 -16.00
CA MET B 70 11.23 35.13 -14.69
C MET B 70 11.82 36.49 -14.30
N GLY B 71 12.90 36.91 -14.93
CA GLY B 71 13.60 38.12 -14.52
C GLY B 71 14.84 37.87 -13.68
N VAL B 72 15.25 36.61 -13.51
CA VAL B 72 16.47 36.30 -12.78
C VAL B 72 17.67 36.79 -13.57
N LYS B 73 18.60 37.45 -12.90
CA LYS B 73 19.85 37.84 -13.54
C LYS B 73 20.67 36.60 -13.83
N LEU B 74 21.23 36.52 -15.03
CA LEU B 74 22.11 35.41 -15.39
C LEU B 74 23.48 35.95 -15.77
N THR B 75 24.51 35.16 -15.45
CA THR B 75 25.90 35.47 -15.76
C THR B 75 26.60 34.15 -16.00
N PRO B 76 27.67 34.14 -16.82
CA PRO B 76 28.46 32.92 -16.96
C PRO B 76 29.52 32.74 -15.88
N HIS B 77 29.75 33.75 -15.06
CA HIS B 77 30.91 33.78 -14.18
C HIS B 77 30.46 33.64 -12.72
N ASN B 78 30.95 32.59 -12.06
CA ASN B 78 30.56 32.32 -10.67
C ASN B 78 30.97 33.46 -9.75
N LYS B 79 32.05 34.17 -10.09
CA LYS B 79 32.49 35.29 -9.26
C LYS B 79 31.44 36.39 -9.19
N GLU B 80 30.73 36.64 -10.30
CA GLU B 80 29.68 37.65 -10.30
C GLU B 80 28.56 37.27 -9.33
N THR B 81 28.12 36.01 -9.38
CA THR B 81 27.10 35.54 -8.46
C THR B 81 27.54 35.75 -7.01
N VAL B 82 28.77 35.34 -6.69
CA VAL B 82 29.29 35.51 -5.33
C VAL B 82 29.29 36.98 -4.94
N GLN B 83 29.74 37.86 -5.85
CA GLN B 83 29.84 39.27 -5.50
C GLN B 83 28.46 39.91 -5.34
N HIS B 84 27.47 39.43 -6.09
CA HIS B 84 26.11 39.96 -5.99
C HIS B 84 25.37 39.45 -4.77
N SER B 85 25.72 38.30 -4.23
CA SER B 85 24.82 37.59 -3.34
C SER B 85 25.27 37.63 -1.88
N ASP B 86 24.28 37.56 -1.00
CA ASP B 86 24.47 37.29 0.42
C ASP B 86 24.25 35.81 0.72
N VAL B 87 23.13 35.26 0.28
CA VAL B 87 22.86 33.84 0.42
C VAL B 87 23.24 33.16 -0.88
N LEU B 88 24.15 32.20 -0.81
CA LEU B 88 24.76 31.58 -1.99
C LEU B 88 24.40 30.11 -2.01
N PHE B 89 23.51 29.71 -2.91
CA PHE B 89 23.14 28.31 -3.09
C PHE B 89 24.10 27.64 -4.04
N LEU B 90 24.66 26.51 -3.62
CA LEU B 90 25.56 25.71 -4.44
C LEU B 90 24.71 24.60 -5.03
N ALA B 91 24.27 24.80 -6.27
CA ALA B 91 23.32 23.91 -6.91
C ALA B 91 24.00 23.16 -8.06
N VAL B 92 25.11 22.50 -7.77
CA VAL B 92 25.92 21.84 -8.79
C VAL B 92 26.06 20.37 -8.43
N LYS B 93 26.53 19.59 -9.41
CA LYS B 93 26.76 18.18 -9.19
C LYS B 93 27.83 17.99 -8.12
N PRO B 94 27.77 16.90 -7.35
CA PRO B 94 28.68 16.76 -6.19
C PRO B 94 30.15 16.85 -6.55
N HIS B 95 30.57 16.25 -7.67
CA HIS B 95 31.99 16.25 -7.99
C HIS B 95 32.48 17.62 -8.42
N ILE B 96 31.58 18.53 -8.81
CA ILE B 96 31.99 19.88 -9.19
C ILE B 96 32.23 20.77 -7.98
N ILE B 97 31.75 20.35 -6.80
CA ILE B 97 31.81 21.23 -5.62
C ILE B 97 33.25 21.64 -5.27
N PRO B 98 34.22 20.72 -5.14
CA PRO B 98 35.58 21.17 -4.83
C PRO B 98 36.16 22.11 -5.89
N PHE B 99 35.79 21.94 -7.15
CA PHE B 99 36.26 22.85 -8.18
C PHE B 99 35.60 24.22 -8.04
N ILE B 100 34.32 24.25 -7.70
CA ILE B 100 33.63 25.52 -7.43
C ILE B 100 34.28 26.23 -6.24
N LEU B 101 34.53 25.49 -5.15
CA LEU B 101 35.09 26.11 -3.95
C LEU B 101 36.50 26.63 -4.22
N ASP B 102 37.28 25.90 -5.02
CA ASP B 102 38.58 26.41 -5.45
C ASP B 102 38.44 27.74 -6.19
N GLU B 103 37.37 27.87 -6.97
CA GLU B 103 37.22 29.02 -7.85
C GLU B 103 36.86 30.28 -7.08
N ILE B 104 35.85 30.21 -6.23
CA ILE B 104 35.30 31.40 -5.58
C ILE B 104 35.70 31.49 -4.11
N GLY B 105 36.53 30.58 -3.60
CA GLY B 105 36.89 30.62 -2.19
C GLY B 105 37.46 31.96 -1.76
N ALA B 106 38.34 32.54 -2.57
CA ALA B 106 38.92 33.84 -2.23
C ALA B 106 37.92 34.98 -2.30
N ASP B 107 36.73 34.76 -2.86
CA ASP B 107 35.71 35.80 -2.96
C ASP B 107 34.64 35.69 -1.87
N ILE B 108 34.71 34.67 -1.01
CA ILE B 108 33.78 34.57 0.11
C ILE B 108 34.13 35.64 1.14
N GLU B 109 33.11 36.37 1.59
CA GLU B 109 33.28 37.44 2.58
C GLU B 109 32.49 37.10 3.84
N ASP B 110 32.61 37.96 4.84
CA ASP B 110 31.96 37.71 6.13
C ASP B 110 30.44 37.58 5.97
N ARG B 111 29.85 38.43 5.13
CA ARG B 111 28.39 38.49 4.96
C ARG B 111 27.80 37.22 4.37
N HIS B 112 28.61 36.34 3.77
CA HIS B 112 28.08 35.24 2.97
C HIS B 112 27.57 34.09 3.83
N ILE B 113 26.41 33.56 3.46
CA ILE B 113 25.93 32.26 3.92
C ILE B 113 25.99 31.33 2.72
N VAL B 114 26.80 30.29 2.80
CA VAL B 114 26.96 29.33 1.72
C VAL B 114 26.04 28.15 2.01
N VAL B 115 25.06 27.92 1.15
CA VAL B 115 24.09 26.84 1.34
C VAL B 115 24.34 25.78 0.28
N SER B 116 24.86 24.62 0.69
CA SER B 116 25.15 23.55 -0.26
C SER B 116 23.96 22.60 -0.37
N CYS B 117 23.44 22.45 -1.59
CA CYS B 117 22.42 21.44 -1.88
C CYS B 117 23.00 20.21 -2.56
N ALA B 118 24.33 20.08 -2.60
CA ALA B 118 24.95 18.93 -3.24
C ALA B 118 24.68 17.67 -2.42
N ALA B 119 24.19 16.63 -3.08
CA ALA B 119 23.87 15.41 -2.35
C ALA B 119 25.14 14.78 -1.78
N GLY B 120 25.07 14.37 -0.52
CA GLY B 120 26.17 13.69 0.12
C GLY B 120 27.32 14.57 0.60
N VAL B 121 27.48 15.78 0.08
CA VAL B 121 28.68 16.58 0.37
C VAL B 121 28.61 17.11 1.80
N THR B 122 29.59 16.75 2.62
CA THR B 122 29.54 17.08 4.04
C THR B 122 29.90 18.53 4.30
N ILE B 123 29.37 19.05 5.42
CA ILE B 123 29.72 20.39 5.87
C ILE B 123 31.22 20.47 6.12
N SER B 124 31.79 19.40 6.68
CA SER B 124 33.22 19.42 7.00
C SER B 124 34.06 19.66 5.77
N SER B 125 33.74 18.97 4.67
CA SER B 125 34.53 19.10 3.45
C SER B 125 34.43 20.49 2.87
N ILE B 126 33.24 21.11 2.91
CA ILE B 126 33.08 22.47 2.42
C ILE B 126 33.85 23.45 3.29
N GLU B 127 33.78 23.28 4.62
CA GLU B 127 34.43 24.23 5.50
C GLU B 127 35.94 24.12 5.38
N LYS B 128 36.45 22.91 5.14
CA LYS B 128 37.90 22.73 5.03
C LYS B 128 38.46 23.45 3.81
N LYS B 129 37.71 23.42 2.70
CA LYS B 129 38.18 24.10 1.49
C LYS B 129 38.07 25.60 1.63
N LEU B 130 36.93 26.08 2.13
CA LEU B 130 36.75 27.52 2.29
C LEU B 130 37.65 28.12 3.38
N SER B 131 37.97 27.35 4.42
CA SER B 131 38.77 27.90 5.51
C SER B 131 40.22 28.16 5.09
N ALA B 132 40.66 27.57 3.98
CA ALA B 132 41.99 27.87 3.47
C ALA B 132 42.10 29.31 2.99
N PHE B 133 40.99 29.95 2.66
CA PHE B 133 40.96 31.32 2.16
C PHE B 133 40.65 32.34 3.26
N ARG B 134 39.65 32.06 4.11
CA ARG B 134 39.23 33.00 5.12
C ARG B 134 38.65 32.12 6.24
N PRO B 135 39.03 32.34 7.50
CA PRO B 135 38.46 31.54 8.57
C PRO B 135 36.98 31.83 8.76
N ALA B 136 36.31 30.91 9.44
CA ALA B 136 34.90 30.98 9.84
C ALA B 136 33.90 31.15 8.70
N PRO B 137 34.00 30.40 7.60
CA PRO B 137 32.92 30.47 6.60
C PRO B 137 31.62 29.94 7.19
N ARG B 138 30.52 30.62 6.86
CA ARG B 138 29.18 30.26 7.32
C ARG B 138 28.55 29.30 6.31
N VAL B 139 28.38 28.04 6.71
CA VAL B 139 27.96 26.97 5.81
C VAL B 139 26.71 26.31 6.36
N ILE B 140 25.75 26.04 5.49
CA ILE B 140 24.54 25.29 5.82
C ILE B 140 24.39 24.25 4.73
N ARG B 141 24.09 23.02 5.12
CA ARG B 141 23.86 21.95 4.17
C ARG B 141 22.35 21.74 4.09
N CYS B 142 21.85 21.64 2.86
CA CYS B 142 20.43 21.53 2.57
C CYS B 142 20.17 20.26 1.77
N MET B 143 19.01 19.63 1.99
CA MET B 143 18.52 18.60 1.09
C MET B 143 17.07 18.94 0.79
N THR B 144 16.77 19.25 -0.46
CA THR B 144 15.41 19.65 -0.83
C THR B 144 14.98 18.82 -2.03
N ASN B 145 13.85 19.17 -2.66
CA ASN B 145 13.39 18.37 -3.80
C ASN B 145 12.64 19.27 -4.78
N THR B 146 12.33 18.70 -5.94
CA THR B 146 11.81 19.54 -7.02
C THR B 146 10.43 20.14 -6.72
N PRO B 147 9.56 19.52 -5.89
CA PRO B 147 8.26 20.16 -5.63
C PRO B 147 8.28 21.52 -4.95
N VAL B 148 9.47 22.05 -4.61
CA VAL B 148 9.52 23.46 -4.21
C VAL B 148 8.99 24.36 -5.31
N VAL B 149 8.98 23.88 -6.56
CA VAL B 149 8.50 24.68 -7.69
C VAL B 149 7.01 24.98 -7.58
N VAL B 150 6.25 24.13 -6.89
CA VAL B 150 4.84 24.38 -6.58
C VAL B 150 4.67 24.66 -5.09
N ARG B 151 5.74 25.08 -4.43
CA ARG B 151 5.74 25.44 -3.02
C ARG B 151 5.25 24.30 -2.12
N GLU B 152 5.56 23.07 -2.50
CA GLU B 152 5.23 21.92 -1.67
C GLU B 152 6.45 21.03 -1.51
N GLY B 153 7.61 21.65 -1.39
CA GLY B 153 8.82 20.88 -1.23
C GLY B 153 8.92 20.27 0.16
N ALA B 154 9.91 19.39 0.31
CA ALA B 154 10.31 18.85 1.59
C ALA B 154 11.80 19.13 1.74
N THR B 155 12.14 19.95 2.72
CA THR B 155 13.52 20.40 2.89
C THR B 155 13.99 20.15 4.31
N VAL B 156 15.21 19.63 4.45
CA VAL B 156 15.90 19.65 5.74
C VAL B 156 17.22 20.39 5.57
N TYR B 157 17.75 20.89 6.69
CA TYR B 157 19.03 21.58 6.64
C TYR B 157 19.79 21.27 7.92
N ALA B 158 21.11 21.38 7.84
CA ALA B 158 21.98 21.29 9.00
C ALA B 158 22.96 22.46 8.97
N THR B 159 23.20 23.08 10.13
CA THR B 159 24.05 24.26 10.18
C THR B 159 25.49 23.89 10.46
N GLY B 160 26.41 24.61 9.81
CA GLY B 160 27.82 24.37 10.01
C GLY B 160 28.36 24.94 11.30
N THR B 161 29.68 24.75 11.47
CA THR B 161 30.40 25.18 12.67
C THR B 161 30.25 26.67 12.95
N HIS B 162 30.34 27.49 11.89
CA HIS B 162 30.41 28.93 12.05
C HIS B 162 29.12 29.62 11.69
N ALA B 163 28.06 28.86 11.43
CA ALA B 163 26.75 29.45 11.17
C ALA B 163 26.18 29.99 12.47
N GLN B 164 25.69 31.22 12.42
CA GLN B 164 25.07 31.82 13.60
C GLN B 164 23.62 31.34 13.71
N VAL B 165 23.06 31.49 14.91
CA VAL B 165 21.68 31.04 15.13
C VAL B 165 20.73 31.76 14.18
N GLU B 166 21.00 33.04 13.89
CA GLU B 166 20.15 33.76 12.96
C GLU B 166 20.27 33.22 11.54
N ASP B 167 21.42 32.62 11.19
CA ASP B 167 21.60 32.04 9.86
C ASP B 167 20.61 30.89 9.64
N GLY B 168 20.54 29.96 10.58
CA GLY B 168 19.63 28.85 10.44
C GLY B 168 18.18 29.29 10.44
N ARG B 169 17.83 30.20 11.36
CA ARG B 169 16.47 30.74 11.40
C ARG B 169 16.11 31.42 10.08
N LEU B 170 17.07 32.14 9.49
CA LEU B 170 16.83 32.81 8.21
C LEU B 170 16.61 31.79 7.10
N MET B 171 17.47 30.77 7.03
CA MET B 171 17.30 29.75 6.00
C MET B 171 16.01 28.98 6.19
N GLU B 172 15.64 28.68 7.43
CA GLU B 172 14.38 27.98 7.64
C GLU B 172 13.20 28.84 7.20
N GLN B 173 13.24 30.12 7.54
CA GLN B 173 12.19 31.04 7.10
C GLN B 173 12.09 31.07 5.59
N LEU B 174 13.23 31.14 4.90
CA LEU B 174 13.25 31.17 3.44
C LEU B 174 12.76 29.85 2.85
N LEU B 175 13.32 28.73 3.31
CA LEU B 175 12.92 27.45 2.75
C LEU B 175 11.51 27.04 3.15
N SER B 176 10.99 27.56 4.28
CA SER B 176 9.58 27.32 4.61
C SER B 176 8.63 28.00 3.64
N SER B 177 9.08 29.00 2.88
CA SER B 177 8.15 29.63 1.96
C SER B 177 7.82 28.74 0.76
N VAL B 178 8.56 27.65 0.55
CA VAL B 178 8.36 26.78 -0.60
C VAL B 178 8.06 25.34 -0.19
N GLY B 179 7.75 25.11 1.08
CA GLY B 179 7.27 23.80 1.51
C GLY B 179 7.64 23.56 2.97
N PHE B 180 7.68 22.27 3.32
CA PHE B 180 8.05 21.89 4.66
C PHE B 180 9.56 22.06 4.83
N CYS B 181 9.97 22.62 5.97
CA CYS B 181 11.39 22.75 6.25
C CYS B 181 11.63 22.52 7.73
N THR B 182 12.68 21.75 8.05
CA THR B 182 13.06 21.59 9.44
C THR B 182 14.56 21.36 9.55
N GLU B 183 15.12 21.72 10.71
CA GLU B 183 16.52 21.46 11.00
C GLU B 183 16.71 20.00 11.39
N VAL B 184 17.81 19.40 10.92
CA VAL B 184 18.18 18.05 11.35
C VAL B 184 19.67 18.02 11.65
N GLU B 185 20.09 17.00 12.40
CA GLU B 185 21.50 16.68 12.49
C GLU B 185 22.02 16.22 11.12
N GLU B 186 23.26 16.62 10.80
CA GLU B 186 23.79 16.33 9.48
C GLU B 186 23.82 14.84 9.17
N ASP B 187 24.04 13.98 10.17
CA ASP B 187 24.13 12.57 9.77
C ASP B 187 22.78 11.95 9.39
N LEU B 188 21.68 12.70 9.40
CA LEU B 188 20.41 12.20 8.88
C LEU B 188 20.18 12.56 7.43
N ILE B 189 21.03 13.39 6.82
CA ILE B 189 20.67 13.95 5.52
C ILE B 189 20.78 12.91 4.39
N ASP B 190 21.74 11.98 4.46
CA ASP B 190 21.80 10.93 3.43
C ASP B 190 20.51 10.10 3.42
N ALA B 191 19.93 9.85 4.59
CA ALA B 191 18.68 9.10 4.65
C ALA B 191 17.50 9.94 4.16
N VAL B 192 17.46 11.23 4.51
CA VAL B 192 16.44 12.12 3.96
C VAL B 192 16.52 12.12 2.43
N THR B 193 17.75 12.12 1.89
CA THR B 193 17.90 12.04 0.44
C THR B 193 17.18 10.82 -0.14
N GLY B 194 17.29 9.67 0.51
CA GLY B 194 16.65 8.46 0.00
C GLY B 194 15.15 8.51 0.08
N LEU B 195 14.60 9.31 0.99
CA LEU B 195 13.17 9.33 1.23
C LEU B 195 12.53 10.50 0.47
N SER B 196 12.79 11.74 0.88
CA SER B 196 12.12 12.86 0.23
C SER B 196 12.92 13.50 -0.90
N GLY B 197 14.23 13.34 -0.92
CA GLY B 197 14.97 13.79 -2.10
C GLY B 197 14.59 13.00 -3.35
N SER B 198 14.63 11.67 -3.26
CA SER B 198 14.30 10.79 -4.38
C SER B 198 12.82 10.48 -4.46
N GLY B 199 12.08 10.73 -3.37
CA GLY B 199 10.68 10.36 -3.31
C GLY B 199 9.81 10.81 -4.45
N PRO B 200 9.93 12.07 -4.94
CA PRO B 200 9.09 12.48 -6.08
C PRO B 200 9.26 11.58 -7.28
N ALA B 201 10.48 11.09 -7.54
CA ALA B 201 10.68 10.16 -8.66
C ALA B 201 9.94 8.84 -8.44
N TYR B 202 9.92 8.34 -7.19
CA TYR B 202 9.13 7.15 -6.91
C TYR B 202 7.66 7.42 -7.24
N ALA B 203 7.19 8.60 -6.85
CA ALA B 203 5.80 8.96 -7.08
C ALA B 203 5.50 9.10 -8.56
N PHE B 204 6.40 9.71 -9.34
CA PHE B 204 6.17 9.83 -10.78
C PHE B 204 6.12 8.46 -11.44
N THR B 205 7.00 7.55 -11.02
CA THR B 205 6.96 6.17 -11.53
C THR B 205 5.62 5.53 -11.21
N ALA B 206 5.19 5.66 -9.95
CA ALA B 206 3.92 5.08 -9.53
C ALA B 206 2.74 5.65 -10.29
N LEU B 207 2.77 6.97 -10.60
CA LEU B 207 1.63 7.59 -11.28
C LEU B 207 1.57 7.18 -12.75
N ASP B 208 2.72 7.05 -13.41
CA ASP B 208 2.77 6.48 -14.76
C ASP B 208 2.17 5.06 -14.77
N ALA B 209 2.54 4.25 -13.79
CA ALA B 209 2.07 2.86 -13.72
C ALA B 209 0.58 2.78 -13.39
N LEU B 210 0.12 3.59 -12.42
CA LEU B 210 -1.30 3.63 -12.13
C LEU B 210 -2.10 4.06 -13.36
N ALA B 211 -1.61 5.06 -14.09
CA ALA B 211 -2.29 5.47 -15.31
C ALA B 211 -2.32 4.34 -16.34
N ASP B 212 -1.21 3.60 -16.48
CA ASP B 212 -1.22 2.42 -17.34
C ASP B 212 -2.30 1.43 -16.91
N GLY B 213 -2.44 1.23 -15.60
CA GLY B 213 -3.50 0.36 -15.10
C GLY B 213 -4.88 0.87 -15.48
N GLY B 214 -5.12 2.17 -15.30
CA GLY B 214 -6.40 2.74 -15.70
C GLY B 214 -6.67 2.57 -17.19
N VAL B 215 -5.65 2.80 -18.01
CA VAL B 215 -5.83 2.64 -19.46
C VAL B 215 -6.12 1.18 -19.80
N LYS B 216 -5.43 0.25 -19.13
CA LYS B 216 -5.70 -1.17 -19.36
C LYS B 216 -7.17 -1.49 -19.10
N MET B 217 -7.73 -0.96 -18.02
CA MET B 217 -9.15 -1.20 -17.71
C MET B 217 -10.12 -0.29 -18.47
N GLY B 218 -9.66 0.52 -19.42
CA GLY B 218 -10.56 1.21 -20.33
C GLY B 218 -10.67 2.72 -20.18
N LEU B 219 -9.88 3.34 -19.28
CA LEU B 219 -9.93 4.79 -19.13
C LEU B 219 -9.05 5.50 -20.15
N PRO B 220 -9.48 6.66 -20.65
CA PRO B 220 -8.58 7.51 -21.43
C PRO B 220 -7.34 7.90 -20.61
N ARG B 221 -6.19 7.99 -21.30
CA ARG B 221 -4.94 8.26 -20.61
C ARG B 221 -4.99 9.54 -19.79
N ARG B 222 -5.57 10.61 -20.35
CA ARG B 222 -5.58 11.91 -19.67
C ARG B 222 -6.38 11.84 -18.37
N LEU B 223 -7.58 11.23 -18.42
CA LEU B 223 -8.38 11.05 -17.21
C LEU B 223 -7.66 10.17 -16.20
N ALA B 224 -7.01 9.10 -16.67
CA ALA B 224 -6.31 8.21 -15.75
C ALA B 224 -5.19 8.93 -15.01
N VAL B 225 -4.44 9.80 -15.72
CA VAL B 225 -3.35 10.53 -15.08
C VAL B 225 -3.91 11.49 -14.04
N ARG B 226 -5.00 12.19 -14.38
CA ARG B 226 -5.62 13.15 -13.48
C ARG B 226 -6.13 12.46 -12.22
N LEU B 227 -6.87 11.36 -12.39
CA LEU B 227 -7.43 10.64 -11.24
C LEU B 227 -6.35 10.06 -10.34
N GLY B 228 -5.33 9.43 -10.93
CA GLY B 228 -4.27 8.84 -10.12
C GLY B 228 -3.53 9.90 -9.33
N ALA B 229 -3.23 11.04 -9.97
CA ALA B 229 -2.50 12.09 -9.26
C ALA B 229 -3.35 12.70 -8.14
N GLN B 230 -4.65 12.89 -8.41
CA GLN B 230 -5.55 13.41 -7.38
C GLN B 230 -5.64 12.44 -6.22
N ALA B 231 -5.67 11.13 -6.51
CA ALA B 231 -5.75 10.11 -5.47
C ALA B 231 -4.53 10.17 -4.56
N LEU B 232 -3.36 10.31 -5.16
CA LEU B 232 -2.13 10.36 -4.36
C LEU B 232 -2.05 11.66 -3.58
N LEU B 233 -2.39 12.78 -4.22
CA LEU B 233 -2.42 14.06 -3.52
C LEU B 233 -3.35 14.02 -2.32
N GLY B 234 -4.57 13.51 -2.52
CA GLY B 234 -5.52 13.51 -1.43
C GLY B 234 -5.09 12.62 -0.28
N ALA B 235 -4.53 11.46 -0.61
CA ALA B 235 -4.10 10.53 0.43
C ALA B 235 -2.95 11.13 1.24
N ALA B 236 -1.99 11.74 0.55
CA ALA B 236 -0.87 12.39 1.25
C ALA B 236 -1.37 13.50 2.15
N LYS B 237 -2.31 14.32 1.66
CA LYS B 237 -2.87 15.39 2.47
C LYS B 237 -3.62 14.84 3.68
N MET B 238 -4.42 13.78 3.48
CA MET B 238 -5.08 13.13 4.61
C MET B 238 -4.08 12.78 5.70
N LEU B 239 -2.99 12.12 5.32
CA LEU B 239 -2.01 11.68 6.32
C LEU B 239 -1.39 12.87 7.02
N LEU B 240 -1.05 13.92 6.27
CA LEU B 240 -0.42 15.08 6.91
C LEU B 240 -1.35 15.76 7.88
N HIS B 241 -2.67 15.69 7.65
CA HIS B 241 -3.64 16.34 8.52
C HIS B 241 -4.23 15.42 9.57
N SER B 242 -3.85 14.14 9.57
CA SER B 242 -4.36 13.17 10.53
C SER B 242 -3.30 12.85 11.58
N GLU B 243 -3.76 12.54 12.79
CA GLU B 243 -2.88 11.94 13.77
C GLU B 243 -2.80 10.42 13.63
N GLN B 244 -3.63 9.84 12.76
CA GLN B 244 -3.77 8.39 12.66
C GLN B 244 -2.62 7.77 11.87
N HIS B 245 -2.35 6.51 12.19
CA HIS B 245 -1.35 5.73 11.47
C HIS B 245 -1.81 5.49 10.02
N PRO B 246 -0.89 5.48 9.05
CA PRO B 246 -1.31 5.20 7.67
C PRO B 246 -2.02 3.86 7.53
N GLY B 247 -1.69 2.88 8.38
CA GLY B 247 -2.44 1.63 8.38
C GLY B 247 -3.89 1.78 8.78
N GLN B 248 -4.18 2.67 9.74
CA GLN B 248 -5.58 2.92 10.09
C GLN B 248 -6.31 3.60 8.94
N LEU B 249 -5.66 4.59 8.30
CA LEU B 249 -6.30 5.22 7.15
C LEU B 249 -6.53 4.21 6.04
N LYS B 250 -5.57 3.31 5.82
CA LYS B 250 -5.76 2.24 4.84
C LYS B 250 -6.97 1.39 5.19
N ASP B 251 -7.11 1.03 6.46
CA ASP B 251 -8.24 0.20 6.89
C ASP B 251 -9.58 0.85 6.56
N ASN B 252 -9.67 2.18 6.68
CA ASN B 252 -10.93 2.89 6.46
C ASN B 252 -11.35 2.88 5.00
N VAL B 253 -10.41 2.73 4.07
CA VAL B 253 -10.74 2.70 2.65
C VAL B 253 -11.34 1.35 2.26
N SER B 254 -10.86 0.26 2.87
CA SER B 254 -11.12 -1.08 2.35
C SER B 254 -12.32 -1.70 3.08
N SER B 255 -13.46 -1.72 2.40
CA SER B 255 -14.65 -2.38 2.89
C SER B 255 -14.50 -3.90 2.80
N PRO B 256 -15.09 -4.65 3.74
CA PRO B 256 -14.91 -6.11 3.74
C PRO B 256 -15.33 -6.76 2.44
N GLY B 257 -14.46 -7.64 1.94
CA GLY B 257 -14.66 -8.35 0.69
C GLY B 257 -14.58 -7.51 -0.57
N GLY B 258 -14.24 -6.23 -0.44
CA GLY B 258 -14.47 -5.26 -1.50
C GLY B 258 -13.31 -5.13 -2.47
N ALA B 259 -13.43 -4.11 -3.33
CA ALA B 259 -12.48 -3.91 -4.42
C ALA B 259 -11.08 -3.59 -3.91
N THR B 260 -11.00 -2.68 -2.95
CA THR B 260 -9.69 -2.21 -2.48
C THR B 260 -8.90 -3.32 -1.79
N ILE B 261 -9.54 -4.09 -0.90
CA ILE B 261 -8.78 -5.13 -0.20
C ILE B 261 -8.32 -6.22 -1.17
N HIS B 262 -9.06 -6.46 -2.26
CA HIS B 262 -8.55 -7.37 -3.27
C HIS B 262 -7.31 -6.80 -3.95
N ALA B 263 -7.30 -5.50 -4.25
CA ALA B 263 -6.12 -4.90 -4.87
C ALA B 263 -4.94 -4.85 -3.91
N LEU B 264 -5.21 -4.58 -2.63
CA LEU B 264 -4.10 -4.57 -1.66
C LEU B 264 -3.43 -5.92 -1.56
N HIS B 265 -4.19 -7.01 -1.69
CA HIS B 265 -3.58 -8.34 -1.66
C HIS B 265 -2.57 -8.52 -2.79
N VAL B 266 -2.91 -8.10 -4.02
CA VAL B 266 -1.95 -8.31 -5.10
C VAL B 266 -0.72 -7.41 -4.92
N LEU B 267 -0.85 -6.21 -4.33
CA LEU B 267 0.35 -5.43 -4.00
C LEU B 267 1.24 -6.20 -3.02
N GLU B 268 0.62 -6.76 -1.97
CA GLU B 268 1.36 -7.51 -0.97
C GLU B 268 2.04 -8.74 -1.58
N SER B 269 1.34 -9.43 -2.48
CA SER B 269 1.91 -10.65 -3.06
C SER B 269 3.16 -10.35 -3.89
N GLY B 270 3.28 -9.13 -4.38
CA GLY B 270 4.48 -8.75 -5.10
C GLY B 270 5.54 -8.12 -4.24
N GLY B 271 5.31 -8.00 -2.92
CA GLY B 271 6.31 -7.37 -2.06
C GLY B 271 6.43 -5.88 -2.30
N PHE B 272 5.31 -5.22 -2.64
CA PHE B 272 5.27 -3.78 -2.88
C PHE B 272 5.97 -2.97 -1.78
N ARG B 273 5.68 -3.28 -0.52
CA ARG B 273 6.32 -2.55 0.57
C ARG B 273 7.83 -2.69 0.52
N SER B 274 8.32 -3.91 0.29
CA SER B 274 9.77 -4.13 0.30
C SER B 274 10.48 -3.35 -0.80
N LEU B 275 9.83 -3.16 -1.95
CA LEU B 275 10.48 -2.44 -3.04
C LEU B 275 10.70 -0.98 -2.67
N LEU B 276 9.73 -0.37 -1.98
CA LEU B 276 9.90 1.00 -1.51
C LEU B 276 10.95 1.10 -0.41
N ILE B 277 11.04 0.10 0.48
CA ILE B 277 12.15 0.11 1.43
C ILE B 277 13.48 -0.03 0.69
N ASN B 278 13.54 -0.95 -0.29
CA ASN B 278 14.74 -1.14 -1.10
C ASN B 278 15.19 0.18 -1.73
N ALA B 279 14.23 0.97 -2.20
CA ALA B 279 14.52 2.21 -2.90
C ALA B 279 15.13 3.26 -1.96
N VAL B 280 14.49 3.52 -0.84
CA VAL B 280 15.06 4.45 0.15
C VAL B 280 16.48 4.02 0.50
N GLU B 281 16.66 2.73 0.76
CA GLU B 281 17.98 2.23 1.13
C GLU B 281 18.99 2.43 -0.01
N ALA B 282 18.59 2.15 -1.26
CA ALA B 282 19.53 2.25 -2.36
C ALA B 282 19.96 3.70 -2.60
N SER B 283 19.00 4.63 -2.49
CA SER B 283 19.31 6.05 -2.67
C SER B 283 20.23 6.55 -1.55
N CYS B 284 19.92 6.17 -0.30
CA CYS B 284 20.75 6.55 0.83
C CYS B 284 22.17 5.99 0.68
N ILE B 285 22.29 4.69 0.38
CA ILE B 285 23.62 4.08 0.24
C ILE B 285 24.42 4.76 -0.87
N ARG B 286 23.78 5.05 -2.00
CA ARG B 286 24.49 5.72 -3.09
C ARG B 286 24.94 7.11 -2.67
N THR B 287 24.11 7.82 -1.91
CA THR B 287 24.51 9.13 -1.39
C THR B 287 25.75 9.00 -0.52
N ARG B 288 25.80 7.98 0.34
CA ARG B 288 26.99 7.77 1.17
C ARG B 288 28.20 7.42 0.30
N GLU B 289 27.99 6.68 -0.78
CA GLU B 289 29.07 6.32 -1.70
C GLU B 289 29.63 7.54 -2.42
N LEU B 290 28.75 8.40 -2.94
CA LEU B 290 29.18 9.59 -3.65
C LEU B 290 30.11 10.43 -2.79
N GLN B 291 29.81 10.53 -1.49
CA GLN B 291 30.67 11.29 -0.61
C GLN B 291 31.96 10.55 -0.25
N SER B 292 31.85 9.27 0.12
CA SER B 292 33.05 8.52 0.45
C SER B 292 34.04 8.45 -0.71
N MET B 293 33.56 8.67 -1.94
CA MET B 293 34.47 8.83 -3.07
C MET B 293 35.02 10.26 -3.14
N ALA B 294 34.22 11.26 -2.74
CA ALA B 294 34.72 12.63 -2.67
C ALA B 294 35.84 12.77 -1.66
N ASP B 295 35.89 11.90 -0.66
CA ASP B 295 36.96 11.94 0.34
C ASP B 295 38.08 10.97 -0.02
N MET C 23 -27.29 -27.40 34.64
CA MET C 23 -27.08 -27.53 33.21
C MET C 23 -26.22 -28.74 32.88
N SER C 24 -26.74 -29.63 32.03
CA SER C 24 -25.99 -30.81 31.58
C SER C 24 -25.62 -30.64 30.11
N VAL C 25 -24.39 -31.03 29.80
CA VAL C 25 -23.78 -30.82 28.48
C VAL C 25 -23.31 -32.16 27.93
N GLY C 26 -23.50 -32.36 26.63
CA GLY C 26 -23.06 -33.57 25.99
C GLY C 26 -22.22 -33.26 24.76
N PHE C 27 -21.37 -34.22 24.39
CA PHE C 27 -20.54 -34.13 23.19
C PHE C 27 -20.78 -35.37 22.33
N ILE C 28 -21.25 -35.16 21.10
CA ILE C 28 -21.22 -36.18 20.07
C ILE C 28 -19.91 -35.98 19.30
N GLY C 29 -19.00 -36.91 19.46
CA GLY C 29 -17.63 -36.74 19.02
C GLY C 29 -16.75 -36.56 20.25
N ALA C 30 -15.57 -37.18 20.22
CA ALA C 30 -14.67 -37.08 21.36
C ALA C 30 -13.23 -36.92 20.91
N GLY C 31 -13.02 -36.19 19.81
CA GLY C 31 -11.69 -35.89 19.32
C GLY C 31 -11.12 -34.67 19.99
N GLN C 32 -10.23 -33.99 19.28
CA GLN C 32 -9.44 -32.90 19.86
C GLN C 32 -10.33 -31.80 20.42
N LEU C 33 -11.33 -31.36 19.65
CA LEU C 33 -12.12 -30.22 20.04
C LEU C 33 -13.04 -30.53 21.22
N ALA C 34 -13.56 -31.75 21.30
CA ALA C 34 -14.39 -32.13 22.45
C ALA C 34 -13.58 -32.09 23.73
N PHE C 35 -12.37 -32.64 23.72
CA PHE C 35 -11.54 -32.58 24.91
C PHE C 35 -11.24 -31.13 25.29
N ALA C 36 -10.88 -30.30 24.31
CA ALA C 36 -10.48 -28.93 24.62
C ALA C 36 -11.60 -28.17 25.29
N LEU C 37 -12.84 -28.30 24.80
CA LEU C 37 -13.96 -27.60 25.43
C LEU C 37 -14.22 -28.12 26.83
N ALA C 38 -14.24 -29.44 27.01
CA ALA C 38 -14.59 -29.99 28.31
C ALA C 38 -13.52 -29.62 29.36
N LYS C 39 -12.25 -29.69 28.98
CA LYS C 39 -11.17 -29.27 29.87
C LYS C 39 -11.30 -27.79 30.21
N GLY C 40 -11.55 -26.95 29.20
CA GLY C 40 -11.71 -25.53 29.46
C GLY C 40 -12.89 -25.22 30.36
N PHE C 41 -14.05 -25.84 30.07
CA PHE C 41 -15.25 -25.59 30.85
C PHE C 41 -15.05 -25.94 32.32
N THR C 42 -14.44 -27.10 32.59
CA THR C 42 -14.28 -27.53 33.97
C THR C 42 -13.17 -26.75 34.66
N ALA C 43 -12.09 -26.44 33.94
CA ALA C 43 -11.08 -25.56 34.49
C ALA C 43 -11.68 -24.20 34.83
N ALA C 44 -12.64 -23.74 34.03
CA ALA C 44 -13.30 -22.47 34.30
C ALA C 44 -14.21 -22.54 35.51
N GLY C 45 -14.57 -23.74 35.97
CA GLY C 45 -15.54 -23.88 37.04
C GLY C 45 -16.98 -23.68 36.64
N VAL C 46 -17.28 -23.55 35.34
CA VAL C 46 -18.67 -23.36 34.95
C VAL C 46 -19.43 -24.67 34.84
N LEU C 47 -18.74 -25.79 34.65
CA LEU C 47 -19.39 -27.09 34.60
C LEU C 47 -18.61 -28.09 35.42
N ALA C 48 -19.33 -28.95 36.14
CA ALA C 48 -18.72 -30.09 36.82
C ALA C 48 -18.47 -31.19 35.81
N ALA C 49 -17.29 -31.82 35.91
CA ALA C 49 -16.93 -32.87 34.97
C ALA C 49 -17.96 -33.99 34.97
N HIS C 50 -18.53 -34.30 36.14
CA HIS C 50 -19.50 -35.38 36.21
C HIS C 50 -20.85 -35.01 35.59
N LYS C 51 -21.08 -33.73 35.29
CA LYS C 51 -22.27 -33.32 34.58
C LYS C 51 -22.07 -33.26 33.07
N ILE C 52 -20.94 -33.77 32.58
CA ILE C 52 -20.59 -33.76 31.16
C ILE C 52 -20.55 -35.19 30.67
N MET C 53 -21.16 -35.44 29.51
CA MET C 53 -21.16 -36.76 28.89
C MET C 53 -20.60 -36.61 27.48
N ALA C 54 -19.86 -37.62 27.02
CA ALA C 54 -19.28 -37.59 25.67
C ALA C 54 -19.37 -38.97 25.04
N SER C 55 -19.68 -39.00 23.74
CA SER C 55 -19.81 -40.24 23.00
C SER C 55 -18.89 -40.23 21.79
N SER C 56 -18.30 -41.39 21.49
CA SER C 56 -17.37 -41.53 20.38
C SER C 56 -17.53 -42.91 19.76
N PRO C 57 -17.29 -43.03 18.44
CA PRO C 57 -17.31 -44.36 17.81
C PRO C 57 -16.04 -45.15 18.09
N ASP C 58 -14.88 -44.50 17.97
CA ASP C 58 -13.60 -45.13 18.26
C ASP C 58 -13.25 -44.87 19.72
N MET C 59 -13.69 -45.76 20.60
CA MET C 59 -13.47 -45.61 22.03
C MET C 59 -12.02 -45.91 22.40
N ASP C 60 -11.10 -45.79 21.44
CA ASP C 60 -9.68 -46.04 21.67
C ASP C 60 -8.82 -44.83 21.32
N LEU C 61 -9.42 -43.70 20.97
CA LEU C 61 -8.66 -42.49 20.74
C LEU C 61 -8.00 -42.03 22.03
N ALA C 62 -6.81 -41.43 21.91
CA ALA C 62 -6.15 -40.88 23.08
C ALA C 62 -6.96 -39.74 23.69
N THR C 63 -7.70 -39.00 22.85
CA THR C 63 -8.60 -37.97 23.36
C THR C 63 -9.71 -38.57 24.22
N VAL C 64 -10.07 -39.83 23.97
CA VAL C 64 -11.12 -40.47 24.76
C VAL C 64 -10.60 -40.81 26.15
N SER C 65 -9.36 -41.29 26.25
CA SER C 65 -8.80 -41.63 27.55
C SER C 65 -8.53 -40.39 28.40
N ALA C 66 -8.28 -39.25 27.76
CA ALA C 66 -8.07 -38.01 28.50
C ALA C 66 -9.35 -37.52 29.15
N LEU C 67 -10.48 -37.57 28.42
CA LEU C 67 -11.76 -37.27 29.03
C LEU C 67 -12.08 -38.24 30.17
N ARG C 68 -11.64 -39.49 30.04
CA ARG C 68 -11.80 -40.45 31.13
C ARG C 68 -11.11 -39.98 32.40
N LYS C 69 -9.82 -39.67 32.31
CA LYS C 69 -9.08 -39.19 33.48
C LYS C 69 -9.67 -37.90 34.03
N MET C 70 -10.31 -37.11 33.18
CA MET C 70 -10.84 -35.81 33.57
C MET C 70 -12.08 -35.92 34.45
N GLY C 71 -12.81 -37.03 34.38
CA GLY C 71 -14.07 -37.19 35.08
C GLY C 71 -15.30 -37.12 34.21
N VAL C 72 -15.15 -36.97 32.90
CA VAL C 72 -16.30 -36.93 32.00
C VAL C 72 -16.91 -38.32 31.89
N LYS C 73 -18.23 -38.38 31.87
CA LYS C 73 -18.92 -39.64 31.61
C LYS C 73 -18.82 -40.00 30.14
N LEU C 74 -18.40 -41.22 29.85
CA LEU C 74 -18.19 -41.68 28.48
C LEU C 74 -19.21 -42.75 28.12
N THR C 75 -19.40 -42.94 26.81
CA THR C 75 -20.37 -43.89 26.27
C THR C 75 -20.16 -44.03 24.77
N PRO C 76 -20.41 -45.20 24.19
CA PRO C 76 -20.35 -45.33 22.73
C PRO C 76 -21.66 -44.98 22.03
N HIS C 77 -22.77 -44.89 22.76
CA HIS C 77 -24.09 -44.73 22.18
C HIS C 77 -24.45 -43.24 22.09
N ASN C 78 -24.53 -42.72 20.86
CA ASN C 78 -24.92 -41.32 20.66
C ASN C 78 -26.27 -41.00 21.31
N LYS C 79 -27.16 -41.99 21.40
CA LYS C 79 -28.48 -41.73 21.98
C LYS C 79 -28.39 -41.45 23.47
N GLU C 80 -27.47 -42.09 24.18
CA GLU C 80 -27.33 -41.86 25.62
C GLU C 80 -26.92 -40.41 25.91
N THR C 81 -25.96 -39.88 25.14
CA THR C 81 -25.56 -38.49 25.31
C THR C 81 -26.75 -37.56 25.14
N VAL C 82 -27.55 -37.77 24.10
CA VAL C 82 -28.72 -36.92 23.85
C VAL C 82 -29.66 -36.94 25.04
N GLN C 83 -30.00 -38.14 25.53
CA GLN C 83 -30.95 -38.26 26.64
C GLN C 83 -30.42 -37.69 27.95
N HIS C 84 -29.10 -37.55 28.09
CA HIS C 84 -28.51 -37.11 29.35
C HIS C 84 -28.20 -35.62 29.39
N SER C 85 -28.23 -34.91 28.25
CA SER C 85 -27.76 -33.54 28.23
C SER C 85 -28.85 -32.59 27.75
N ASP C 86 -28.69 -31.31 28.09
CA ASP C 86 -29.55 -30.22 27.64
C ASP C 86 -28.91 -29.45 26.49
N VAL C 87 -27.66 -29.04 26.66
CA VAL C 87 -26.87 -28.46 25.58
C VAL C 87 -26.10 -29.59 24.91
N LEU C 88 -26.22 -29.68 23.59
CA LEU C 88 -25.68 -30.79 22.82
C LEU C 88 -24.68 -30.27 21.79
N PHE C 89 -23.38 -30.46 22.06
CA PHE C 89 -22.35 -30.10 21.12
C PHE C 89 -22.14 -31.21 20.10
N LEU C 90 -22.13 -30.85 18.82
CA LEU C 90 -21.75 -31.77 17.74
C LEU C 90 -20.30 -31.46 17.40
N ALA C 91 -19.40 -32.32 17.88
CA ALA C 91 -17.96 -32.15 17.70
C ALA C 91 -17.39 -33.18 16.74
N VAL C 92 -18.09 -33.42 15.64
CA VAL C 92 -17.70 -34.43 14.67
C VAL C 92 -17.22 -33.72 13.40
N LYS C 93 -16.55 -34.49 12.55
CA LYS C 93 -16.13 -33.97 11.26
C LYS C 93 -17.35 -33.53 10.45
N PRO C 94 -17.19 -32.53 9.58
CA PRO C 94 -18.36 -32.00 8.85
C PRO C 94 -19.02 -33.02 7.95
N HIS C 95 -18.30 -34.05 7.48
CA HIS C 95 -18.92 -35.04 6.62
C HIS C 95 -19.78 -36.04 7.38
N ILE C 96 -19.70 -36.09 8.71
CA ILE C 96 -20.47 -37.04 9.50
C ILE C 96 -21.74 -36.43 10.09
N ILE C 97 -21.89 -35.11 10.04
CA ILE C 97 -23.07 -34.46 10.64
C ILE C 97 -24.38 -35.04 10.13
N PRO C 98 -24.61 -35.24 8.82
CA PRO C 98 -25.92 -35.78 8.39
C PRO C 98 -26.21 -37.14 8.98
N PHE C 99 -25.21 -38.01 9.10
CA PHE C 99 -25.43 -39.32 9.71
C PHE C 99 -25.75 -39.20 11.19
N ILE C 100 -25.12 -38.25 11.89
CA ILE C 100 -25.45 -38.03 13.29
C ILE C 100 -26.88 -37.55 13.42
N LEU C 101 -27.26 -36.57 12.61
CA LEU C 101 -28.62 -36.03 12.67
C LEU C 101 -29.65 -37.11 12.36
N ASP C 102 -29.36 -37.98 11.39
CA ASP C 102 -30.27 -39.08 11.09
C ASP C 102 -30.30 -40.11 12.20
N GLU C 103 -29.23 -40.22 12.98
CA GLU C 103 -29.22 -41.19 14.08
C GLU C 103 -30.01 -40.70 15.28
N ILE C 104 -29.85 -39.43 15.66
CA ILE C 104 -30.39 -38.91 16.91
C ILE C 104 -31.58 -37.99 16.71
N GLY C 105 -31.96 -37.68 15.46
CA GLY C 105 -32.99 -36.69 15.21
C GLY C 105 -34.30 -37.00 15.91
N ALA C 106 -34.66 -38.27 16.00
CA ALA C 106 -35.90 -38.65 16.69
C ALA C 106 -35.81 -38.46 18.20
N ASP C 107 -34.60 -38.27 18.73
CA ASP C 107 -34.40 -38.14 20.17
C ASP C 107 -34.35 -36.70 20.66
N ILE C 108 -34.27 -35.73 19.75
CA ILE C 108 -34.19 -34.33 20.17
C ILE C 108 -35.55 -33.88 20.69
N GLU C 109 -35.54 -33.13 21.79
CA GLU C 109 -36.77 -32.71 22.44
C GLU C 109 -36.83 -31.19 22.52
N ASP C 110 -37.91 -30.68 23.11
CA ASP C 110 -38.08 -29.25 23.30
C ASP C 110 -36.93 -28.64 24.08
N ARG C 111 -36.36 -29.38 25.04
CA ARG C 111 -35.36 -28.82 25.94
C ARG C 111 -34.00 -28.64 25.27
N HIS C 112 -33.71 -29.39 24.20
CA HIS C 112 -32.35 -29.44 23.67
C HIS C 112 -31.98 -28.15 22.96
N ILE C 113 -30.75 -27.71 23.20
CA ILE C 113 -30.06 -26.73 22.35
C ILE C 113 -28.95 -27.49 21.63
N VAL C 114 -29.05 -27.57 20.31
CA VAL C 114 -28.06 -28.28 19.50
C VAL C 114 -27.05 -27.28 19.00
N VAL C 115 -25.78 -27.48 19.36
CA VAL C 115 -24.67 -26.59 19.02
C VAL C 115 -23.73 -27.34 18.09
N SER C 116 -23.68 -26.94 16.82
CA SER C 116 -22.81 -27.59 15.84
C SER C 116 -21.50 -26.81 15.75
N CYS C 117 -20.39 -27.49 16.05
CA CYS C 117 -19.07 -26.91 15.85
C CYS C 117 -18.40 -27.39 14.56
N ALA C 118 -19.14 -28.09 13.70
CA ALA C 118 -18.56 -28.61 12.47
C ALA C 118 -18.31 -27.48 11.48
N ALA C 119 -17.11 -27.44 10.92
CA ALA C 119 -16.77 -26.35 10.02
C ALA C 119 -17.59 -26.43 8.74
N GLY C 120 -18.08 -25.28 8.30
CA GLY C 120 -18.81 -25.16 7.06
C GLY C 120 -20.30 -25.47 7.14
N VAL C 121 -20.72 -26.33 8.08
CA VAL C 121 -22.09 -26.86 8.08
C VAL C 121 -23.07 -25.76 8.43
N THR C 122 -24.06 -25.54 7.56
CA THR C 122 -24.98 -24.43 7.73
C THR C 122 -26.08 -24.77 8.74
N ILE C 123 -26.56 -23.74 9.42
CA ILE C 123 -27.75 -23.90 10.25
C ILE C 123 -28.90 -24.45 9.43
N SER C 124 -29.05 -23.97 8.20
CA SER C 124 -30.12 -24.42 7.32
C SER C 124 -30.11 -25.94 7.16
N SER C 125 -28.92 -26.50 6.88
CA SER C 125 -28.83 -27.95 6.66
C SER C 125 -29.13 -28.74 7.93
N ILE C 126 -28.75 -28.22 9.09
CA ILE C 126 -29.07 -28.91 10.35
C ILE C 126 -30.56 -28.83 10.62
N GLU C 127 -31.14 -27.64 10.46
CA GLU C 127 -32.57 -27.47 10.73
C GLU C 127 -33.41 -28.30 9.77
N LYS C 128 -32.95 -28.45 8.53
CA LYS C 128 -33.70 -29.23 7.55
C LYS C 128 -33.77 -30.70 7.97
N LYS C 129 -32.62 -31.27 8.36
CA LYS C 129 -32.61 -32.67 8.78
C LYS C 129 -33.41 -32.88 10.06
N LEU C 130 -33.25 -31.98 11.04
CA LEU C 130 -33.93 -32.18 12.31
C LEU C 130 -35.42 -31.89 12.23
N SER C 131 -35.83 -30.95 11.37
CA SER C 131 -37.26 -30.61 11.28
C SER C 131 -38.10 -31.76 10.76
N ALA C 132 -37.49 -32.73 10.06
CA ALA C 132 -38.19 -33.92 9.63
C ALA C 132 -38.66 -34.80 10.79
N PHE C 133 -38.18 -34.55 12.00
CA PHE C 133 -38.54 -35.32 13.19
C PHE C 133 -39.42 -34.55 14.15
N ARG C 134 -39.07 -33.29 14.47
CA ARG C 134 -39.87 -32.47 15.34
C ARG C 134 -39.68 -31.02 14.89
N PRO C 135 -40.74 -30.24 14.77
CA PRO C 135 -40.61 -28.85 14.34
C PRO C 135 -39.89 -28.00 15.37
N ALA C 136 -39.38 -26.87 14.91
CA ALA C 136 -38.67 -25.85 15.68
C ALA C 136 -37.45 -26.36 16.47
N PRO C 137 -36.52 -27.12 15.87
CA PRO C 137 -35.30 -27.44 16.61
C PRO C 137 -34.51 -26.18 16.93
N ARG C 138 -33.97 -26.12 18.15
CA ARG C 138 -33.16 -25.00 18.61
C ARG C 138 -31.71 -25.29 18.25
N VAL C 139 -31.17 -24.56 17.27
CA VAL C 139 -29.84 -24.83 16.71
C VAL C 139 -28.97 -23.60 16.86
N ILE C 140 -27.72 -23.81 17.27
CA ILE C 140 -26.69 -22.79 17.28
C ILE C 140 -25.51 -23.32 16.47
N ARG C 141 -24.88 -22.45 15.69
CA ARG C 141 -23.67 -22.80 14.97
C ARG C 141 -22.51 -22.06 15.59
N CYS C 142 -21.42 -22.78 15.87
CA CYS C 142 -20.29 -22.24 16.60
C CYS C 142 -19.02 -22.53 15.80
N MET C 143 -18.06 -21.60 15.89
CA MET C 143 -16.73 -21.82 15.33
C MET C 143 -15.76 -21.42 16.42
N THR C 144 -15.03 -22.40 16.93
CA THR C 144 -14.13 -22.16 18.05
C THR C 144 -12.75 -22.69 17.67
N ASN C 145 -11.82 -22.76 18.62
CA ASN C 145 -10.49 -23.26 18.30
C ASN C 145 -9.90 -23.92 19.53
N THR C 146 -8.76 -24.57 19.34
CA THR C 146 -8.22 -25.44 20.39
C THR C 146 -7.80 -24.69 21.66
N PRO C 147 -7.35 -23.40 21.61
CA PRO C 147 -6.91 -22.76 22.86
C PRO C 147 -7.99 -22.56 23.91
N VAL C 148 -9.22 -23.00 23.65
CA VAL C 148 -10.19 -23.11 24.75
C VAL C 148 -9.64 -24.02 25.85
N VAL C 149 -8.71 -24.92 25.52
CA VAL C 149 -8.14 -25.83 26.51
C VAL C 149 -7.36 -25.08 27.58
N VAL C 150 -6.87 -23.88 27.27
CA VAL C 150 -6.22 -23.03 28.26
C VAL C 150 -7.05 -21.76 28.49
N ARG C 151 -8.34 -21.82 28.16
CA ARG C 151 -9.29 -20.75 28.44
C ARG C 151 -8.92 -19.46 27.72
N GLU C 152 -8.31 -19.57 26.55
CA GLU C 152 -7.98 -18.42 25.72
C GLU C 152 -8.43 -18.66 24.29
N GLY C 153 -9.56 -19.32 24.12
CA GLY C 153 -10.07 -19.55 22.78
C GLY C 153 -10.65 -18.30 22.16
N ALA C 154 -11.00 -18.43 20.89
CA ALA C 154 -11.70 -17.40 20.13
C ALA C 154 -12.91 -18.08 19.51
N THR C 155 -14.10 -17.64 19.91
CA THR C 155 -15.34 -18.31 19.52
C THR C 155 -16.31 -17.27 18.95
N VAL C 156 -16.93 -17.61 17.81
CA VAL C 156 -18.11 -16.89 17.37
C VAL C 156 -19.25 -17.89 17.24
N TYR C 157 -20.48 -17.39 17.34
CA TYR C 157 -21.65 -18.24 17.18
C TYR C 157 -22.73 -17.49 16.41
N ALA C 158 -23.60 -18.25 15.75
CA ALA C 158 -24.79 -17.71 15.09
C ALA C 158 -25.99 -18.49 15.59
N THR C 159 -27.09 -17.78 15.84
CA THR C 159 -28.31 -18.42 16.34
C THR C 159 -29.22 -18.86 15.18
N GLY C 160 -29.88 -19.99 15.40
CA GLY C 160 -30.77 -20.55 14.40
C GLY C 160 -32.13 -19.88 14.38
N THR C 161 -32.98 -20.40 13.48
CA THR C 161 -34.31 -19.84 13.28
C THR C 161 -35.15 -19.90 14.56
N HIS C 162 -35.03 -20.99 15.32
CA HIS C 162 -35.91 -21.25 16.45
C HIS C 162 -35.18 -21.16 17.78
N ALA C 163 -33.91 -20.74 17.75
CA ALA C 163 -33.18 -20.49 18.99
C ALA C 163 -33.78 -19.27 19.68
N GLN C 164 -34.24 -19.45 20.92
CA GLN C 164 -34.80 -18.34 21.67
C GLN C 164 -33.70 -17.36 22.08
N VAL C 165 -34.11 -16.22 22.63
CA VAL C 165 -33.15 -15.18 23.00
C VAL C 165 -32.22 -15.67 24.10
N GLU C 166 -32.78 -16.35 25.11
CA GLU C 166 -31.93 -16.88 26.18
C GLU C 166 -30.95 -17.94 25.68
N ASP C 167 -31.22 -18.56 24.53
CA ASP C 167 -30.30 -19.56 24.00
C ASP C 167 -28.97 -18.93 23.62
N GLY C 168 -29.01 -17.83 22.86
CA GLY C 168 -27.79 -17.13 22.51
C GLY C 168 -27.05 -16.57 23.71
N ARG C 169 -27.79 -15.97 24.65
CA ARG C 169 -27.15 -15.39 25.83
C ARG C 169 -26.52 -16.47 26.70
N LEU C 170 -27.18 -17.62 26.84
CA LEU C 170 -26.60 -18.75 27.56
C LEU C 170 -25.33 -19.24 26.87
N MET C 171 -25.40 -19.39 25.55
CA MET C 171 -24.23 -19.82 24.78
CA MET C 171 -24.22 -19.84 24.82
C MET C 171 -23.06 -18.87 24.97
N GLU C 172 -23.33 -17.56 24.91
CA GLU C 172 -22.24 -16.60 25.08
C GLU C 172 -21.67 -16.67 26.49
N GLN C 173 -22.54 -16.84 27.48
CA GLN C 173 -22.06 -16.97 28.86
C GLN C 173 -21.16 -18.19 29.02
N LEU C 174 -21.54 -19.31 28.42
CA LEU C 174 -20.74 -20.53 28.53
C LEU C 174 -19.41 -20.38 27.79
N LEU C 175 -19.45 -19.96 26.54
CA LEU C 175 -18.21 -19.92 25.76
C LEU C 175 -17.31 -18.74 26.11
N SER C 176 -17.85 -17.70 26.75
CA SER C 176 -16.97 -16.62 27.23
C SER C 176 -16.11 -17.08 28.40
N SER C 177 -16.48 -18.18 29.06
CA SER C 177 -15.64 -18.65 30.15
C SER C 177 -14.35 -19.29 29.65
N VAL C 178 -14.25 -19.62 28.36
CA VAL C 178 -13.06 -20.28 27.84
C VAL C 178 -12.37 -19.44 26.77
N GLY C 179 -12.69 -18.15 26.71
CA GLY C 179 -12.00 -17.24 25.80
C GLY C 179 -12.96 -16.16 25.32
N PHE C 180 -12.55 -15.50 24.25
CA PHE C 180 -13.39 -14.47 23.66
C PHE C 180 -14.58 -15.11 22.96
N CYS C 181 -15.75 -14.50 23.11
CA CYS C 181 -16.94 -15.02 22.45
C CYS C 181 -17.82 -13.87 21.99
N THR C 182 -18.29 -13.94 20.76
CA THR C 182 -19.25 -12.94 20.29
C THR C 182 -20.19 -13.55 19.25
N GLU C 183 -21.37 -12.97 19.13
CA GLU C 183 -22.33 -13.38 18.13
C GLU C 183 -21.97 -12.76 16.79
N VAL C 184 -22.21 -13.51 15.71
CA VAL C 184 -22.03 -13.00 14.35
C VAL C 184 -23.19 -13.48 13.49
N GLU C 185 -23.41 -12.77 12.39
CA GLU C 185 -24.22 -13.32 11.30
C GLU C 185 -23.53 -14.55 10.74
N GLU C 186 -24.32 -15.57 10.43
CA GLU C 186 -23.78 -16.85 10.02
C GLU C 186 -22.88 -16.74 8.79
N ASP C 187 -23.15 -15.76 7.91
CA ASP C 187 -22.34 -15.67 6.69
C ASP C 187 -20.92 -15.19 6.94
N LEU C 188 -20.56 -14.85 8.17
CA LEU C 188 -19.17 -14.52 8.49
C LEU C 188 -18.38 -15.72 8.97
N ILE C 189 -19.03 -16.85 9.25
CA ILE C 189 -18.36 -17.92 9.99
C ILE C 189 -17.29 -18.61 9.16
N ASP C 190 -17.48 -18.73 7.85
CA ASP C 190 -16.43 -19.37 7.04
C ASP C 190 -15.16 -18.53 7.07
N ALA C 191 -15.30 -17.20 7.07
CA ALA C 191 -14.16 -16.31 7.18
C ALA C 191 -13.51 -16.42 8.55
N VAL C 192 -14.31 -16.47 9.62
CA VAL C 192 -13.77 -16.67 10.96
C VAL C 192 -12.95 -17.95 11.00
N THR C 193 -13.46 -19.02 10.35
CA THR C 193 -12.72 -20.29 10.32
C THR C 193 -11.32 -20.09 9.74
N GLY C 194 -11.22 -19.34 8.64
CA GLY C 194 -9.91 -19.09 8.06
C GLY C 194 -8.98 -18.27 8.93
N LEU C 195 -9.53 -17.47 9.84
CA LEU C 195 -8.73 -16.56 10.66
C LEU C 195 -8.43 -17.17 12.03
N SER C 196 -9.43 -17.28 12.91
CA SER C 196 -9.17 -17.81 14.25
C SER C 196 -9.37 -19.31 14.38
N GLY C 197 -10.17 -19.94 13.51
CA GLY C 197 -10.26 -21.40 13.55
C GLY C 197 -8.94 -22.06 13.18
N SER C 198 -8.33 -21.63 12.08
CA SER C 198 -7.05 -22.15 11.62
C SER C 198 -5.87 -21.38 12.21
N GLY C 199 -6.12 -20.19 12.78
CA GLY C 199 -5.04 -19.37 13.28
C GLY C 199 -4.04 -20.02 14.20
N PRO C 200 -4.46 -20.86 15.15
CA PRO C 200 -3.45 -21.44 16.04
C PRO C 200 -2.42 -22.25 15.28
N ALA C 201 -2.83 -22.92 14.21
CA ALA C 201 -1.89 -23.69 13.40
C ALA C 201 -0.86 -22.78 12.71
N TYR C 202 -1.30 -21.62 12.21
CA TYR C 202 -0.33 -20.67 11.67
C TYR C 202 0.67 -20.27 12.74
N ALA C 203 0.19 -20.05 13.97
CA ALA C 203 1.06 -19.64 15.06
C ALA C 203 2.03 -20.74 15.47
N PHE C 204 1.55 -21.99 15.53
CA PHE C 204 2.44 -23.10 15.86
C PHE C 204 3.54 -23.24 14.81
N THR C 205 3.18 -23.06 13.53
CA THR C 205 4.18 -23.09 12.46
C THR C 205 5.19 -21.97 12.64
N ALA C 206 4.70 -20.76 12.92
CA ALA C 206 5.56 -19.60 13.14
C ALA C 206 6.48 -19.80 14.33
N LEU C 207 5.96 -20.41 15.40
CA LEU C 207 6.78 -20.64 16.59
C LEU C 207 7.87 -21.69 16.36
N ASP C 208 7.55 -22.74 15.61
CA ASP C 208 8.58 -23.72 15.24
C ASP C 208 9.68 -23.04 14.43
N ALA C 209 9.31 -22.16 13.50
CA ALA C 209 10.29 -21.53 12.62
C ALA C 209 11.12 -20.51 13.37
N LEU C 210 10.48 -19.70 14.22
CA LEU C 210 11.25 -18.75 15.04
C LEU C 210 12.24 -19.49 15.92
N ALA C 211 11.83 -20.64 16.49
CA ALA C 211 12.76 -21.42 17.31
C ALA C 211 13.93 -21.94 16.48
N ASP C 212 13.67 -22.44 15.26
CA ASP C 212 14.74 -22.81 14.36
C ASP C 212 15.71 -21.65 14.14
N GLY C 213 15.17 -20.44 13.95
CA GLY C 213 16.02 -19.25 13.80
C GLY C 213 16.85 -18.97 15.03
N GLY C 214 16.24 -19.08 16.23
CA GLY C 214 17.02 -18.92 17.45
C GLY C 214 18.12 -19.95 17.58
N VAL C 215 17.82 -21.19 17.22
CA VAL C 215 18.83 -22.26 17.25
C VAL C 215 19.93 -22.00 16.25
N LYS C 216 19.59 -21.58 15.02
CA LYS C 216 20.63 -21.25 14.04
C LYS C 216 21.60 -20.21 14.59
N MET C 217 21.09 -19.25 15.34
CA MET C 217 21.90 -18.16 15.89
C MET C 217 22.53 -18.50 17.24
N GLY C 218 22.37 -19.72 17.74
CA GLY C 218 23.16 -20.20 18.87
C GLY C 218 22.40 -20.45 20.16
N LEU C 219 21.07 -20.26 20.17
CA LEU C 219 20.28 -20.54 21.37
C LEU C 219 19.95 -22.03 21.47
N PRO C 220 19.91 -22.55 22.70
CA PRO C 220 19.37 -23.91 22.90
C PRO C 220 17.89 -23.95 22.55
N ARG C 221 17.46 -25.10 22.02
CA ARG C 221 16.11 -25.22 21.49
C ARG C 221 15.06 -24.88 22.55
N ARG C 222 15.22 -25.43 23.75
CA ARG C 222 14.21 -25.19 24.79
C ARG C 222 14.05 -23.70 25.06
N LEU C 223 15.17 -22.97 25.19
CA LEU C 223 15.11 -21.53 25.43
C LEU C 223 14.50 -20.80 24.24
N ALA C 224 14.87 -21.18 23.03
CA ALA C 224 14.33 -20.50 21.86
C ALA C 224 12.82 -20.68 21.75
N VAL C 225 12.32 -21.88 22.08
CA VAL C 225 10.87 -22.10 22.06
C VAL C 225 10.18 -21.20 23.08
N ARG C 226 10.72 -21.16 24.31
CA ARG C 226 10.11 -20.40 25.40
C ARG C 226 10.09 -18.91 25.06
N LEU C 227 11.20 -18.38 24.55
CA LEU C 227 11.28 -16.96 24.24
C LEU C 227 10.37 -16.59 23.08
N GLY C 228 10.35 -17.40 22.02
CA GLY C 228 9.48 -17.09 20.90
C GLY C 228 8.01 -17.13 21.29
N ALA C 229 7.62 -18.13 22.07
CA ALA C 229 6.22 -18.21 22.50
C ALA C 229 5.86 -17.04 23.41
N GLN C 230 6.76 -16.69 24.33
CA GLN C 230 6.51 -15.53 25.17
C GLN C 230 6.41 -14.26 24.34
N ALA C 231 7.26 -14.13 23.32
CA ALA C 231 7.20 -12.94 22.47
C ALA C 231 5.82 -12.82 21.82
N LEU C 232 5.32 -13.93 21.28
CA LEU C 232 4.04 -13.90 20.58
C LEU C 232 2.90 -13.64 21.57
N LEU C 233 2.95 -14.27 22.74
CA LEU C 233 1.91 -14.04 23.74
C LEU C 233 1.88 -12.58 24.17
N GLY C 234 3.04 -11.98 24.42
CA GLY C 234 3.05 -10.62 24.92
C GLY C 234 2.58 -9.61 23.87
N ALA C 235 2.96 -9.83 22.62
CA ALA C 235 2.55 -8.93 21.56
C ALA C 235 1.04 -8.99 21.36
N ALA C 236 0.50 -10.20 21.34
CA ALA C 236 -0.94 -10.37 21.21
C ALA C 236 -1.67 -9.68 22.35
N LYS C 237 -1.19 -9.85 23.57
CA LYS C 237 -1.81 -9.18 24.71
C LYS C 237 -1.69 -7.67 24.61
N MET C 238 -0.53 -7.16 24.20
CA MET C 238 -0.39 -5.72 23.99
C MET C 238 -1.47 -5.19 23.05
N LEU C 239 -1.66 -5.88 21.92
CA LEU C 239 -2.62 -5.41 20.93
C LEU C 239 -4.05 -5.49 21.47
N LEU C 240 -4.39 -6.58 22.16
CA LEU C 240 -5.73 -6.69 22.73
C LEU C 240 -5.99 -5.63 23.79
N HIS C 241 -4.95 -5.22 24.51
CA HIS C 241 -5.11 -4.26 25.60
C HIS C 241 -4.88 -2.81 25.17
N SER C 242 -4.49 -2.57 23.93
CA SER C 242 -4.21 -1.24 23.44
C SER C 242 -5.31 -0.80 22.48
N GLU C 243 -5.54 0.51 22.43
CA GLU C 243 -6.43 1.04 21.41
C GLU C 243 -5.74 1.21 20.06
N GLN C 244 -4.43 0.95 19.98
CA GLN C 244 -3.64 1.41 18.85
C GLN C 244 -3.60 0.36 17.74
N HIS C 245 -3.37 0.86 16.54
CA HIS C 245 -3.27 0.01 15.36
C HIS C 245 -2.02 -0.86 15.44
N PRO C 246 -2.07 -2.12 14.98
CA PRO C 246 -0.87 -2.97 15.04
C PRO C 246 0.32 -2.37 14.29
N GLY C 247 0.08 -1.59 13.23
CA GLY C 247 1.18 -0.87 12.60
C GLY C 247 1.83 0.14 13.53
N GLN C 248 1.03 0.80 14.38
CA GLN C 248 1.61 1.77 15.31
C GLN C 248 2.44 1.08 16.39
N LEU C 249 1.96 -0.05 16.90
CA LEU C 249 2.77 -0.80 17.87
C LEU C 249 4.05 -1.29 17.23
N LYS C 250 3.97 -1.70 15.96
CA LYS C 250 5.16 -2.04 15.19
C LYS C 250 6.14 -0.88 15.14
N ASP C 251 5.65 0.32 14.86
CA ASP C 251 6.52 1.49 14.81
C ASP C 251 7.24 1.71 16.14
N ASN C 252 6.55 1.44 17.26
CA ASN C 252 7.14 1.67 18.59
C ASN C 252 8.28 0.70 18.90
N VAL C 253 8.22 -0.52 18.38
CA VAL C 253 9.29 -1.49 18.61
C VAL C 253 10.56 -1.10 17.88
N SER C 254 10.42 -0.52 16.68
CA SER C 254 11.51 -0.43 15.72
C SER C 254 12.29 0.86 15.93
N SER C 255 13.44 0.73 16.57
CA SER C 255 14.38 1.85 16.72
C SER C 255 15.09 2.16 15.39
N PRO C 256 15.28 3.44 15.05
CA PRO C 256 15.89 3.77 13.76
C PRO C 256 17.26 3.14 13.58
N GLY C 257 17.45 2.53 12.41
CA GLY C 257 18.68 1.86 12.06
C GLY C 257 18.92 0.54 12.76
N GLY C 258 17.96 0.07 13.56
CA GLY C 258 18.20 -0.97 14.53
C GLY C 258 17.96 -2.39 14.03
N ALA C 259 18.05 -3.33 14.97
CA ALA C 259 17.96 -4.75 14.64
C ALA C 259 16.56 -5.09 14.13
N THR C 260 15.52 -4.56 14.79
CA THR C 260 14.17 -4.96 14.44
C THR C 260 13.79 -4.49 13.04
N ILE C 261 14.10 -3.25 12.68
CA ILE C 261 13.68 -2.75 11.38
C ILE C 261 14.44 -3.48 10.27
N HIS C 262 15.70 -3.92 10.54
CA HIS C 262 16.40 -4.77 9.57
C HIS C 262 15.70 -6.12 9.38
N ALA C 263 15.21 -6.73 10.45
CA ALA C 263 14.50 -8.00 10.34
C ALA C 263 13.15 -7.81 9.64
N LEU C 264 12.47 -6.69 9.91
CA LEU C 264 11.17 -6.47 9.26
C LEU C 264 11.34 -6.33 7.75
N HIS C 265 12.44 -5.72 7.30
CA HIS C 265 12.71 -5.64 5.87
C HIS C 265 12.77 -7.02 5.23
N VAL C 266 13.50 -7.97 5.86
CA VAL C 266 13.61 -9.28 5.23
C VAL C 266 12.25 -10.01 5.25
N LEU C 267 11.40 -9.77 6.25
CA LEU C 267 10.04 -10.34 6.16
C LEU C 267 9.28 -9.77 4.97
N GLU C 268 9.33 -8.44 4.80
CA GLU C 268 8.66 -7.79 3.68
C GLU C 268 9.18 -8.30 2.35
N SER C 269 10.49 -8.50 2.24
CA SER C 269 11.05 -8.93 0.97
C SER C 269 10.54 -10.30 0.57
N GLY C 270 10.16 -11.13 1.53
CA GLY C 270 9.60 -12.43 1.22
C GLY C 270 8.10 -12.42 1.06
N GLY C 271 7.45 -11.27 1.16
CA GLY C 271 6.00 -11.26 1.04
C GLY C 271 5.30 -11.89 2.22
N PHE C 272 5.90 -11.76 3.41
CA PHE C 272 5.35 -12.31 4.65
C PHE C 272 3.87 -12.02 4.82
N ARG C 273 3.48 -10.74 4.66
CA ARG C 273 2.08 -10.37 4.87
C ARG C 273 1.19 -11.11 3.89
N SER C 274 1.59 -11.18 2.63
CA SER C 274 0.73 -11.83 1.64
C SER C 274 0.53 -13.32 1.94
N LEU C 275 1.53 -13.97 2.55
CA LEU C 275 1.37 -15.40 2.86
C LEU C 275 0.27 -15.62 3.88
N LEU C 276 0.19 -14.75 4.88
CA LEU C 276 -0.87 -14.84 5.88
C LEU C 276 -2.23 -14.52 5.27
N ILE C 277 -2.31 -13.53 4.37
CA ILE C 277 -3.56 -13.31 3.66
C ILE C 277 -3.93 -14.54 2.85
N ASN C 278 -2.96 -15.11 2.12
CA ASN C 278 -3.20 -16.34 1.37
C ASN C 278 -3.78 -17.44 2.25
N ALA C 279 -3.25 -17.57 3.47
CA ALA C 279 -3.67 -18.64 4.37
C ALA C 279 -5.13 -18.47 4.78
N VAL C 280 -5.50 -17.28 5.28
CA VAL C 280 -6.89 -17.04 5.69
C VAL C 280 -7.83 -17.30 4.52
N GLU C 281 -7.45 -16.81 3.34
CA GLU C 281 -8.26 -17.02 2.14
C GLU C 281 -8.40 -18.52 1.83
N ALA C 282 -7.30 -19.28 1.89
CA ALA C 282 -7.36 -20.68 1.50
C ALA C 282 -8.21 -21.48 2.48
N SER C 283 -8.09 -21.20 3.77
CA SER C 283 -8.88 -21.94 4.76
C SER C 283 -10.35 -21.60 4.61
N CYS C 284 -10.66 -20.31 4.39
CA CYS C 284 -12.04 -19.90 4.17
C CYS C 284 -12.62 -20.56 2.91
N ILE C 285 -11.89 -20.50 1.79
CA ILE C 285 -12.39 -21.08 0.54
C ILE C 285 -12.61 -22.59 0.68
N ARG C 286 -11.67 -23.29 1.31
CA ARG C 286 -11.85 -24.73 1.53
C ARG C 286 -13.09 -25.00 2.38
N THR C 287 -13.33 -24.17 3.39
CA THR C 287 -14.51 -24.36 4.22
C THR C 287 -15.78 -24.23 3.39
N ARG C 288 -15.80 -23.27 2.47
CA ARG C 288 -16.94 -23.10 1.57
C ARG C 288 -17.10 -24.31 0.63
N GLU C 289 -15.99 -24.82 0.09
CA GLU C 289 -16.04 -26.03 -0.73
C GLU C 289 -16.62 -27.20 0.03
N LEU C 290 -16.14 -27.43 1.24
CA LEU C 290 -16.60 -28.57 2.02
C LEU C 290 -18.11 -28.52 2.21
N GLN C 291 -18.67 -27.33 2.41
CA GLN C 291 -20.11 -27.25 2.56
C GLN C 291 -20.83 -27.39 1.21
N SER C 292 -20.29 -26.79 0.14
CA SER C 292 -20.89 -26.98 -1.17
C SER C 292 -20.94 -28.46 -1.56
N MET C 293 -19.88 -29.22 -1.21
CA MET C 293 -19.91 -30.65 -1.47
C MET C 293 -20.97 -31.34 -0.63
N ALA C 294 -21.23 -30.85 0.59
CA ALA C 294 -22.30 -31.40 1.42
C ALA C 294 -23.66 -31.09 0.83
N ASP C 295 -23.90 -29.84 0.46
CA ASP C 295 -25.19 -29.45 -0.10
C ASP C 295 -25.34 -29.97 -1.53
N ASN D 17 10.36 -9.40 48.50
CA ASN D 17 9.91 -8.04 48.23
C ASN D 17 10.79 -7.00 48.93
N LEU D 18 11.58 -7.46 49.91
CA LEU D 18 12.54 -6.57 50.57
C LEU D 18 13.65 -6.11 49.63
N TYR D 19 13.79 -6.74 48.46
CA TYR D 19 14.68 -6.21 47.43
C TYR D 19 14.22 -4.84 46.96
N PHE D 20 12.91 -4.66 46.79
CA PHE D 20 12.33 -3.44 46.24
C PHE D 20 11.90 -2.44 47.31
N GLN D 21 12.22 -2.71 48.57
CA GLN D 21 11.74 -1.90 49.69
C GLN D 21 12.03 -0.42 49.50
N SER D 22 13.31 -0.04 49.52
CA SER D 22 13.72 1.35 49.38
C SER D 22 14.44 1.61 48.06
N MET D 23 14.29 0.71 47.10
CA MET D 23 15.02 0.84 45.84
C MET D 23 14.46 1.96 44.99
N SER D 24 15.37 2.76 44.42
CA SER D 24 15.00 3.76 43.41
C SER D 24 15.61 3.38 42.08
N VAL D 25 14.88 3.69 41.00
CA VAL D 25 15.24 3.28 39.66
C VAL D 25 15.38 4.51 38.78
N GLY D 26 16.38 4.50 37.91
CA GLY D 26 16.58 5.57 36.97
C GLY D 26 16.71 5.06 35.55
N PHE D 27 16.16 5.81 34.61
CA PHE D 27 16.29 5.54 33.19
C PHE D 27 17.07 6.67 32.54
N ILE D 28 18.23 6.35 31.99
CA ILE D 28 18.92 7.27 31.09
C ILE D 28 18.41 6.96 29.70
N GLY D 29 17.62 7.88 29.15
CA GLY D 29 16.83 7.62 27.96
C GLY D 29 15.36 7.58 28.32
N ALA D 30 14.54 8.28 27.55
CA ALA D 30 13.11 8.38 27.84
C ALA D 30 12.28 7.89 26.66
N GLY D 31 12.81 6.94 25.90
CA GLY D 31 12.15 6.46 24.70
C GLY D 31 11.11 5.40 24.99
N GLN D 32 10.84 4.59 23.95
CA GLN D 32 9.75 3.62 24.02
C GLN D 32 10.00 2.56 25.10
N LEU D 33 11.25 2.09 25.22
CA LEU D 33 11.54 1.01 26.16
C LEU D 33 11.49 1.49 27.61
N ALA D 34 12.05 2.67 27.88
CA ALA D 34 11.96 3.20 29.25
C ALA D 34 10.50 3.40 29.67
N PHE D 35 9.67 3.92 28.77
CA PHE D 35 8.25 4.06 29.09
C PHE D 35 7.61 2.71 29.37
N ALA D 36 7.91 1.70 28.54
CA ALA D 36 7.30 0.39 28.71
C ALA D 36 7.69 -0.24 30.05
N LEU D 37 8.98 -0.16 30.41
CA LEU D 37 9.43 -0.74 31.67
C LEU D 37 8.87 0.01 32.88
N ALA D 38 8.82 1.34 32.79
CA ALA D 38 8.26 2.13 33.89
C ALA D 38 6.76 1.86 34.06
N LYS D 39 6.04 1.67 32.95
CA LYS D 39 4.63 1.31 33.06
C LYS D 39 4.48 -0.09 33.65
N GLY D 40 5.26 -1.05 33.14
CA GLY D 40 5.22 -2.39 33.69
C GLY D 40 5.56 -2.44 35.17
N PHE D 41 6.63 -1.74 35.57
CA PHE D 41 7.04 -1.75 36.98
C PHE D 41 5.95 -1.18 37.87
N THR D 42 5.38 -0.04 37.48
CA THR D 42 4.36 0.56 38.32
C THR D 42 3.09 -0.28 38.34
N ALA D 43 2.72 -0.85 37.19
CA ALA D 43 1.55 -1.72 37.14
C ALA D 43 1.75 -2.95 38.03
N ALA D 44 2.98 -3.44 38.13
CA ALA D 44 3.27 -4.60 38.95
C ALA D 44 3.23 -4.30 40.44
N GLY D 45 3.29 -3.03 40.82
CA GLY D 45 3.40 -2.67 42.22
C GLY D 45 4.77 -2.87 42.82
N VAL D 46 5.78 -3.12 41.98
CA VAL D 46 7.13 -3.33 42.48
C VAL D 46 7.74 -2.00 42.92
N LEU D 47 7.51 -0.95 42.13
CA LEU D 47 8.09 0.37 42.40
C LEU D 47 7.00 1.44 42.28
N ALA D 48 7.19 2.53 43.01
CA ALA D 48 6.29 3.68 42.93
C ALA D 48 6.74 4.63 41.82
N ALA D 49 5.77 5.14 41.06
CA ALA D 49 6.07 5.98 39.90
C ALA D 49 6.94 7.17 40.26
N HIS D 50 6.72 7.77 41.43
CA HIS D 50 7.53 8.91 41.86
C HIS D 50 8.96 8.51 42.21
N LYS D 51 9.20 7.24 42.55
CA LYS D 51 10.53 6.73 42.83
C LYS D 51 11.31 6.40 41.56
N ILE D 52 10.80 6.81 40.41
CA ILE D 52 11.43 6.55 39.12
C ILE D 52 11.75 7.89 38.47
N MET D 53 12.98 8.03 37.98
CA MET D 53 13.44 9.23 37.30
C MET D 53 13.93 8.88 35.91
N ALA D 54 13.68 9.77 34.95
CA ALA D 54 14.11 9.58 33.59
C ALA D 54 14.69 10.87 33.04
N SER D 55 15.70 10.75 32.19
CA SER D 55 16.33 11.89 31.56
C SER D 55 16.37 11.69 30.05
N SER D 56 16.19 12.79 29.31
CA SER D 56 16.17 12.76 27.86
C SER D 56 16.84 14.03 27.32
N PRO D 57 17.58 13.93 26.20
CA PRO D 57 18.07 15.14 25.54
C PRO D 57 16.97 16.00 24.94
N ASP D 58 15.80 15.43 24.68
CA ASP D 58 14.67 16.15 24.08
C ASP D 58 13.44 15.90 24.94
N MET D 59 13.11 16.87 25.80
CA MET D 59 11.91 16.77 26.64
C MET D 59 10.63 17.04 25.88
N ASP D 60 10.67 17.07 24.54
CA ASP D 60 9.49 17.31 23.72
C ASP D 60 9.10 16.07 22.91
N LEU D 61 9.45 14.89 23.41
CA LEU D 61 9.09 13.64 22.75
C LEU D 61 7.67 13.24 23.12
N ALA D 62 7.15 12.26 22.37
CA ALA D 62 5.83 11.72 22.67
C ALA D 62 5.85 10.92 23.97
N THR D 63 6.89 10.12 24.19
CA THR D 63 6.94 9.26 25.38
C THR D 63 7.20 10.07 26.65
N VAL D 64 7.94 11.17 26.54
CA VAL D 64 8.22 11.98 27.73
C VAL D 64 6.93 12.63 28.24
N SER D 65 5.97 12.89 27.35
CA SER D 65 4.68 13.40 27.78
C SER D 65 3.93 12.37 28.63
N ALA D 66 3.92 11.11 28.19
CA ALA D 66 3.24 10.05 28.93
C ALA D 66 3.91 9.80 30.27
N LEU D 67 5.26 9.80 30.31
CA LEU D 67 5.97 9.61 31.56
C LEU D 67 5.63 10.70 32.56
N ARG D 68 5.47 11.94 32.08
CA ARG D 68 5.04 13.02 32.96
C ARG D 68 3.65 12.75 33.53
N LYS D 69 2.76 12.19 32.70
CA LYS D 69 1.42 11.85 33.17
C LYS D 69 1.47 10.81 34.27
N MET D 70 2.31 9.78 34.11
CA MET D 70 2.39 8.70 35.10
C MET D 70 2.88 9.18 36.46
N GLY D 71 3.51 10.34 36.52
CA GLY D 71 4.09 10.81 37.76
C GLY D 71 5.56 10.49 37.93
N VAL D 72 6.23 10.01 36.88
CA VAL D 72 7.66 9.79 36.94
C VAL D 72 8.38 11.13 36.81
N LYS D 73 9.43 11.32 37.60
CA LYS D 73 10.20 12.56 37.57
C LYS D 73 11.08 12.61 36.33
N LEU D 74 11.12 13.77 35.69
CA LEU D 74 11.86 13.96 34.44
C LEU D 74 12.88 15.08 34.61
N THR D 75 13.95 15.01 33.82
CA THR D 75 15.05 15.97 33.89
C THR D 75 15.80 15.92 32.57
N PRO D 76 16.44 17.02 32.17
CA PRO D 76 17.31 16.98 30.98
C PRO D 76 18.74 16.57 31.25
N HIS D 77 19.14 16.41 32.52
CA HIS D 77 20.53 16.16 32.89
C HIS D 77 20.67 14.76 33.45
N ASN D 78 21.51 13.95 32.80
CA ASN D 78 21.70 12.57 33.22
C ASN D 78 22.36 12.47 34.59
N LYS D 79 23.19 13.45 34.95
CA LYS D 79 23.80 13.43 36.27
C LYS D 79 22.75 13.44 37.38
N GLU D 80 21.60 14.06 37.12
CA GLU D 80 20.53 14.06 38.12
C GLU D 80 19.89 12.68 38.25
N THR D 81 19.72 11.97 37.14
CA THR D 81 19.21 10.61 37.22
C THR D 81 20.16 9.70 37.98
N VAL D 82 21.47 9.88 37.75
CA VAL D 82 22.46 9.02 38.41
C VAL D 82 22.43 9.25 39.91
N GLN D 83 22.46 10.51 40.33
CA GLN D 83 22.55 10.81 41.76
C GLN D 83 21.30 10.37 42.51
N HIS D 84 20.19 10.16 41.83
CA HIS D 84 18.93 9.81 42.48
C HIS D 84 18.55 8.33 42.36
N SER D 85 19.37 7.51 41.70
CA SER D 85 19.02 6.14 41.36
C SER D 85 19.96 5.14 42.03
N ASP D 86 19.41 3.99 42.42
CA ASP D 86 20.21 2.84 42.83
C ASP D 86 20.46 1.91 41.64
N VAL D 87 19.39 1.55 40.93
CA VAL D 87 19.47 0.75 39.72
C VAL D 87 19.31 1.69 38.54
N LEU D 88 20.32 1.73 37.68
CA LEU D 88 20.40 2.69 36.58
C LEU D 88 20.26 1.95 35.25
N PHE D 89 19.11 2.11 34.60
CA PHE D 89 18.86 1.53 33.28
C PHE D 89 19.36 2.47 32.19
N LEU D 90 20.18 1.92 31.28
CA LEU D 90 20.69 2.68 30.13
C LEU D 90 19.81 2.29 28.94
N ALA D 91 18.88 3.17 28.59
CA ALA D 91 17.90 2.88 27.55
C ALA D 91 18.11 3.79 26.36
N VAL D 92 19.32 3.81 25.80
CA VAL D 92 19.67 4.65 24.67
C VAL D 92 20.22 3.77 23.55
N LYS D 93 20.45 4.39 22.41
CA LYS D 93 20.98 3.69 21.25
C LYS D 93 22.44 3.31 21.49
N PRO D 94 22.90 2.20 20.90
CA PRO D 94 24.27 1.72 21.18
C PRO D 94 25.35 2.74 20.88
N HIS D 95 25.16 3.60 19.87
CA HIS D 95 26.18 4.59 19.55
C HIS D 95 26.24 5.72 20.56
N ILE D 96 25.19 5.91 21.37
CA ILE D 96 25.20 6.92 22.42
C ILE D 96 25.84 6.42 23.71
N ILE D 97 25.89 5.11 23.94
CA ILE D 97 26.40 4.57 25.20
C ILE D 97 27.77 5.11 25.58
N PRO D 98 28.79 5.07 24.71
CA PRO D 98 30.09 5.62 25.12
C PRO D 98 30.07 7.10 25.45
N PHE D 99 29.24 7.87 24.76
CA PHE D 99 29.06 9.28 25.12
C PHE D 99 28.46 9.41 26.51
N ILE D 100 27.47 8.58 26.84
CA ILE D 100 26.81 8.67 28.15
C ILE D 100 27.75 8.22 29.25
N LEU D 101 28.53 7.15 29.01
CA LEU D 101 29.48 6.69 30.02
C LEU D 101 30.54 7.76 30.29
N ASP D 102 31.00 8.44 29.25
CA ASP D 102 31.93 9.55 29.45
C ASP D 102 31.31 10.65 30.29
N GLU D 103 30.00 10.87 30.16
CA GLU D 103 29.34 11.98 30.83
C GLU D 103 29.09 11.70 32.31
N ILE D 104 28.49 10.55 32.62
CA ILE D 104 28.06 10.23 33.98
C ILE D 104 29.02 9.28 34.67
N GLY D 105 30.15 8.95 34.03
CA GLY D 105 31.05 7.95 34.58
C GLY D 105 31.64 8.33 35.92
N ALA D 106 32.03 9.60 36.07
CA ALA D 106 32.58 10.05 37.34
C ALA D 106 31.56 10.03 38.48
N ASP D 107 30.27 9.90 38.17
CA ASP D 107 29.22 9.90 39.18
C ASP D 107 28.75 8.50 39.57
N ILE D 108 29.22 7.46 38.87
CA ILE D 108 28.88 6.10 39.25
C ILE D 108 29.61 5.73 40.54
N GLU D 109 28.88 5.18 41.49
CA GLU D 109 29.44 4.82 42.80
C GLU D 109 29.30 3.32 43.02
N ASP D 110 29.92 2.87 44.12
CA ASP D 110 29.85 1.46 44.48
C ASP D 110 28.40 1.01 44.70
N ARG D 111 27.53 1.93 45.09
CA ARG D 111 26.13 1.60 45.30
C ARG D 111 25.37 1.33 43.99
N HIS D 112 25.88 1.78 42.85
CA HIS D 112 25.11 1.72 41.62
C HIS D 112 25.15 0.33 40.98
N ILE D 113 24.00 -0.13 40.52
CA ILE D 113 23.93 -1.24 39.58
C ILE D 113 23.56 -0.66 38.22
N VAL D 114 24.46 -0.82 37.25
CA VAL D 114 24.29 -0.27 35.92
C VAL D 114 23.72 -1.37 35.03
N VAL D 115 22.54 -1.13 34.47
CA VAL D 115 21.85 -2.11 33.63
C VAL D 115 21.77 -1.55 32.22
N SER D 116 22.57 -2.09 31.30
CA SER D 116 22.52 -1.67 29.91
C SER D 116 21.47 -2.49 29.17
N CYS D 117 20.54 -1.78 28.52
CA CYS D 117 19.57 -2.37 27.60
C CYS D 117 19.91 -2.09 26.14
N ALA D 118 21.05 -1.46 25.85
CA ALA D 118 21.40 -1.19 24.46
C ALA D 118 21.71 -2.50 23.75
N ALA D 119 21.19 -2.63 22.54
CA ALA D 119 21.41 -3.84 21.77
C ALA D 119 22.88 -3.98 21.39
N GLY D 120 23.41 -5.19 21.54
CA GLY D 120 24.75 -5.49 21.10
C GLY D 120 25.86 -5.00 21.98
N VAL D 121 25.62 -4.01 22.85
CA VAL D 121 26.69 -3.39 23.63
C VAL D 121 27.17 -4.36 24.71
N THR D 122 28.46 -4.66 24.69
CA THR D 122 29.01 -5.71 25.53
C THR D 122 29.28 -5.20 26.95
N ILE D 123 29.14 -6.12 27.91
CA ILE D 123 29.52 -5.82 29.29
C ILE D 123 30.94 -5.30 29.34
N SER D 124 31.84 -5.95 28.58
CA SER D 124 33.25 -5.58 28.59
C SER D 124 33.45 -4.12 28.22
N SER D 125 32.76 -3.64 27.19
CA SER D 125 32.94 -2.25 26.77
C SER D 125 32.48 -1.27 27.85
N ILE D 126 31.37 -1.59 28.51
CA ILE D 126 30.88 -0.72 29.58
C ILE D 126 31.83 -0.73 30.77
N GLU D 127 32.26 -1.92 31.20
CA GLU D 127 33.18 -2.01 32.33
C GLU D 127 34.49 -1.31 32.04
N LYS D 128 34.95 -1.36 30.78
CA LYS D 128 36.20 -0.70 30.43
C LYS D 128 36.09 0.80 30.63
N LYS D 129 34.95 1.38 30.26
CA LYS D 129 34.77 2.83 30.35
C LYS D 129 34.55 3.27 31.80
N LEU D 130 33.79 2.49 32.56
CA LEU D 130 33.53 2.85 33.95
C LEU D 130 34.67 2.51 34.89
N SER D 131 35.52 1.55 34.54
CA SER D 131 36.66 1.20 35.39
C SER D 131 37.72 2.29 35.41
N ALA D 132 37.71 3.21 34.43
CA ALA D 132 38.62 4.34 34.47
C ALA D 132 38.25 5.32 35.56
N PHE D 133 37.00 5.28 36.05
CA PHE D 133 36.58 6.17 37.13
C PHE D 133 36.69 5.49 38.50
N ARG D 134 36.14 4.28 38.65
CA ARG D 134 36.23 3.51 39.88
C ARG D 134 36.31 2.04 39.50
N PRO D 135 37.02 1.22 40.29
CA PRO D 135 37.55 -0.05 39.75
C PRO D 135 36.58 -1.21 39.64
N ALA D 136 35.50 -1.26 40.42
CA ALA D 136 34.59 -2.42 40.42
C ALA D 136 33.16 -2.05 40.06
N PRO D 137 32.91 -1.50 38.86
CA PRO D 137 31.54 -1.13 38.51
C PRO D 137 30.67 -2.37 38.35
N ARG D 138 29.48 -2.31 38.93
CA ARG D 138 28.53 -3.43 38.91
C ARG D 138 27.65 -3.26 37.68
N VAL D 139 27.83 -4.14 36.70
CA VAL D 139 27.17 -4.01 35.40
C VAL D 139 26.33 -5.24 35.13
N ILE D 140 25.14 -5.03 34.61
CA ILE D 140 24.30 -6.11 34.12
C ILE D 140 23.86 -5.72 32.71
N ARG D 141 23.85 -6.70 31.80
CA ARG D 141 23.35 -6.50 30.45
C ARG D 141 21.99 -7.16 30.32
N CYS D 142 21.04 -6.43 29.74
CA CYS D 142 19.64 -6.84 29.69
C CYS D 142 19.14 -6.79 28.26
N MET D 143 18.22 -7.70 27.92
CA MET D 143 17.55 -7.64 26.63
C MET D 143 16.08 -7.97 26.91
N THR D 144 15.21 -6.98 26.73
CA THR D 144 13.82 -7.16 27.08
C THR D 144 12.97 -6.73 25.89
N ASN D 145 11.65 -6.58 26.06
CA ASN D 145 10.84 -6.18 24.93
C ASN D 145 9.62 -5.40 25.41
N THR D 146 8.91 -4.82 24.46
CA THR D 146 7.84 -3.87 24.81
C THR D 146 6.68 -4.49 25.58
N PRO D 147 6.36 -5.79 25.44
CA PRO D 147 5.22 -6.33 26.22
C PRO D 147 5.43 -6.36 27.72
N VAL D 148 6.57 -5.89 28.26
CA VAL D 148 6.61 -5.65 29.71
C VAL D 148 5.52 -4.66 30.11
N VAL D 149 5.03 -3.86 29.17
CA VAL D 149 4.02 -2.86 29.48
C VAL D 149 2.70 -3.52 29.90
N VAL D 150 2.44 -4.75 29.46
CA VAL D 150 1.33 -5.55 29.96
C VAL D 150 1.83 -6.73 30.81
N ARG D 151 3.03 -6.61 31.36
CA ARG D 151 3.61 -7.61 32.25
C ARG D 151 3.72 -8.98 31.61
N GLU D 152 3.95 -9.02 30.30
CA GLU D 152 4.20 -10.27 29.59
C GLU D 152 5.45 -10.16 28.74
N GLY D 153 6.45 -9.47 29.26
CA GLY D 153 7.69 -9.34 28.53
C GLY D 153 8.45 -10.65 28.50
N ALA D 154 9.51 -10.63 27.69
CA ALA D 154 10.47 -11.74 27.61
C ALA D 154 11.84 -11.11 27.83
N THR D 155 12.49 -11.40 28.96
CA THR D 155 13.72 -10.74 29.34
C THR D 155 14.82 -11.75 29.62
N VAL D 156 16.03 -11.48 29.15
CA VAL D 156 17.21 -12.20 29.59
C VAL D 156 18.21 -11.18 30.11
N TYR D 157 19.10 -11.65 30.98
CA TYR D 157 20.15 -10.77 31.48
C TYR D 157 21.41 -11.60 31.69
N ALA D 158 22.55 -10.90 31.64
CA ALA D 158 23.84 -11.47 32.02
C ALA D 158 24.51 -10.54 33.02
N THR D 159 25.18 -11.14 34.02
CA THR D 159 25.84 -10.38 35.07
C THR D 159 27.30 -10.11 34.72
N GLY D 160 27.79 -8.95 35.12
CA GLY D 160 29.15 -8.53 34.81
C GLY D 160 30.17 -9.09 35.78
N THR D 161 31.42 -8.62 35.61
CA THR D 161 32.53 -9.12 36.40
C THR D 161 32.35 -8.83 37.88
N HIS D 162 31.83 -7.64 38.22
CA HIS D 162 31.78 -7.18 39.60
C HIS D 162 30.37 -7.16 40.16
N ALA D 163 29.41 -7.75 39.45
CA ALA D 163 28.05 -7.87 39.99
C ALA D 163 28.05 -8.85 41.16
N GLN D 164 27.47 -8.42 42.29
CA GLN D 164 27.40 -9.29 43.44
C GLN D 164 26.33 -10.37 43.22
N VAL D 165 26.36 -11.39 44.08
CA VAL D 165 25.38 -12.48 43.97
C VAL D 165 23.96 -11.93 44.13
N GLU D 166 23.78 -11.00 45.06
CA GLU D 166 22.46 -10.38 45.24
C GLU D 166 22.05 -9.55 44.03
N ASP D 167 23.01 -9.09 43.21
CA ASP D 167 22.66 -8.22 42.09
C ASP D 167 21.84 -8.95 41.04
N GLY D 168 22.31 -10.11 40.58
CA GLY D 168 21.52 -10.90 39.64
C GLY D 168 20.19 -11.34 40.23
N ARG D 169 20.18 -11.61 41.54
CA ARG D 169 18.94 -11.97 42.22
C ARG D 169 17.94 -10.83 42.19
N LEU D 170 18.40 -9.62 42.52
CA LEU D 170 17.53 -8.44 42.45
C LEU D 170 17.03 -8.23 41.02
N MET D 171 17.93 -8.33 40.04
CA MET D 171 17.52 -8.16 38.65
C MET D 171 16.47 -9.18 38.26
N GLU D 172 16.67 -10.44 38.64
CA GLU D 172 15.70 -11.50 38.35
C GLU D 172 14.32 -11.15 38.89
N GLN D 173 14.27 -10.72 40.16
CA GLN D 173 12.99 -10.39 40.77
C GLN D 173 12.34 -9.17 40.11
N LEU D 174 13.14 -8.14 39.82
CA LEU D 174 12.62 -6.95 39.17
C LEU D 174 12.00 -7.28 37.80
N LEU D 175 12.75 -7.96 36.94
CA LEU D 175 12.24 -8.21 35.60
C LEU D 175 11.25 -9.36 35.54
N SER D 176 11.21 -10.23 36.55
CA SER D 176 10.14 -11.23 36.58
C SER D 176 8.79 -10.62 36.94
N SER D 177 8.78 -9.42 37.55
CA SER D 177 7.50 -8.78 37.83
C SER D 177 6.78 -8.35 36.56
N VAL D 178 7.49 -8.25 35.43
CA VAL D 178 6.89 -7.79 34.18
C VAL D 178 6.95 -8.83 33.07
N GLY D 179 7.27 -10.08 33.41
CA GLY D 179 7.16 -11.14 32.43
C GLY D 179 8.19 -12.22 32.69
N PHE D 180 8.49 -12.99 31.64
CA PHE D 180 9.48 -14.06 31.75
C PHE D 180 10.88 -13.46 31.87
N CYS D 181 11.71 -14.05 32.74
CA CYS D 181 13.07 -13.55 32.90
C CYS D 181 13.99 -14.69 33.29
N THR D 182 15.14 -14.79 32.63
CA THR D 182 16.11 -15.80 33.03
C THR D 182 17.51 -15.28 32.76
N GLU D 183 18.46 -15.80 33.53
CA GLU D 183 19.86 -15.49 33.29
C GLU D 183 20.38 -16.29 32.11
N VAL D 184 21.22 -15.66 31.28
CA VAL D 184 21.92 -16.34 30.20
C VAL D 184 23.39 -15.93 30.22
N GLU D 185 24.21 -16.72 29.54
CA GLU D 185 25.54 -16.28 29.17
C GLU D 185 25.44 -15.11 28.20
N GLU D 186 26.35 -14.14 28.34
CA GLU D 186 26.22 -12.93 27.51
C GLU D 186 26.31 -13.26 26.02
N ASP D 187 26.99 -14.34 25.66
CA ASP D 187 27.15 -14.62 24.23
C ASP D 187 25.86 -15.10 23.58
N LEU D 188 24.78 -15.27 24.34
CA LEU D 188 23.49 -15.59 23.75
C LEU D 188 22.63 -14.36 23.47
N ILE D 189 23.04 -13.17 23.93
CA ILE D 189 22.10 -12.06 24.00
C ILE D 189 21.79 -11.50 22.62
N ASP D 190 22.78 -11.45 21.72
CA ASP D 190 22.48 -10.97 20.37
C ASP D 190 21.42 -11.85 19.70
N ALA D 191 21.50 -13.16 19.91
CA ALA D 191 20.51 -14.07 19.35
C ALA D 191 19.13 -13.87 19.99
N VAL D 192 19.10 -13.63 21.31
CA VAL D 192 17.81 -13.34 21.95
C VAL D 192 17.22 -12.06 21.38
N THR D 193 18.06 -11.07 21.08
CA THR D 193 17.55 -9.85 20.45
C THR D 193 16.80 -10.17 19.18
N GLY D 194 17.34 -11.07 18.34
CA GLY D 194 16.66 -11.36 17.10
C GLY D 194 15.38 -12.13 17.27
N LEU D 195 15.24 -12.84 18.38
CA LEU D 195 14.09 -13.70 18.61
C LEU D 195 13.02 -12.97 19.43
N SER D 196 13.27 -12.71 20.73
CA SER D 196 12.24 -12.08 21.54
C SER D 196 12.35 -10.56 21.61
N GLY D 197 13.55 -9.99 21.39
CA GLY D 197 13.64 -8.54 21.30
C GLY D 197 12.86 -7.98 20.13
N SER D 198 13.11 -8.49 18.93
CA SER D 198 12.36 -8.08 17.74
C SER D 198 11.05 -8.82 17.58
N GLY D 199 10.88 -9.95 18.27
CA GLY D 199 9.72 -10.79 18.10
C GLY D 199 8.38 -10.10 18.06
N PRO D 200 8.11 -9.16 18.99
CA PRO D 200 6.79 -8.51 18.97
C PRO D 200 6.48 -7.79 17.67
N ALA D 201 7.48 -7.20 17.01
CA ALA D 201 7.25 -6.55 15.71
C ALA D 201 6.89 -7.57 14.64
N TYR D 202 7.49 -8.76 14.69
CA TYR D 202 7.06 -9.82 13.77
C TYR D 202 5.59 -10.14 13.99
N ALA D 203 5.20 -10.26 15.28
CA ALA D 203 3.80 -10.57 15.59
C ALA D 203 2.86 -9.46 15.16
N PHE D 204 3.22 -8.19 15.41
CA PHE D 204 2.34 -7.09 14.99
C PHE D 204 2.18 -7.07 13.47
N THR D 205 3.28 -7.34 12.74
CA THR D 205 3.19 -7.46 11.28
C THR D 205 2.23 -8.57 10.89
N ALA D 206 2.38 -9.75 11.52
CA ALA D 206 1.54 -10.88 11.20
C ALA D 206 0.08 -10.60 11.53
N LEU D 207 -0.18 -9.92 12.65
CA LEU D 207 -1.56 -9.63 13.04
C LEU D 207 -2.22 -8.65 12.07
N ASP D 208 -1.48 -7.63 11.62
CA ASP D 208 -2.00 -6.70 10.62
C ASP D 208 -2.38 -7.45 9.35
N ALA D 209 -1.52 -8.36 8.91
CA ALA D 209 -1.77 -9.11 7.67
C ALA D 209 -2.89 -10.11 7.85
N LEU D 210 -2.94 -10.82 8.98
CA LEU D 210 -4.06 -11.74 9.22
C LEU D 210 -5.39 -10.99 9.23
N ALA D 211 -5.41 -9.79 9.82
CA ALA D 211 -6.64 -9.00 9.79
C ALA D 211 -7.02 -8.58 8.37
N ASP D 212 -6.04 -8.17 7.56
CA ASP D 212 -6.30 -7.92 6.15
C ASP D 212 -6.92 -9.15 5.47
N GLY D 213 -6.39 -10.33 5.76
CA GLY D 213 -6.98 -11.55 5.23
C GLY D 213 -8.42 -11.76 5.66
N GLY D 214 -8.70 -11.55 6.96
CA GLY D 214 -10.08 -11.62 7.42
C GLY D 214 -10.98 -10.63 6.70
N VAL D 215 -10.50 -9.40 6.51
CA VAL D 215 -11.27 -8.37 5.81
C VAL D 215 -11.50 -8.76 4.35
N LYS D 216 -10.48 -9.31 3.68
CA LYS D 216 -10.66 -9.74 2.30
C LYS D 216 -11.79 -10.76 2.20
N MET D 217 -11.90 -11.63 3.20
CA MET D 217 -12.93 -12.67 3.21
C MET D 217 -14.24 -12.22 3.86
N GLY D 218 -14.40 -10.93 4.13
CA GLY D 218 -15.70 -10.37 4.47
C GLY D 218 -15.90 -9.93 5.91
N LEU D 219 -14.88 -10.05 6.77
CA LEU D 219 -15.04 -9.67 8.17
C LEU D 219 -14.83 -8.17 8.34
N PRO D 220 -15.58 -7.54 9.24
CA PRO D 220 -15.24 -6.19 9.68
C PRO D 220 -13.84 -6.14 10.26
N ARG D 221 -13.12 -5.05 9.99
CA ARG D 221 -11.73 -4.93 10.41
C ARG D 221 -11.58 -5.09 11.92
N ARG D 222 -12.45 -4.44 12.70
CA ARG D 222 -12.35 -4.51 14.15
C ARG D 222 -12.46 -5.95 14.64
N LEU D 223 -13.43 -6.71 14.12
CA LEU D 223 -13.56 -8.11 14.51
C LEU D 223 -12.35 -8.92 14.05
N ALA D 224 -11.87 -8.68 12.82
CA ALA D 224 -10.73 -9.44 12.33
C ALA D 224 -9.49 -9.23 13.20
N VAL D 225 -9.27 -8.01 13.68
CA VAL D 225 -8.09 -7.75 14.51
C VAL D 225 -8.21 -8.48 15.84
N ARG D 226 -9.39 -8.42 16.46
CA ARG D 226 -9.65 -9.09 17.74
C ARG D 226 -9.46 -10.60 17.61
N LEU D 227 -10.06 -11.21 16.59
CA LEU D 227 -9.95 -12.65 16.42
C LEU D 227 -8.53 -13.10 16.16
N GLY D 228 -7.79 -12.36 15.32
CA GLY D 228 -6.42 -12.72 15.03
C GLY D 228 -5.54 -12.63 16.25
N ALA D 229 -5.65 -11.54 17.00
CA ALA D 229 -4.86 -11.40 18.22
C ALA D 229 -5.20 -12.49 19.23
N GLN D 230 -6.49 -12.81 19.38
CA GLN D 230 -6.88 -13.86 20.32
C GLN D 230 -6.34 -15.21 19.88
N ALA D 231 -6.35 -15.48 18.57
CA ALA D 231 -5.81 -16.73 18.04
C ALA D 231 -4.33 -16.87 18.38
N LEU D 232 -3.57 -15.80 18.16
CA LEU D 232 -2.14 -15.82 18.46
C LEU D 232 -1.89 -15.98 19.95
N LEU D 233 -2.60 -15.20 20.76
CA LEU D 233 -2.44 -15.30 22.21
C LEU D 233 -2.75 -16.70 22.70
N GLY D 234 -3.85 -17.28 22.23
CA GLY D 234 -4.24 -18.60 22.72
C GLY D 234 -3.26 -19.68 22.29
N ALA D 235 -2.75 -19.59 21.07
CA ALA D 235 -1.79 -20.59 20.60
C ALA D 235 -0.50 -20.51 21.39
N ALA D 236 -0.03 -19.29 21.64
CA ALA D 236 1.19 -19.10 22.43
C ALA D 236 1.03 -19.64 23.83
N LYS D 237 -0.10 -19.35 24.48
CA LYS D 237 -0.35 -19.89 25.81
C LYS D 237 -0.40 -21.41 25.77
N MET D 238 -1.08 -21.98 24.76
CA MET D 238 -1.13 -23.44 24.60
C MET D 238 0.25 -24.06 24.57
N LEU D 239 1.15 -23.49 23.75
CA LEU D 239 2.49 -24.04 23.64
C LEU D 239 3.25 -23.91 24.96
N LEU D 240 3.15 -22.75 25.60
CA LEU D 240 3.86 -22.55 26.87
C LEU D 240 3.37 -23.50 27.94
N HIS D 241 2.10 -23.89 27.91
CA HIS D 241 1.53 -24.78 28.91
C HIS D 241 1.56 -26.25 28.50
N SER D 242 2.14 -26.56 27.35
CA SER D 242 2.20 -27.92 26.84
C SER D 242 3.63 -28.43 26.86
N GLU D 243 3.79 -29.72 27.10
CA GLU D 243 5.08 -30.36 26.89
C GLU D 243 5.28 -30.81 25.44
N GLN D 244 4.31 -30.55 24.57
CA GLN D 244 4.35 -31.12 23.23
C GLN D 244 5.06 -30.20 22.25
N HIS D 245 5.65 -30.82 21.24
CA HIS D 245 6.32 -30.08 20.18
C HIS D 245 5.29 -29.24 19.40
N PRO D 246 5.66 -28.04 18.96
CA PRO D 246 4.70 -27.25 18.15
C PRO D 246 4.22 -27.97 16.90
N GLY D 247 5.04 -28.86 16.32
CA GLY D 247 4.57 -29.65 15.20
C GLY D 247 3.49 -30.63 15.60
N GLN D 248 3.57 -31.16 16.82
CA GLN D 248 2.51 -32.02 17.32
C GLN D 248 1.22 -31.24 17.55
N LEU D 249 1.32 -30.03 18.11
CA LEU D 249 0.13 -29.22 18.29
C LEU D 249 -0.49 -28.84 16.95
N LYS D 250 0.36 -28.52 15.98
CA LYS D 250 -0.11 -28.27 14.62
C LYS D 250 -0.85 -29.48 14.06
N ASP D 251 -0.29 -30.69 14.25
CA ASP D 251 -0.93 -31.90 13.77
C ASP D 251 -2.30 -32.10 14.43
N ASN D 252 -2.41 -31.79 15.72
CA ASN D 252 -3.69 -31.94 16.42
C ASN D 252 -4.76 -31.02 15.84
N VAL D 253 -4.36 -29.87 15.30
CA VAL D 253 -5.29 -28.89 14.75
C VAL D 253 -5.78 -29.27 13.35
N SER D 254 -4.98 -30.01 12.57
CA SER D 254 -5.23 -30.15 11.13
C SER D 254 -5.97 -31.45 10.85
N SER D 255 -7.29 -31.34 10.65
CA SER D 255 -8.11 -32.48 10.24
C SER D 255 -7.82 -32.87 8.78
N PRO D 256 -7.83 -34.16 8.46
CA PRO D 256 -7.55 -34.59 7.10
C PRO D 256 -8.47 -33.93 6.07
N GLY D 257 -7.86 -33.43 5.00
CA GLY D 257 -8.55 -32.74 3.93
C GLY D 257 -9.15 -31.40 4.31
N GLY D 258 -8.93 -30.92 5.52
CA GLY D 258 -9.67 -29.79 6.05
C GLY D 258 -9.13 -28.42 5.69
N ALA D 259 -9.77 -27.41 6.27
CA ALA D 259 -9.44 -26.02 5.98
C ALA D 259 -8.03 -25.68 6.41
N THR D 260 -7.65 -26.10 7.61
CA THR D 260 -6.35 -25.69 8.15
C THR D 260 -5.20 -26.26 7.34
N ILE D 261 -5.26 -27.55 7.01
CA ILE D 261 -4.13 -28.14 6.25
C ILE D 261 -4.02 -27.50 4.87
N HIS D 262 -5.16 -27.07 4.28
CA HIS D 262 -5.06 -26.35 3.02
C HIS D 262 -4.35 -25.01 3.20
N ALA D 263 -4.62 -24.30 4.29
CA ALA D 263 -3.97 -23.03 4.55
C ALA D 263 -2.49 -23.22 4.87
N LEU D 264 -2.15 -24.29 5.57
CA LEU D 264 -0.74 -24.53 5.88
C LEU D 264 0.07 -24.78 4.62
N HIS D 265 -0.53 -25.44 3.62
CA HIS D 265 0.17 -25.64 2.36
C HIS D 265 0.56 -24.31 1.73
N VAL D 266 -0.37 -23.35 1.68
CA VAL D 266 0.00 -22.09 1.02
C VAL D 266 1.04 -21.33 1.85
N LEU D 267 1.04 -21.46 3.19
CA LEU D 267 2.16 -20.90 3.95
C LEU D 267 3.48 -21.57 3.53
N GLU D 268 3.50 -22.90 3.49
CA GLU D 268 4.71 -23.61 3.11
C GLU D 268 5.17 -23.22 1.71
N SER D 269 4.24 -23.03 0.77
CA SER D 269 4.63 -22.74 -0.61
C SER D 269 5.33 -21.39 -0.73
N GLY D 270 5.05 -20.47 0.19
CA GLY D 270 5.73 -19.20 0.18
C GLY D 270 6.98 -19.17 1.05
N GLY D 271 7.37 -20.31 1.62
CA GLY D 271 8.56 -20.30 2.46
C GLY D 271 8.37 -19.55 3.76
N PHE D 272 7.14 -19.53 4.29
CA PHE D 272 6.82 -18.87 5.54
C PHE D 272 7.86 -19.11 6.63
N ARG D 273 8.21 -20.39 6.84
CA ARG D 273 9.17 -20.72 7.89
C ARG D 273 10.51 -20.06 7.66
N SER D 274 11.03 -20.14 6.42
CA SER D 274 12.32 -19.54 6.11
C SER D 274 12.32 -18.02 6.34
N LEU D 275 11.17 -17.36 6.14
CA LEU D 275 11.13 -15.91 6.34
C LEU D 275 11.35 -15.54 7.81
N LEU D 276 10.75 -16.32 8.71
CA LEU D 276 10.95 -16.09 10.15
C LEU D 276 12.37 -16.41 10.58
N ILE D 277 12.97 -17.49 10.03
CA ILE D 277 14.39 -17.75 10.31
C ILE D 277 15.25 -16.59 9.81
N ASN D 278 14.98 -16.14 8.57
CA ASN D 278 15.69 -15.00 8.00
C ASN D 278 15.61 -13.79 8.93
N ALA D 279 14.44 -13.58 9.53
CA ALA D 279 14.22 -12.40 10.37
C ALA D 279 15.07 -12.46 11.64
N VAL D 280 14.99 -13.58 12.38
CA VAL D 280 15.82 -13.75 13.58
C VAL D 280 17.28 -13.53 13.25
N GLU D 281 17.73 -14.13 12.13
CA GLU D 281 19.13 -14.03 11.72
C GLU D 281 19.50 -12.59 11.38
N ALA D 282 18.64 -11.88 10.66
CA ALA D 282 18.96 -10.52 10.24
C ALA D 282 19.04 -9.58 11.44
N SER D 283 18.14 -9.75 12.40
CA SER D 283 18.14 -8.93 13.61
C SER D 283 19.38 -9.20 14.45
N CYS D 284 19.68 -10.49 14.65
CA CYS D 284 20.90 -10.89 15.36
C CYS D 284 22.16 -10.34 14.69
N ILE D 285 22.25 -10.46 13.36
CA ILE D 285 23.45 -10.00 12.67
C ILE D 285 23.57 -8.47 12.78
N ARG D 286 22.44 -7.75 12.62
CA ARG D 286 22.50 -6.30 12.77
C ARG D 286 22.97 -5.91 14.18
N THR D 287 22.53 -6.68 15.17
CA THR D 287 22.94 -6.41 16.55
C THR D 287 24.44 -6.56 16.69
N ARG D 288 25.02 -7.60 16.08
CA ARG D 288 26.47 -7.76 16.10
C ARG D 288 27.16 -6.60 15.36
N GLU D 289 26.56 -6.13 14.27
CA GLU D 289 27.14 -5.01 13.50
C GLU D 289 27.16 -3.73 14.32
N LEU D 290 26.04 -3.41 14.97
CA LEU D 290 25.96 -2.18 15.75
C LEU D 290 27.05 -2.15 16.82
N GLN D 291 27.43 -3.31 17.34
CA GLN D 291 28.52 -3.35 18.32
C GLN D 291 29.89 -3.32 17.64
N SER D 292 30.07 -4.09 16.57
CA SER D 292 31.36 -4.12 15.88
C SER D 292 31.75 -2.74 15.35
N MET D 293 30.76 -1.94 14.95
CA MET D 293 31.03 -0.57 14.52
C MET D 293 31.43 0.29 15.72
N ALA D 294 30.47 0.57 16.59
CA ALA D 294 30.73 1.35 17.79
C ALA D 294 31.53 0.54 18.81
N SER E 22 -5.20 12.25 -58.55
CA SER E 22 -6.59 12.18 -59.01
C SER E 22 -7.42 11.27 -58.10
N MET E 23 -6.90 11.00 -56.91
CA MET E 23 -7.55 10.14 -55.92
C MET E 23 -7.88 10.96 -54.69
N SER E 24 -9.09 10.77 -54.16
CA SER E 24 -9.56 11.47 -52.96
C SER E 24 -9.64 10.49 -51.81
N VAL E 25 -9.13 10.88 -50.65
CA VAL E 25 -9.08 10.03 -49.47
C VAL E 25 -9.83 10.71 -48.33
N GLY E 26 -10.57 9.92 -47.56
CA GLY E 26 -11.25 10.42 -46.39
C GLY E 26 -10.90 9.60 -45.16
N PHE E 27 -11.02 10.25 -44.00
CA PHE E 27 -10.78 9.60 -42.72
C PHE E 27 -11.99 9.81 -41.83
N ILE E 28 -12.62 8.71 -41.40
CA ILE E 28 -13.63 8.73 -40.35
C ILE E 28 -12.92 8.42 -39.03
N GLY E 29 -12.89 9.41 -38.14
CA GLY E 29 -12.01 9.37 -36.99
C GLY E 29 -10.75 10.18 -37.24
N ALA E 30 -10.37 11.04 -36.30
CA ALA E 30 -9.21 11.92 -36.47
C ALA E 30 -8.30 11.81 -35.26
N GLY E 31 -7.97 10.58 -34.88
CA GLY E 31 -7.11 10.31 -33.74
C GLY E 31 -5.66 10.17 -34.14
N GLN E 32 -4.95 9.30 -33.42
CA GLN E 32 -3.51 9.17 -33.64
C GLN E 32 -3.20 8.56 -35.00
N LEU E 33 -3.98 7.56 -35.41
CA LEU E 33 -3.66 6.85 -36.65
C LEU E 33 -4.01 7.67 -37.90
N ALA E 34 -5.12 8.41 -37.85
CA ALA E 34 -5.52 9.20 -39.01
C ALA E 34 -4.51 10.32 -39.29
N PHE E 35 -4.05 11.01 -38.24
CA PHE E 35 -3.03 12.03 -38.45
C PHE E 35 -1.74 11.41 -38.98
N ALA E 36 -1.30 10.31 -38.36
CA ALA E 36 -0.06 9.68 -38.78
C ALA E 36 -0.09 9.34 -40.26
N LEU E 37 -1.18 8.68 -40.71
CA LEU E 37 -1.30 8.32 -42.11
C LEU E 37 -1.34 9.56 -42.99
N ALA E 38 -2.13 10.56 -42.60
CA ALA E 38 -2.26 11.75 -43.43
C ALA E 38 -0.94 12.49 -43.56
N LYS E 39 -0.18 12.57 -42.48
CA LYS E 39 1.11 13.23 -42.54
C LYS E 39 2.11 12.40 -43.35
N GLY E 40 2.08 11.07 -43.21
CA GLY E 40 2.97 10.24 -44.02
C GLY E 40 2.66 10.34 -45.50
N PHE E 41 1.36 10.26 -45.84
CA PHE E 41 0.94 10.37 -47.24
C PHE E 41 1.38 11.71 -47.84
N THR E 42 1.20 12.80 -47.11
CA THR E 42 1.54 14.10 -47.67
C THR E 42 3.04 14.30 -47.73
N ALA E 43 3.77 13.83 -46.72
CA ALA E 43 5.23 13.87 -46.79
C ALA E 43 5.74 13.04 -47.95
N ALA E 44 5.07 11.91 -48.25
CA ALA E 44 5.50 11.06 -49.34
C ALA E 44 5.30 11.70 -50.71
N GLY E 45 4.37 12.65 -50.84
CA GLY E 45 4.04 13.23 -52.13
C GLY E 45 3.05 12.43 -52.95
N VAL E 46 2.57 11.29 -52.46
CA VAL E 46 1.57 10.54 -53.21
C VAL E 46 0.19 11.16 -53.09
N LEU E 47 0.00 12.07 -52.15
CA LEU E 47 -1.33 12.61 -51.86
C LEU E 47 -1.17 14.06 -51.41
N ALA E 48 -1.83 14.98 -52.13
CA ALA E 48 -1.84 16.36 -51.69
C ALA E 48 -2.83 16.52 -50.54
N ALA E 49 -2.47 17.37 -49.58
CA ALA E 49 -3.28 17.50 -48.37
C ALA E 49 -4.71 17.93 -48.67
N HIS E 50 -4.93 18.64 -49.79
CA HIS E 50 -6.26 19.09 -50.16
C HIS E 50 -7.12 17.98 -50.76
N LYS E 51 -6.53 16.83 -51.11
CA LYS E 51 -7.29 15.69 -51.56
C LYS E 51 -7.67 14.76 -50.40
N ILE E 52 -7.47 15.21 -49.16
CA ILE E 52 -7.76 14.42 -47.96
C ILE E 52 -8.77 15.18 -47.12
N MET E 53 -9.79 14.46 -46.63
CA MET E 53 -10.80 15.02 -45.74
C MET E 53 -10.90 14.14 -44.50
N ALA E 54 -11.19 14.75 -43.36
CA ALA E 54 -11.25 14.02 -42.10
C ALA E 54 -12.42 14.51 -41.25
N SER E 55 -13.08 13.58 -40.56
CA SER E 55 -14.18 13.87 -39.66
C SER E 55 -13.98 13.17 -38.33
N SER E 56 -14.54 13.76 -37.27
CA SER E 56 -14.36 13.22 -35.94
C SER E 56 -15.49 13.75 -35.05
N PRO E 57 -15.90 12.99 -34.03
CA PRO E 57 -16.94 13.48 -33.13
C PRO E 57 -16.52 14.66 -32.27
N ASP E 58 -15.22 14.94 -32.18
CA ASP E 58 -14.68 16.04 -31.36
C ASP E 58 -13.74 16.84 -32.26
N MET E 59 -14.30 17.81 -32.98
CA MET E 59 -13.51 18.66 -33.89
C MET E 59 -12.69 19.70 -33.15
N ASP E 60 -12.18 19.37 -31.96
CA ASP E 60 -11.37 20.28 -31.17
C ASP E 60 -10.10 19.62 -30.63
N LEU E 61 -9.75 18.44 -31.13
CA LEU E 61 -8.57 17.74 -30.67
C LEU E 61 -7.30 18.41 -31.19
N ALA E 62 -6.17 18.02 -30.62
CA ALA E 62 -4.89 18.48 -31.14
C ALA E 62 -4.60 17.86 -32.51
N THR E 63 -5.07 16.62 -32.72
CA THR E 63 -4.87 15.97 -34.01
C THR E 63 -5.60 16.72 -35.12
N VAL E 64 -6.80 17.22 -34.84
CA VAL E 64 -7.55 17.94 -35.86
C VAL E 64 -7.04 19.38 -36.05
N SER E 65 -6.36 19.94 -35.04
CA SER E 65 -5.76 21.26 -35.21
C SER E 65 -4.58 21.19 -36.16
N ALA E 66 -3.77 20.13 -36.06
CA ALA E 66 -2.60 19.97 -36.92
C ALA E 66 -2.99 19.55 -38.34
N LEU E 67 -4.10 18.82 -38.50
CA LEU E 67 -4.56 18.46 -39.84
C LEU E 67 -4.99 19.69 -40.62
N ARG E 68 -5.60 20.67 -39.94
CA ARG E 68 -5.93 21.92 -40.60
C ARG E 68 -4.67 22.66 -41.03
N LYS E 69 -3.64 22.66 -40.18
CA LYS E 69 -2.40 23.35 -40.51
C LYS E 69 -1.73 22.75 -41.75
N MET E 70 -1.79 21.42 -41.90
CA MET E 70 -1.19 20.77 -43.05
C MET E 70 -1.98 20.98 -44.33
N GLY E 71 -3.22 21.43 -44.24
CA GLY E 71 -4.05 21.63 -45.42
C GLY E 71 -5.12 20.58 -45.63
N VAL E 72 -5.31 19.67 -44.69
CA VAL E 72 -6.36 18.66 -44.78
C VAL E 72 -7.70 19.31 -44.49
N LYS E 73 -8.70 18.99 -45.29
CA LYS E 73 -10.05 19.48 -45.07
C LYS E 73 -10.70 18.73 -43.92
N LEU E 74 -11.51 19.44 -43.13
CA LEU E 74 -12.12 18.84 -41.95
C LEU E 74 -13.61 19.11 -41.92
N THR E 75 -14.32 18.28 -41.17
CA THR E 75 -15.77 18.37 -40.99
C THR E 75 -16.14 17.59 -39.74
N PRO E 76 -17.23 17.94 -39.05
CA PRO E 76 -17.73 17.08 -37.98
C PRO E 76 -18.76 16.05 -38.45
N HIS E 77 -19.21 16.12 -39.71
CA HIS E 77 -20.22 15.22 -40.23
C HIS E 77 -19.56 14.10 -41.04
N ASN E 78 -19.74 12.85 -40.59
CA ASN E 78 -19.13 11.72 -41.27
C ASN E 78 -19.61 11.59 -42.71
N LYS E 79 -20.84 12.05 -42.99
CA LYS E 79 -21.40 11.92 -44.34
C LYS E 79 -20.66 12.79 -45.35
N GLU E 80 -20.17 13.95 -44.93
CA GLU E 80 -19.38 14.79 -45.84
C GLU E 80 -18.10 14.08 -46.25
N THR E 81 -17.41 13.46 -45.30
CA THR E 81 -16.20 12.72 -45.63
C THR E 81 -16.47 11.63 -46.65
N VAL E 82 -17.58 10.88 -46.46
CA VAL E 82 -17.93 9.83 -47.40
C VAL E 82 -18.19 10.41 -48.78
N GLN E 83 -18.90 11.54 -48.85
CA GLN E 83 -19.21 12.16 -50.13
C GLN E 83 -17.96 12.65 -50.86
N HIS E 84 -16.92 13.00 -50.11
CA HIS E 84 -15.70 13.56 -50.70
C HIS E 84 -14.78 12.47 -51.26
N SER E 85 -14.75 11.31 -50.62
CA SER E 85 -13.60 10.41 -50.77
C SER E 85 -13.88 9.29 -51.77
N ASP E 86 -12.78 8.78 -52.34
CA ASP E 86 -12.81 7.54 -53.12
C ASP E 86 -12.39 6.37 -52.24
N VAL E 87 -11.20 6.47 -51.64
CA VAL E 87 -10.76 5.55 -50.61
C VAL E 87 -11.14 6.15 -49.26
N LEU E 88 -11.81 5.35 -48.43
CA LEU E 88 -12.35 5.81 -47.15
C LEU E 88 -11.76 4.97 -46.03
N PHE E 89 -10.95 5.62 -45.18
CA PHE E 89 -10.31 4.97 -44.05
C PHE E 89 -11.21 5.06 -42.81
N LEU E 90 -11.47 3.92 -42.20
CA LEU E 90 -12.14 3.84 -40.90
C LEU E 90 -11.06 3.74 -39.83
N ALA E 91 -10.81 4.84 -39.14
CA ALA E 91 -9.77 4.88 -38.12
C ALA E 91 -10.37 5.23 -36.75
N VAL E 92 -11.40 4.50 -36.36
CA VAL E 92 -12.07 4.72 -35.09
C VAL E 92 -11.85 3.48 -34.22
N LYS E 93 -12.28 3.59 -32.97
CA LYS E 93 -12.18 2.45 -32.06
C LYS E 93 -13.15 1.35 -32.51
N PRO E 94 -12.79 0.09 -32.30
CA PRO E 94 -13.57 -1.01 -32.91
C PRO E 94 -15.04 -1.05 -32.51
N HIS E 95 -15.40 -0.59 -31.32
CA HIS E 95 -16.81 -0.64 -30.93
C HIS E 95 -17.64 0.40 -31.65
N ILE E 96 -17.03 1.52 -32.07
CA ILE E 96 -17.76 2.53 -32.84
C ILE E 96 -17.88 2.16 -34.31
N ILE E 97 -17.21 1.10 -34.77
CA ILE E 97 -17.32 0.71 -36.17
C ILE E 97 -18.76 0.37 -36.56
N PRO E 98 -19.48 -0.53 -35.85
CA PRO E 98 -20.85 -0.84 -36.30
C PRO E 98 -21.78 0.36 -36.31
N PHE E 99 -21.62 1.29 -35.36
CA PHE E 99 -22.45 2.50 -35.37
C PHE E 99 -22.12 3.38 -36.57
N ILE E 100 -20.83 3.49 -36.92
CA ILE E 100 -20.45 4.29 -38.07
C ILE E 100 -20.98 3.68 -39.36
N LEU E 101 -20.96 2.34 -39.44
CA LEU E 101 -21.47 1.67 -40.63
C LEU E 101 -22.97 1.87 -40.76
N ASP E 102 -23.70 1.87 -39.63
CA ASP E 102 -25.13 2.12 -39.64
C ASP E 102 -25.48 3.59 -39.85
N GLU E 103 -24.51 4.50 -39.74
CA GLU E 103 -24.75 5.90 -40.03
C GLU E 103 -24.39 6.29 -41.46
N ILE E 104 -23.36 5.68 -42.03
CA ILE E 104 -22.86 6.04 -43.36
C ILE E 104 -23.21 5.01 -44.43
N GLY E 105 -23.80 3.88 -44.06
CA GLY E 105 -23.97 2.80 -45.01
C GLY E 105 -24.76 3.20 -46.25
N ALA E 106 -25.81 4.01 -46.09
CA ALA E 106 -26.63 4.42 -47.22
C ALA E 106 -25.88 5.33 -48.19
N ASP E 107 -24.72 5.87 -47.78
CA ASP E 107 -23.95 6.81 -48.58
C ASP E 107 -22.79 6.16 -49.33
N ILE E 108 -22.49 4.89 -49.06
CA ILE E 108 -21.44 4.18 -49.80
C ILE E 108 -21.91 3.95 -51.22
N GLU E 109 -20.99 4.04 -52.18
CA GLU E 109 -21.34 3.92 -53.59
C GLU E 109 -20.39 2.95 -54.27
N ASP E 110 -20.61 2.73 -55.56
CA ASP E 110 -19.79 1.79 -56.32
C ASP E 110 -18.32 2.20 -56.31
N ARG E 111 -18.04 3.50 -56.32
CA ARG E 111 -16.67 3.98 -56.41
C ARG E 111 -15.87 3.75 -55.14
N HIS E 112 -16.55 3.50 -54.01
CA HIS E 112 -15.89 3.53 -52.71
C HIS E 112 -15.10 2.26 -52.43
N ILE E 113 -13.88 2.43 -51.94
CA ILE E 113 -13.13 1.38 -51.26
C ILE E 113 -13.14 1.74 -49.80
N VAL E 114 -13.67 0.84 -48.97
CA VAL E 114 -13.73 1.05 -47.52
C VAL E 114 -12.57 0.31 -46.88
N VAL E 115 -11.66 1.05 -46.26
CA VAL E 115 -10.46 0.49 -45.65
C VAL E 115 -10.61 0.60 -44.14
N SER E 116 -10.79 -0.52 -43.46
CA SER E 116 -10.94 -0.52 -42.02
C SER E 116 -9.60 -0.78 -41.34
N CYS E 117 -9.20 0.13 -40.45
CA CYS E 117 -8.05 -0.05 -39.58
C CYS E 117 -8.46 -0.38 -38.15
N ALA E 118 -9.74 -0.61 -37.92
CA ALA E 118 -10.20 -0.96 -36.58
C ALA E 118 -9.62 -2.31 -36.19
N ALA E 119 -9.04 -2.37 -35.00
CA ALA E 119 -8.35 -3.57 -34.56
C ALA E 119 -9.36 -4.69 -34.34
N GLY E 120 -9.04 -5.88 -34.86
CA GLY E 120 -9.85 -7.07 -34.66
C GLY E 120 -11.09 -7.17 -35.53
N VAL E 121 -11.62 -6.04 -36.02
CA VAL E 121 -12.90 -6.03 -36.74
C VAL E 121 -12.75 -6.71 -38.09
N THR E 122 -13.56 -7.73 -38.33
CA THR E 122 -13.38 -8.60 -39.49
C THR E 122 -14.04 -8.01 -40.74
N ILE E 123 -13.53 -8.44 -41.89
CA ILE E 123 -14.15 -8.05 -43.16
C ILE E 123 -15.59 -8.54 -43.20
N SER E 124 -15.84 -9.73 -42.68
CA SER E 124 -17.19 -10.29 -42.69
C SER E 124 -18.17 -9.38 -41.97
N SER E 125 -17.77 -8.82 -40.82
CA SER E 125 -18.69 -7.97 -40.06
C SER E 125 -18.93 -6.65 -40.80
N ILE E 126 -17.92 -6.12 -41.47
CA ILE E 126 -18.10 -4.88 -42.23
C ILE E 126 -18.96 -5.13 -43.46
N GLU E 127 -18.69 -6.23 -44.18
CA GLU E 127 -19.45 -6.51 -45.39
C GLU E 127 -20.89 -6.83 -45.07
N LYS E 128 -21.14 -7.44 -43.90
CA LYS E 128 -22.50 -7.78 -43.52
C LYS E 128 -23.33 -6.53 -43.28
N LYS E 129 -22.78 -5.58 -42.52
CA LYS E 129 -23.52 -4.36 -42.19
C LYS E 129 -23.74 -3.49 -43.43
N LEU E 130 -22.72 -3.39 -44.29
CA LEU E 130 -22.82 -2.54 -45.49
C LEU E 130 -23.69 -3.15 -46.58
N SER E 131 -23.73 -4.49 -46.69
CA SER E 131 -24.53 -5.12 -47.72
C SER E 131 -26.02 -4.94 -47.50
N ALA E 132 -26.43 -4.55 -46.29
CA ALA E 132 -27.83 -4.21 -46.08
C ALA E 132 -28.24 -2.98 -46.87
N PHE E 133 -27.28 -2.20 -47.34
CA PHE E 133 -27.55 -0.96 -48.08
C PHE E 133 -27.34 -1.12 -49.59
N ARG E 134 -26.12 -1.45 -50.03
CA ARG E 134 -25.83 -1.75 -51.41
C ARG E 134 -24.97 -3.01 -51.46
N PRO E 135 -25.16 -3.86 -52.48
CA PRO E 135 -24.91 -5.29 -52.30
C PRO E 135 -23.47 -5.77 -52.34
N ALA E 136 -22.56 -5.07 -53.02
CA ALA E 136 -21.19 -5.54 -53.17
C ALA E 136 -20.18 -4.50 -52.68
N PRO E 137 -20.16 -4.21 -51.38
CA PRO E 137 -19.19 -3.22 -50.87
C PRO E 137 -17.76 -3.72 -51.06
N ARG E 138 -16.90 -2.81 -51.49
CA ARG E 138 -15.48 -3.10 -51.66
C ARG E 138 -14.77 -2.78 -50.35
N VAL E 139 -14.32 -3.82 -49.64
CA VAL E 139 -13.78 -3.68 -48.29
C VAL E 139 -12.36 -4.22 -48.26
N ILE E 140 -11.48 -3.50 -47.58
CA ILE E 140 -10.13 -3.96 -47.31
C ILE E 140 -9.86 -3.74 -45.84
N ARG E 141 -9.23 -4.71 -45.20
CA ARG E 141 -8.87 -4.59 -43.80
C ARG E 141 -7.37 -4.33 -43.69
N CYS E 142 -7.00 -3.36 -42.87
CA CYS E 142 -5.63 -2.88 -42.74
C CYS E 142 -5.17 -3.03 -41.29
N MET E 143 -3.88 -3.37 -41.09
CA MET E 143 -3.24 -3.25 -39.79
C MET E 143 -1.95 -2.48 -40.03
N THR E 144 -1.89 -1.25 -39.50
CA THR E 144 -0.71 -0.42 -39.70
C THR E 144 -0.24 0.06 -38.34
N ASN E 145 0.76 0.95 -38.28
CA ASN E 145 1.23 1.39 -36.97
C ASN E 145 1.65 2.85 -37.07
N THR E 146 1.97 3.44 -35.93
CA THR E 146 2.14 4.89 -35.90
C THR E 146 3.37 5.38 -36.66
N PRO E 147 4.45 4.58 -36.83
CA PRO E 147 5.61 5.10 -37.59
C PRO E 147 5.35 5.42 -39.05
N VAL E 148 4.14 5.19 -39.57
CA VAL E 148 3.83 5.75 -40.88
C VAL E 148 4.01 7.26 -40.88
N VAL E 149 3.95 7.88 -39.69
CA VAL E 149 4.13 9.32 -39.60
C VAL E 149 5.53 9.75 -40.01
N VAL E 150 6.53 8.89 -39.91
CA VAL E 150 7.86 9.16 -40.44
C VAL E 150 8.18 8.26 -41.63
N ARG E 151 7.12 7.73 -42.28
CA ARG E 151 7.22 6.93 -43.49
C ARG E 151 8.05 5.66 -43.27
N GLU E 152 7.99 5.10 -42.05
CA GLU E 152 8.62 3.82 -41.76
C GLU E 152 7.63 2.90 -41.07
N GLY E 153 6.39 2.95 -41.52
CA GLY E 153 5.39 2.07 -40.97
C GLY E 153 5.56 0.64 -41.42
N ALA E 154 4.81 -0.23 -40.75
CA ALA E 154 4.70 -1.63 -41.13
C ALA E 154 3.22 -1.91 -41.29
N THR E 155 2.80 -2.24 -42.51
CA THR E 155 1.38 -2.37 -42.83
C THR E 155 1.14 -3.70 -43.54
N VAL E 156 0.08 -4.42 -43.12
CA VAL E 156 -0.46 -5.53 -43.90
C VAL E 156 -1.92 -5.22 -44.16
N TYR E 157 -2.46 -5.83 -45.23
CA TYR E 157 -3.86 -5.66 -45.59
C TYR E 157 -4.41 -6.98 -46.11
N ALA E 158 -5.73 -7.15 -45.96
CA ALA E 158 -6.44 -8.29 -46.55
C ALA E 158 -7.62 -7.75 -47.36
N THR E 159 -7.86 -8.34 -48.53
CA THR E 159 -8.90 -7.87 -49.42
C THR E 159 -10.21 -8.62 -49.16
N GLY E 160 -11.31 -7.90 -49.32
CA GLY E 160 -12.62 -8.46 -49.07
C GLY E 160 -13.17 -9.19 -50.28
N THR E 161 -14.42 -9.67 -50.12
CA THR E 161 -15.06 -10.50 -51.12
C THR E 161 -15.21 -9.79 -52.45
N HIS E 162 -15.56 -8.51 -52.42
CA HIS E 162 -15.89 -7.75 -53.60
C HIS E 162 -14.80 -6.75 -53.98
N ALA E 163 -13.70 -6.73 -53.25
CA ALA E 163 -12.54 -5.96 -53.65
C ALA E 163 -12.05 -6.44 -55.01
N GLN E 164 -11.86 -5.50 -55.94
CA GLN E 164 -11.27 -5.84 -57.22
C GLN E 164 -9.76 -6.01 -57.07
N VAL E 165 -9.12 -6.59 -58.09
CA VAL E 165 -7.67 -6.76 -58.07
C VAL E 165 -6.99 -5.40 -58.04
N GLU E 166 -7.49 -4.45 -58.81
CA GLU E 166 -6.94 -3.10 -58.79
C GLU E 166 -7.06 -2.47 -57.41
N ASP E 167 -8.06 -2.87 -56.62
CA ASP E 167 -8.21 -2.32 -55.28
C ASP E 167 -7.02 -2.71 -54.41
N GLY E 168 -6.64 -3.99 -54.44
CA GLY E 168 -5.48 -4.41 -53.66
C GLY E 168 -4.20 -3.71 -54.08
N ARG E 169 -3.99 -3.55 -55.39
CA ARG E 169 -2.76 -2.92 -55.87
C ARG E 169 -2.74 -1.43 -55.54
N LEU E 170 -3.89 -0.76 -55.66
CA LEU E 170 -3.99 0.64 -55.25
C LEU E 170 -3.63 0.80 -53.79
N MET E 171 -4.15 -0.09 -52.94
CA MET E 171 -3.90 -0.02 -51.50
CA MET E 171 -3.88 0.05 -51.51
C MET E 171 -2.43 -0.25 -51.18
N GLU E 172 -1.82 -1.24 -51.85
CA GLU E 172 -0.42 -1.52 -51.59
C GLU E 172 0.46 -0.36 -52.08
N GLN E 173 0.09 0.27 -53.20
CA GLN E 173 0.85 1.42 -53.68
C GLN E 173 0.76 2.59 -52.70
N LEU E 174 -0.44 2.88 -52.21
CA LEU E 174 -0.62 3.97 -51.26
C LEU E 174 0.14 3.70 -49.95
N LEU E 175 0.00 2.50 -49.40
CA LEU E 175 0.62 2.25 -48.10
C LEU E 175 2.11 1.96 -48.19
N SER E 176 2.60 1.48 -49.35
CA SER E 176 4.04 1.37 -49.53
C SER E 176 4.73 2.72 -49.48
N SER E 177 4.00 3.80 -49.72
CA SER E 177 4.66 5.11 -49.68
C SER E 177 5.04 5.52 -48.27
N VAL E 178 4.49 4.88 -47.24
CA VAL E 178 4.74 5.26 -45.85
C VAL E 178 5.36 4.12 -45.05
N GLY E 179 5.88 3.09 -45.70
CA GLY E 179 6.59 2.04 -45.02
C GLY E 179 6.45 0.71 -45.74
N PHE E 180 6.73 -0.36 -45.02
CA PHE E 180 6.58 -1.70 -45.58
C PHE E 180 5.10 -2.03 -45.69
N CYS E 181 4.73 -2.67 -46.80
CA CYS E 181 3.34 -3.09 -47.01
C CYS E 181 3.29 -4.39 -47.78
N THR E 182 2.43 -5.31 -47.34
CA THR E 182 2.25 -6.56 -48.06
C THR E 182 0.86 -7.10 -47.78
N GLU E 183 0.34 -7.86 -48.74
CA GLU E 183 -0.95 -8.52 -48.56
C GLU E 183 -0.78 -9.78 -47.71
N VAL E 184 -1.76 -10.03 -46.84
CA VAL E 184 -1.83 -11.28 -46.08
C VAL E 184 -3.26 -11.79 -46.12
N GLU E 185 -3.41 -13.07 -45.77
CA GLU E 185 -4.72 -13.63 -45.45
C GLU E 185 -5.23 -12.98 -44.17
N GLU E 186 -6.55 -12.78 -44.11
CA GLU E 186 -7.12 -12.06 -42.95
C GLU E 186 -6.83 -12.79 -41.64
N ASP E 187 -6.66 -14.11 -41.67
CA ASP E 187 -6.46 -14.81 -40.41
C ASP E 187 -5.06 -14.61 -39.82
N LEU E 188 -4.16 -13.86 -40.47
CA LEU E 188 -2.87 -13.49 -39.88
C LEU E 188 -2.89 -12.12 -39.22
N ILE E 189 -3.95 -11.34 -39.40
CA ILE E 189 -3.91 -9.92 -39.02
C ILE E 189 -3.83 -9.76 -37.51
N ASP E 190 -4.50 -10.64 -36.75
CA ASP E 190 -4.42 -10.54 -35.30
C ASP E 190 -2.98 -10.78 -34.82
N ALA E 191 -2.25 -11.70 -35.44
CA ALA E 191 -0.86 -11.94 -35.06
C ALA E 191 0.04 -10.77 -35.48
N VAL E 192 -0.22 -10.18 -36.65
CA VAL E 192 0.52 -8.98 -37.06
C VAL E 192 0.28 -7.85 -36.05
N THR E 193 -0.97 -7.71 -35.56
CA THR E 193 -1.25 -6.71 -34.54
C THR E 193 -0.32 -6.89 -33.34
N GLY E 194 -0.13 -8.13 -32.91
CA GLY E 194 0.69 -8.38 -31.74
C GLY E 194 2.15 -8.06 -31.96
N LEU E 195 2.61 -8.11 -33.21
CA LEU E 195 4.01 -7.96 -33.56
C LEU E 195 4.29 -6.52 -34.02
N SER E 196 3.81 -6.11 -35.20
CA SER E 196 4.13 -4.76 -35.65
C SER E 196 3.10 -3.70 -35.26
N GLY E 197 1.86 -4.10 -34.95
CA GLY E 197 0.90 -3.09 -34.50
C GLY E 197 1.27 -2.54 -33.13
N SER E 198 1.52 -3.44 -32.17
CA SER E 198 1.93 -3.06 -30.81
C SER E 198 3.43 -2.84 -30.70
N GLY E 199 4.21 -3.32 -31.67
CA GLY E 199 5.66 -3.30 -31.56
C GLY E 199 6.29 -1.96 -31.24
N PRO E 200 5.83 -0.86 -31.85
CA PRO E 200 6.44 0.42 -31.50
C PRO E 200 6.36 0.73 -30.01
N ALA E 201 5.27 0.33 -29.34
CA ALA E 201 5.16 0.55 -27.90
C ALA E 201 6.19 -0.27 -27.13
N TYR E 202 6.47 -1.51 -27.58
CA TYR E 202 7.54 -2.28 -26.96
C TYR E 202 8.86 -1.55 -27.10
N ALA E 203 9.11 -0.98 -28.28
CA ALA E 203 10.37 -0.27 -28.50
C ALA E 203 10.45 1.02 -27.69
N PHE E 204 9.34 1.77 -27.59
CA PHE E 204 9.35 2.97 -26.76
C PHE E 204 9.66 2.63 -25.30
N THR E 205 9.09 1.52 -24.80
CA THR E 205 9.38 1.07 -23.44
C THR E 205 10.85 0.72 -23.29
N ALA E 206 11.37 -0.05 -24.25
CA ALA E 206 12.78 -0.45 -24.24
C ALA E 206 13.68 0.78 -24.27
N LEU E 207 13.32 1.79 -25.07
CA LEU E 207 14.18 2.97 -25.20
C LEU E 207 14.18 3.81 -23.93
N ASP E 208 13.03 3.92 -23.26
CA ASP E 208 12.99 4.59 -21.95
C ASP E 208 13.92 3.88 -20.95
N ALA E 209 13.84 2.55 -20.91
CA ALA E 209 14.64 1.75 -19.97
C ALA E 209 16.12 1.82 -20.30
N LEU E 210 16.48 1.68 -21.58
CA LEU E 210 17.88 1.80 -21.99
C LEU E 210 18.44 3.16 -21.61
N ALA E 211 17.64 4.21 -21.78
CA ALA E 211 18.09 5.54 -21.39
C ALA E 211 18.29 5.62 -19.87
N ASP E 212 17.35 5.05 -19.09
CA ASP E 212 17.55 4.97 -17.64
C ASP E 212 18.86 4.26 -17.31
N GLY E 213 19.17 3.18 -18.03
CA GLY E 213 20.43 2.49 -17.82
C GLY E 213 21.62 3.38 -18.13
N GLY E 214 21.56 4.12 -19.24
CA GLY E 214 22.64 5.06 -19.55
C GLY E 214 22.84 6.12 -18.46
N VAL E 215 21.73 6.68 -17.96
CA VAL E 215 21.78 7.67 -16.90
C VAL E 215 22.37 7.07 -15.63
N LYS E 216 21.97 5.83 -15.28
CA LYS E 216 22.55 5.20 -14.09
C LYS E 216 24.06 5.11 -14.19
N MET E 217 24.57 4.84 -15.39
CA MET E 217 26.01 4.73 -15.60
C MET E 217 26.69 6.07 -15.88
N GLY E 218 25.95 7.18 -15.81
CA GLY E 218 26.54 8.51 -15.79
C GLY E 218 26.33 9.40 -17.01
N LEU E 219 25.51 8.96 -18.00
CA LEU E 219 25.26 9.77 -19.18
C LEU E 219 24.14 10.77 -18.92
N PRO E 220 24.23 11.97 -19.48
CA PRO E 220 23.07 12.86 -19.45
C PRO E 220 21.89 12.21 -20.17
N ARG E 221 20.69 12.50 -19.68
CA ARG E 221 19.47 11.88 -20.21
CA ARG E 221 19.49 11.85 -20.21
C ARG E 221 19.35 12.08 -21.72
N ARG E 222 19.54 13.33 -22.17
CA ARG E 222 19.33 13.64 -23.58
C ARG E 222 20.26 12.83 -24.49
N LEU E 223 21.53 12.71 -24.09
CA LEU E 223 22.46 11.87 -24.84
C LEU E 223 22.07 10.39 -24.77
N ALA E 224 21.66 9.91 -23.60
CA ALA E 224 21.28 8.51 -23.48
C ALA E 224 20.10 8.16 -24.37
N VAL E 225 19.09 9.04 -24.43
CA VAL E 225 17.94 8.78 -25.31
C VAL E 225 18.40 8.71 -26.76
N ARG E 226 19.24 9.66 -27.17
CA ARG E 226 19.69 9.75 -28.56
C ARG E 226 20.49 8.52 -28.95
N LEU E 227 21.45 8.11 -28.10
CA LEU E 227 22.27 6.94 -28.39
C LEU E 227 21.45 5.67 -28.43
N GLY E 228 20.51 5.51 -27.49
CA GLY E 228 19.72 4.29 -27.45
C GLY E 228 18.84 4.15 -28.67
N ALA E 229 18.17 5.26 -29.06
CA ALA E 229 17.33 5.28 -30.26
C ALA E 229 18.16 5.01 -31.51
N GLN E 230 19.34 5.62 -31.61
CA GLN E 230 20.17 5.40 -32.77
C GLN E 230 20.63 3.95 -32.85
N ALA E 231 20.98 3.34 -31.70
CA ALA E 231 21.40 1.95 -31.69
C ALA E 231 20.30 1.05 -32.20
N LEU E 232 19.08 1.28 -31.73
CA LEU E 232 17.96 0.44 -32.16
C LEU E 232 17.65 0.66 -33.64
N LEU E 233 17.69 1.91 -34.11
CA LEU E 233 17.46 2.17 -35.52
C LEU E 233 18.50 1.47 -36.37
N GLY E 234 19.79 1.64 -36.02
CA GLY E 234 20.84 1.04 -36.82
C GLY E 234 20.77 -0.48 -36.84
N ALA E 235 20.49 -1.10 -35.69
CA ALA E 235 20.39 -2.56 -35.62
C ALA E 235 19.25 -3.06 -36.52
N ALA E 236 18.10 -2.39 -36.44
CA ALA E 236 16.96 -2.79 -37.27
C ALA E 236 17.29 -2.68 -38.75
N LYS E 237 17.94 -1.58 -39.14
CA LYS E 237 18.28 -1.41 -40.54
C LYS E 237 19.29 -2.47 -41.00
N MET E 238 20.26 -2.80 -40.15
CA MET E 238 21.21 -3.85 -40.47
C MET E 238 20.50 -5.16 -40.77
N LEU E 239 19.54 -5.52 -39.94
CA LEU E 239 18.83 -6.78 -40.14
C LEU E 239 18.01 -6.74 -41.43
N LEU E 240 17.35 -5.59 -41.70
CA LEU E 240 16.57 -5.44 -42.92
C LEU E 240 17.44 -5.49 -44.17
N HIS E 241 18.70 -5.06 -44.07
CA HIS E 241 19.60 -5.07 -45.22
C HIS E 241 20.42 -6.34 -45.31
N SER E 242 20.38 -7.21 -44.30
CA SER E 242 21.13 -8.44 -44.30
C SER E 242 20.25 -9.62 -44.67
N GLU E 243 20.85 -10.62 -45.30
CA GLU E 243 20.18 -11.91 -45.39
C GLU E 243 20.42 -12.76 -44.14
N GLN E 244 21.30 -12.33 -43.25
CA GLN E 244 21.73 -13.18 -42.15
C GLN E 244 20.71 -13.22 -41.02
N HIS E 245 20.74 -14.33 -40.30
CA HIS E 245 19.89 -14.53 -39.14
C HIS E 245 20.22 -13.51 -38.05
N PRO E 246 19.23 -13.05 -37.27
CA PRO E 246 19.55 -12.12 -36.17
C PRO E 246 20.50 -12.69 -35.14
N GLY E 247 20.52 -14.02 -34.97
CA GLY E 247 21.52 -14.63 -34.10
C GLY E 247 22.93 -14.54 -34.67
N GLN E 248 23.06 -14.65 -35.99
CA GLN E 248 24.37 -14.48 -36.61
C GLN E 248 24.88 -13.06 -36.45
N LEU E 249 23.99 -12.07 -36.60
CA LEU E 249 24.42 -10.69 -36.38
C LEU E 249 24.80 -10.46 -34.92
N LYS E 250 24.03 -11.06 -34.01
CA LYS E 250 24.39 -11.03 -32.60
C LYS E 250 25.77 -11.63 -32.37
N ASP E 251 26.04 -12.79 -32.98
CA ASP E 251 27.36 -13.42 -32.89
C ASP E 251 28.45 -12.52 -33.42
N ASN E 252 28.24 -11.93 -34.61
CA ASN E 252 29.23 -11.06 -35.21
C ASN E 252 29.64 -9.93 -34.28
N VAL E 253 28.72 -9.46 -33.43
CA VAL E 253 28.91 -8.27 -32.61
C VAL E 253 29.52 -8.56 -31.24
N SER E 254 29.50 -9.80 -30.78
CA SER E 254 29.90 -10.13 -29.41
C SER E 254 31.31 -10.74 -29.41
N SER E 255 32.31 -9.92 -29.11
CA SER E 255 33.68 -10.43 -29.03
C SER E 255 33.88 -11.27 -27.76
N PRO E 256 34.74 -12.30 -27.82
CA PRO E 256 34.86 -13.23 -26.70
C PRO E 256 35.31 -12.53 -25.43
N GLY E 257 34.65 -12.86 -24.32
CA GLY E 257 34.90 -12.30 -23.02
C GLY E 257 34.47 -10.85 -22.85
N GLY E 258 33.86 -10.25 -23.86
CA GLY E 258 33.69 -8.81 -23.91
C GLY E 258 32.47 -8.26 -23.19
N ALA E 259 32.27 -6.95 -23.36
CA ALA E 259 31.22 -6.25 -22.65
C ALA E 259 29.84 -6.69 -23.14
N THR E 260 29.70 -6.87 -24.44
CA THR E 260 28.38 -7.20 -24.99
C THR E 260 27.91 -8.58 -24.55
N ILE E 261 28.78 -9.60 -24.64
CA ILE E 261 28.36 -10.95 -24.24
C ILE E 261 28.01 -10.99 -22.75
N HIS E 262 28.70 -10.18 -21.93
CA HIS E 262 28.32 -10.08 -20.53
C HIS E 262 26.93 -9.48 -20.37
N ALA E 263 26.59 -8.47 -21.17
CA ALA E 263 25.25 -7.89 -21.06
C ALA E 263 24.20 -8.84 -21.60
N LEU E 264 24.53 -9.59 -22.66
CA LEU E 264 23.56 -10.55 -23.18
C LEU E 264 23.22 -11.61 -22.14
N HIS E 265 24.20 -12.01 -21.31
CA HIS E 265 23.91 -12.99 -20.26
C HIS E 265 22.85 -12.48 -19.30
N VAL E 266 22.97 -11.24 -18.85
CA VAL E 266 21.98 -10.78 -17.87
C VAL E 266 20.60 -10.62 -18.52
N LEU E 267 20.54 -10.31 -19.81
CA LEU E 267 19.23 -10.35 -20.49
C LEU E 267 18.65 -11.76 -20.47
N GLU E 268 19.47 -12.76 -20.83
CA GLU E 268 19.01 -14.14 -20.84
C GLU E 268 18.59 -14.59 -19.44
N SER E 269 19.33 -14.15 -18.41
CA SER E 269 19.00 -14.58 -17.05
C SER E 269 17.62 -14.09 -16.61
N GLY E 270 17.15 -12.98 -17.15
CA GLY E 270 15.81 -12.54 -16.84
C GLY E 270 14.75 -13.01 -17.80
N GLY E 271 15.09 -13.87 -18.76
CA GLY E 271 14.05 -14.36 -19.68
C GLY E 271 13.57 -13.31 -20.65
N PHE E 272 14.47 -12.39 -21.04
CA PHE E 272 14.17 -11.28 -21.94
C PHE E 272 13.42 -11.75 -23.17
N ARG E 273 13.92 -12.81 -23.83
CA ARG E 273 13.26 -13.32 -25.03
C ARG E 273 11.83 -13.72 -24.74
N SER E 274 11.61 -14.40 -23.61
CA SER E 274 10.26 -14.89 -23.33
C SER E 274 9.30 -13.74 -23.07
N LEU E 275 9.79 -12.61 -22.57
CA LEU E 275 8.89 -11.48 -22.29
C LEU E 275 8.34 -10.93 -23.59
N LEU E 276 9.20 -10.79 -24.60
CA LEU E 276 8.76 -10.33 -25.91
C LEU E 276 7.81 -11.35 -26.57
N ILE E 277 8.07 -12.65 -26.45
CA ILE E 277 7.10 -13.64 -26.95
C ILE E 277 5.77 -13.47 -26.21
N ASN E 278 5.83 -13.35 -24.87
CA ASN E 278 4.62 -13.11 -24.08
C ASN E 278 3.84 -11.89 -24.58
N ALA E 279 4.55 -10.84 -24.98
CA ALA E 279 3.90 -9.60 -25.40
C ALA E 279 3.18 -9.78 -26.73
N VAL E 280 3.86 -10.35 -27.73
CA VAL E 280 3.20 -10.61 -29.03
C VAL E 280 1.96 -11.44 -28.82
N GLU E 281 2.07 -12.50 -28.00
CA GLU E 281 0.96 -13.37 -27.72
C GLU E 281 -0.18 -12.63 -27.02
N ALA E 282 0.15 -11.80 -26.02
CA ALA E 282 -0.91 -11.11 -25.27
C ALA E 282 -1.67 -10.14 -26.16
N SER E 283 -0.97 -9.41 -27.02
CA SER E 283 -1.63 -8.46 -27.92
C SER E 283 -2.48 -9.19 -28.96
N CYS E 284 -1.94 -10.26 -29.55
CA CYS E 284 -2.72 -11.08 -30.49
C CYS E 284 -3.98 -11.66 -29.83
N ILE E 285 -3.82 -12.22 -28.62
CA ILE E 285 -4.96 -12.81 -27.95
C ILE E 285 -6.01 -11.75 -27.59
N ARG E 286 -5.57 -10.58 -27.13
CA ARG E 286 -6.53 -9.52 -26.83
C ARG E 286 -7.27 -9.09 -28.09
N THR E 287 -6.55 -9.04 -29.22
CA THR E 287 -7.20 -8.66 -30.46
C THR E 287 -8.29 -9.66 -30.83
N ARG E 288 -8.00 -10.96 -30.69
CA ARG E 288 -9.03 -11.98 -30.93
C ARG E 288 -10.23 -11.82 -30.01
N GLU E 289 -10.00 -11.48 -28.73
CA GLU E 289 -11.10 -11.24 -27.80
C GLU E 289 -11.96 -10.06 -28.21
N LEU E 290 -11.32 -8.92 -28.51
CA LEU E 290 -12.06 -7.75 -28.97
C LEU E 290 -12.93 -8.10 -30.16
N GLN E 291 -12.43 -8.94 -31.06
CA GLN E 291 -13.22 -9.38 -32.20
C GLN E 291 -14.41 -10.22 -31.75
N SER E 292 -14.19 -11.20 -30.87
CA SER E 292 -15.31 -12.02 -30.41
C SER E 292 -16.34 -11.18 -29.67
N MET E 293 -15.88 -10.22 -28.84
CA MET E 293 -16.81 -9.32 -28.15
C MET E 293 -17.68 -8.55 -29.14
N ALA E 294 -17.11 -8.19 -30.29
CA ALA E 294 -17.88 -7.46 -31.30
C ALA E 294 -19.08 -8.28 -31.78
N ASP E 295 -18.85 -9.53 -32.14
CA ASP E 295 -19.89 -10.37 -32.73
C ASP E 295 -20.87 -10.88 -31.68
#